data_3VY7
# 
_entry.id   3VY7 
# 
_audit_conform.dict_name       mmcif_pdbx.dic 
_audit_conform.dict_version    5.381 
_audit_conform.dict_location   http://mmcif.pdb.org/dictionaries/ascii/mmcif_pdbx.dic 
# 
loop_
_database_2.database_id 
_database_2.database_code 
_database_2.pdbx_database_accession 
_database_2.pdbx_DOI 
PDB   3VY7         pdb_00003vy7 10.2210/pdb3vy7/pdb 
RCSB  RCSB095648   ?            ?                   
WWPDB D_1000095648 ?            ?                   
# 
_pdbx_database_related.db_name        PDB 
_pdbx_database_related.db_id          3VY6 
_pdbx_database_related.details        . 
_pdbx_database_related.content_type   unspecified 
# 
_pdbx_database_status.status_code                     REL 
_pdbx_database_status.entry_id                        3VY7 
_pdbx_database_status.recvd_initial_deposition_date   2012-09-21 
_pdbx_database_status.deposit_site                    PDBJ 
_pdbx_database_status.process_site                    PDBJ 
_pdbx_database_status.methods_development_category    ? 
_pdbx_database_status.status_code_sf                  REL 
_pdbx_database_status.status_code_mr                  ? 
_pdbx_database_status.SG_entry                        ? 
_pdbx_database_status.status_code_cs                  ? 
_pdbx_database_status.pdb_format_compatible           Y 
_pdbx_database_status.status_code_nmr_data            ? 
# 
loop_
_audit_author.name 
_audit_author.pdbx_ordinal 
'Kanagawa, M.'  1 
'Yamaguchi, Y.' 2 
# 
_citation.id                        primary 
_citation.title                     'Structural Basis for Multiple Sugar Recognition of Jacalin-related Human ZG16p Lectin' 
_citation.journal_abbrev            J.Biol.Chem. 
_citation.journal_volume            289 
_citation.page_first                16954 
_citation.page_last                 16965 
_citation.year                      2014 
_citation.journal_id_ASTM           JBCHA3 
_citation.country                   US 
_citation.journal_id_ISSN           0021-9258 
_citation.journal_id_CSD            0071 
_citation.book_publisher            ? 
_citation.pdbx_database_id_PubMed   24790092 
_citation.pdbx_database_id_DOI      10.1074/jbc.M113.539114 
# 
loop_
_citation_author.citation_id 
_citation_author.name 
_citation_author.ordinal 
_citation_author.identifier_ORCID 
primary 'Kanagawa, M.'      1 ? 
primary 'Liu, Y.'           2 ? 
primary 'Hanashima, S.'     3 ? 
primary 'Ikeda, A.'         4 ? 
primary 'Chai, W.'          5 ? 
primary 'Nakano, Y.'        6 ? 
primary 'Kojima-Aikawa, K.' 7 ? 
primary 'Feizi, T.'         8 ? 
primary 'Yamaguchi, Y.'     9 ? 
# 
_cell.entry_id           3VY7 
_cell.length_a           58.8 
_cell.length_b           73.0 
_cell.length_c           30.3 
_cell.angle_alpha        90.0 
_cell.angle_beta         90.0 
_cell.angle_gamma        90.0 
_cell.Z_PDB              4 
_cell.pdbx_unique_axis   ? 
_cell.length_a_esd       ? 
_cell.length_b_esd       ? 
_cell.length_c_esd       ? 
_cell.angle_alpha_esd    ? 
_cell.angle_beta_esd     ? 
_cell.angle_gamma_esd    ? 
# 
_symmetry.entry_id                         3VY7 
_symmetry.space_group_name_H-M             'P 21 21 2' 
_symmetry.pdbx_full_space_group_name_H-M   ? 
_symmetry.cell_setting                     ? 
_symmetry.Int_Tables_number                18 
_symmetry.space_group_name_Hall            ? 
# 
loop_
_entity.id 
_entity.type 
_entity.src_method 
_entity.pdbx_description 
_entity.formula_weight 
_entity.pdbx_number_of_molecules 
_entity.pdbx_ec 
_entity.pdbx_mutation 
_entity.pdbx_fragment 
_entity.details 
1 polymer     man 'Zymogen granule membrane protein 16' 15501.401 1   ? ? 'UNP residues 21-159' ? 
2 non-polymer syn SERINE                                105.093   1   ? ? ?                     ? 
3 non-polymer man alpha-D-mannopyranose                 180.156   1   ? ? ?                     ? 
4 non-polymer syn 'CHLORIDE ION'                        35.453    2   ? ? ?                     ? 
5 water       nat water                                 18.015    114 ? ? ?                     ? 
# 
_entity_name_com.entity_id   1 
_entity_name_com.name        'Zymogen granule protein 16, hZG16, Secretory lectin ZG16' 
# 
_entity_poly.entity_id                      1 
_entity_poly.type                           'polypeptide(L)' 
_entity_poly.nstd_linkage                   no 
_entity_poly.nstd_monomer                   no 
_entity_poly.pdbx_seq_one_letter_code       
;GSARSSSYSGEYGSGGGKRFSHSGNQLDGPITALRVRVNTYYIVGLQVRYGKVWSDYVGGRNGDLEEIFLHPGESVIQVS
GKYKWYLKKLVFVTDKGRYLSFGKDSGTSFNAVPLHPNTVLRFISGRSGSLIDAIGLHWDV
;
_entity_poly.pdbx_seq_one_letter_code_can   
;GSARSSSYSGEYGSGGGKRFSHSGNQLDGPITALRVRVNTYYIVGLQVRYGKVWSDYVGGRNGDLEEIFLHPGESVIQVS
GKYKWYLKKLVFVTDKGRYLSFGKDSGTSFNAVPLHPNTVLRFISGRSGSLIDAIGLHWDV
;
_entity_poly.pdbx_strand_id                 A 
_entity_poly.pdbx_target_identifier         ? 
# 
loop_
_entity_poly_seq.entity_id 
_entity_poly_seq.num 
_entity_poly_seq.mon_id 
_entity_poly_seq.hetero 
1 1   GLY n 
1 2   SER n 
1 3   ALA n 
1 4   ARG n 
1 5   SER n 
1 6   SER n 
1 7   SER n 
1 8   TYR n 
1 9   SER n 
1 10  GLY n 
1 11  GLU n 
1 12  TYR n 
1 13  GLY n 
1 14  SER n 
1 15  GLY n 
1 16  GLY n 
1 17  GLY n 
1 18  LYS n 
1 19  ARG n 
1 20  PHE n 
1 21  SER n 
1 22  HIS n 
1 23  SER n 
1 24  GLY n 
1 25  ASN n 
1 26  GLN n 
1 27  LEU n 
1 28  ASP n 
1 29  GLY n 
1 30  PRO n 
1 31  ILE n 
1 32  THR n 
1 33  ALA n 
1 34  LEU n 
1 35  ARG n 
1 36  VAL n 
1 37  ARG n 
1 38  VAL n 
1 39  ASN n 
1 40  THR n 
1 41  TYR n 
1 42  TYR n 
1 43  ILE n 
1 44  VAL n 
1 45  GLY n 
1 46  LEU n 
1 47  GLN n 
1 48  VAL n 
1 49  ARG n 
1 50  TYR n 
1 51  GLY n 
1 52  LYS n 
1 53  VAL n 
1 54  TRP n 
1 55  SER n 
1 56  ASP n 
1 57  TYR n 
1 58  VAL n 
1 59  GLY n 
1 60  GLY n 
1 61  ARG n 
1 62  ASN n 
1 63  GLY n 
1 64  ASP n 
1 65  LEU n 
1 66  GLU n 
1 67  GLU n 
1 68  ILE n 
1 69  PHE n 
1 70  LEU n 
1 71  HIS n 
1 72  PRO n 
1 73  GLY n 
1 74  GLU n 
1 75  SER n 
1 76  VAL n 
1 77  ILE n 
1 78  GLN n 
1 79  VAL n 
1 80  SER n 
1 81  GLY n 
1 82  LYS n 
1 83  TYR n 
1 84  LYS n 
1 85  TRP n 
1 86  TYR n 
1 87  LEU n 
1 88  LYS n 
1 89  LYS n 
1 90  LEU n 
1 91  VAL n 
1 92  PHE n 
1 93  VAL n 
1 94  THR n 
1 95  ASP n 
1 96  LYS n 
1 97  GLY n 
1 98  ARG n 
1 99  TYR n 
1 100 LEU n 
1 101 SER n 
1 102 PHE n 
1 103 GLY n 
1 104 LYS n 
1 105 ASP n 
1 106 SER n 
1 107 GLY n 
1 108 THR n 
1 109 SER n 
1 110 PHE n 
1 111 ASN n 
1 112 ALA n 
1 113 VAL n 
1 114 PRO n 
1 115 LEU n 
1 116 HIS n 
1 117 PRO n 
1 118 ASN n 
1 119 THR n 
1 120 VAL n 
1 121 LEU n 
1 122 ARG n 
1 123 PHE n 
1 124 ILE n 
1 125 SER n 
1 126 GLY n 
1 127 ARG n 
1 128 SER n 
1 129 GLY n 
1 130 SER n 
1 131 LEU n 
1 132 ILE n 
1 133 ASP n 
1 134 ALA n 
1 135 ILE n 
1 136 GLY n 
1 137 LEU n 
1 138 HIS n 
1 139 TRP n 
1 140 ASP n 
1 141 VAL n 
# 
_entity_src_gen.entity_id                          1 
_entity_src_gen.pdbx_src_id                        1 
_entity_src_gen.pdbx_alt_source_flag               sample 
_entity_src_gen.pdbx_seq_type                      ? 
_entity_src_gen.pdbx_beg_seq_num                   ? 
_entity_src_gen.pdbx_end_seq_num                   ? 
_entity_src_gen.gene_src_common_name               human 
_entity_src_gen.gene_src_genus                     ? 
_entity_src_gen.pdbx_gene_src_gene                 ZG16 
_entity_src_gen.gene_src_species                   ? 
_entity_src_gen.gene_src_strain                    ? 
_entity_src_gen.gene_src_tissue                    ? 
_entity_src_gen.gene_src_tissue_fraction           ? 
_entity_src_gen.gene_src_details                   ? 
_entity_src_gen.pdbx_gene_src_fragment             ? 
_entity_src_gen.pdbx_gene_src_scientific_name      'Homo sapiens' 
_entity_src_gen.pdbx_gene_src_ncbi_taxonomy_id     9606 
_entity_src_gen.pdbx_gene_src_variant              ? 
_entity_src_gen.pdbx_gene_src_cell_line            ? 
_entity_src_gen.pdbx_gene_src_atcc                 ? 
_entity_src_gen.pdbx_gene_src_organ                ? 
_entity_src_gen.pdbx_gene_src_organelle            ? 
_entity_src_gen.pdbx_gene_src_cell                 ? 
_entity_src_gen.pdbx_gene_src_cellular_location    ? 
_entity_src_gen.host_org_common_name               ? 
_entity_src_gen.pdbx_host_org_scientific_name      'Escherichia coli' 
_entity_src_gen.pdbx_host_org_ncbi_taxonomy_id     562 
_entity_src_gen.host_org_genus                     ? 
_entity_src_gen.pdbx_host_org_gene                 ? 
_entity_src_gen.pdbx_host_org_organ                ? 
_entity_src_gen.host_org_species                   ? 
_entity_src_gen.pdbx_host_org_tissue               ? 
_entity_src_gen.pdbx_host_org_tissue_fraction      ? 
_entity_src_gen.pdbx_host_org_strain               'BL21(DE3)' 
_entity_src_gen.pdbx_host_org_variant              ? 
_entity_src_gen.pdbx_host_org_cell_line            ? 
_entity_src_gen.pdbx_host_org_atcc                 ? 
_entity_src_gen.pdbx_host_org_culture_collection   ? 
_entity_src_gen.pdbx_host_org_cell                 ? 
_entity_src_gen.pdbx_host_org_organelle            ? 
_entity_src_gen.pdbx_host_org_cellular_location    ? 
_entity_src_gen.pdbx_host_org_vector_type          plasmid 
_entity_src_gen.pdbx_host_org_vector               ? 
_entity_src_gen.host_org_details                   ? 
_entity_src_gen.expression_system_id               ? 
_entity_src_gen.plasmid_name                       pCold-I 
_entity_src_gen.plasmid_details                    ? 
_entity_src_gen.pdbx_description                   ? 
# 
_struct_ref.id                         1 
_struct_ref.db_name                    UNP 
_struct_ref.db_code                    ZG16_HUMAN 
_struct_ref.pdbx_db_accession          O60844 
_struct_ref.entity_id                  1 
_struct_ref.pdbx_seq_one_letter_code   
;ARSSSYSGEYGSGGGKRFSHSGNQLDGPITALRVRVNTYYIVGLQVRYGKVWSDYVGGRNGDLEEIFLHPGESVIQVSGK
YKWYLKKLVFVTDKGRYLSFGKDSGTSFNAVPLHPNTVLRFISGRSGSLIDAIGLHWDV
;
_struct_ref.pdbx_align_begin           21 
_struct_ref.pdbx_db_isoform            ? 
# 
_struct_ref_seq.align_id                      1 
_struct_ref_seq.ref_id                        1 
_struct_ref_seq.pdbx_PDB_id_code              3VY7 
_struct_ref_seq.pdbx_strand_id                A 
_struct_ref_seq.seq_align_beg                 3 
_struct_ref_seq.pdbx_seq_align_beg_ins_code   ? 
_struct_ref_seq.seq_align_end                 141 
_struct_ref_seq.pdbx_seq_align_end_ins_code   ? 
_struct_ref_seq.pdbx_db_accession             O60844 
_struct_ref_seq.db_align_beg                  21 
_struct_ref_seq.pdbx_db_align_beg_ins_code    ? 
_struct_ref_seq.db_align_end                  159 
_struct_ref_seq.pdbx_db_align_end_ins_code    ? 
_struct_ref_seq.pdbx_auth_seq_align_beg       21 
_struct_ref_seq.pdbx_auth_seq_align_end       159 
# 
loop_
_struct_ref_seq_dif.align_id 
_struct_ref_seq_dif.pdbx_pdb_id_code 
_struct_ref_seq_dif.mon_id 
_struct_ref_seq_dif.pdbx_pdb_strand_id 
_struct_ref_seq_dif.seq_num 
_struct_ref_seq_dif.pdbx_pdb_ins_code 
_struct_ref_seq_dif.pdbx_seq_db_name 
_struct_ref_seq_dif.pdbx_seq_db_accession_code 
_struct_ref_seq_dif.db_mon_id 
_struct_ref_seq_dif.pdbx_seq_db_seq_num 
_struct_ref_seq_dif.details 
_struct_ref_seq_dif.pdbx_auth_seq_num 
_struct_ref_seq_dif.pdbx_ordinal 
1 3VY7 GLY A 1 ? UNP O60844 ? ? 'expression tag' 19 1 
1 3VY7 SER A 2 ? UNP O60844 ? ? 'expression tag' 20 2 
# 
loop_
_chem_comp.id 
_chem_comp.type 
_chem_comp.mon_nstd_flag 
_chem_comp.name 
_chem_comp.pdbx_synonyms 
_chem_comp.formula 
_chem_comp.formula_weight 
ALA 'L-peptide linking'           y ALANINE               ?                                     'C3 H7 N O2'     89.093  
ARG 'L-peptide linking'           y ARGININE              ?                                     'C6 H15 N4 O2 1' 175.209 
ASN 'L-peptide linking'           y ASPARAGINE            ?                                     'C4 H8 N2 O3'    132.118 
ASP 'L-peptide linking'           y 'ASPARTIC ACID'       ?                                     'C4 H7 N O4'     133.103 
CL  non-polymer                   . 'CHLORIDE ION'        ?                                     'Cl -1'          35.453  
GLN 'L-peptide linking'           y GLUTAMINE             ?                                     'C5 H10 N2 O3'   146.144 
GLU 'L-peptide linking'           y 'GLUTAMIC ACID'       ?                                     'C5 H9 N O4'     147.129 
GLY 'peptide linking'             y GLYCINE               ?                                     'C2 H5 N O2'     75.067  
HIS 'L-peptide linking'           y HISTIDINE             ?                                     'C6 H10 N3 O2 1' 156.162 
HOH non-polymer                   . WATER                 ?                                     'H2 O'           18.015  
ILE 'L-peptide linking'           y ISOLEUCINE            ?                                     'C6 H13 N O2'    131.173 
LEU 'L-peptide linking'           y LEUCINE               ?                                     'C6 H13 N O2'    131.173 
LYS 'L-peptide linking'           y LYSINE                ?                                     'C6 H15 N2 O2 1' 147.195 
MAN 'D-saccharide, alpha linking' . alpha-D-mannopyranose 'alpha-D-mannose; D-mannose; mannose' 'C6 H12 O6'      180.156 
PHE 'L-peptide linking'           y PHENYLALANINE         ?                                     'C9 H11 N O2'    165.189 
PRO 'L-peptide linking'           y PROLINE               ?                                     'C5 H9 N O2'     115.130 
SER 'L-peptide linking'           y SERINE                ?                                     'C3 H7 N O3'     105.093 
THR 'L-peptide linking'           y THREONINE             ?                                     'C4 H9 N O3'     119.119 
TRP 'L-peptide linking'           y TRYPTOPHAN            ?                                     'C11 H12 N2 O2'  204.225 
TYR 'L-peptide linking'           y TYROSINE              ?                                     'C9 H11 N O3'    181.189 
VAL 'L-peptide linking'           y VALINE                ?                                     'C5 H11 N O2'    117.146 
# 
_exptl.entry_id          3VY7 
_exptl.method            'X-RAY DIFFRACTION' 
_exptl.crystals_number   1 
# 
_exptl_crystal.id                    1 
_exptl_crystal.density_meas          ? 
_exptl_crystal.density_Matthews      2.10 
_exptl_crystal.density_percent_sol   41.36 
_exptl_crystal.description           ? 
_exptl_crystal.F_000                 ? 
_exptl_crystal.preparation           ? 
# 
_exptl_crystal_grow.crystal_id      1 
_exptl_crystal_grow.method          'VAPOR DIFFUSION, SITTING DROP' 
_exptl_crystal_grow.temp            293 
_exptl_crystal_grow.temp_details    ? 
_exptl_crystal_grow.pH              6.5 
_exptl_crystal_grow.pdbx_details    
;0.09M MES (pH 6.5), 0.09M sodium phosphate, 0.09M potassium phosphate, 1.8M sodium chloride , VAPOR DIFFUSION, SITTING DROP, temperature 293K
;
_exptl_crystal_grow.pdbx_pH_range   . 
# 
_diffrn.id                     1 
_diffrn.ambient_temp           100 
_diffrn.ambient_temp_details   ? 
_diffrn.crystal_id             1 
# 
_diffrn_detector.diffrn_id              1 
_diffrn_detector.detector               CCD 
_diffrn_detector.type                   'ADSC QUANTUM 210' 
_diffrn_detector.pdbx_collection_date   2011-02-18 
_diffrn_detector.details                ? 
# 
_diffrn_radiation.diffrn_id                        1 
_diffrn_radiation.wavelength_id                    1 
_diffrn_radiation.pdbx_monochromatic_or_laue_m_l   M 
_diffrn_radiation.monochromator                    'Si(111)' 
_diffrn_radiation.pdbx_diffrn_protocol             'SINGLE WAVELENGTH' 
_diffrn_radiation.pdbx_scattering_type             x-ray 
# 
_diffrn_radiation_wavelength.id           1 
_diffrn_radiation_wavelength.wavelength   1.00000 
_diffrn_radiation_wavelength.wt           1.0 
# 
_diffrn_source.diffrn_id                   1 
_diffrn_source.source                      SYNCHROTRON 
_diffrn_source.type                        'PHOTON FACTORY BEAMLINE BL-5A' 
_diffrn_source.pdbx_synchrotron_site       'Photon Factory' 
_diffrn_source.pdbx_synchrotron_beamline   BL-5A 
_diffrn_source.pdbx_wavelength             ? 
_diffrn_source.pdbx_wavelength_list        1.00000 
# 
_reflns.entry_id                     3VY7 
_reflns.observed_criterion_sigma_I   ? 
_reflns.observed_criterion_sigma_F   ? 
_reflns.d_resolution_low             50.0 
_reflns.d_resolution_high            2.10 
_reflns.number_obs                   8123 
_reflns.number_all                   ? 
_reflns.percent_possible_obs         99.9 
_reflns.pdbx_Rmerge_I_obs            0.134 
_reflns.pdbx_Rsym_value              ? 
_reflns.pdbx_netI_over_sigmaI        14.5 
_reflns.B_iso_Wilson_estimate        ? 
_reflns.pdbx_redundancy              6.9 
_reflns.R_free_details               ? 
_reflns.limit_h_max                  ? 
_reflns.limit_h_min                  ? 
_reflns.limit_k_max                  ? 
_reflns.limit_k_min                  ? 
_reflns.limit_l_max                  ? 
_reflns.limit_l_min                  ? 
_reflns.observed_criterion_F_max     ? 
_reflns.observed_criterion_F_min     ? 
_reflns.pdbx_chi_squared             ? 
_reflns.pdbx_scaling_rejects         ? 
_reflns.pdbx_ordinal                 1 
_reflns.pdbx_diffrn_id               1 
# 
_reflns_shell.d_res_high                  2.10 
_reflns_shell.d_res_low                   2.14 
_reflns_shell.percent_possible_all        100.0 
_reflns_shell.Rmerge_I_obs                0.509 
_reflns_shell.pdbx_Rsym_value             ? 
_reflns_shell.meanI_over_sigI_obs         3.6 
_reflns_shell.pdbx_redundancy             6.9 
_reflns_shell.percent_possible_obs        ? 
_reflns_shell.number_unique_all           ? 
_reflns_shell.number_measured_all         ? 
_reflns_shell.number_measured_obs         ? 
_reflns_shell.number_unique_obs           ? 
_reflns_shell.pdbx_chi_squared            ? 
_reflns_shell.pdbx_rejects                ? 
_reflns_shell.pdbx_netI_over_sigmaI_obs   ? 
_reflns_shell.number_possible             ? 
_reflns_shell.Rmerge_F_all                ? 
_reflns_shell.Rmerge_F_obs                ? 
_reflns_shell.Rmerge_I_all                ? 
_reflns_shell.meanI_over_sigI_all         ? 
_reflns_shell.pdbx_Rrim_I_all             ? 
_reflns_shell.pdbx_Rpim_I_all             ? 
_reflns_shell.pdbx_ordinal                1 
_reflns_shell.pdbx_diffrn_id              1 
# 
_refine.entry_id                                 3VY7 
_refine.ls_number_reflns_obs                     7269 
_refine.ls_number_reflns_all                     ? 
_refine.pdbx_ls_sigma_I                          ? 
_refine.pdbx_ls_sigma_F                          ? 
_refine.pdbx_data_cutoff_high_absF               ? 
_refine.pdbx_data_cutoff_low_absF                ? 
_refine.pdbx_data_cutoff_high_rms_absF           ? 
_refine.ls_d_res_low                             45.79 
_refine.ls_d_res_high                            2.14 
_refine.ls_percent_reflns_obs                    99.65 
_refine.ls_R_factor_obs                          0.18838 
_refine.ls_R_factor_all                          ? 
_refine.ls_R_factor_R_work                       0.18612 
_refine.ls_R_factor_R_free                       0.23477 
_refine.ls_R_factor_R_free_error                 ? 
_refine.ls_R_factor_R_free_error_details         ? 
_refine.ls_percent_reflns_R_free                 4.6 
_refine.ls_number_reflns_R_free                  352 
_refine.ls_number_parameters                     ? 
_refine.ls_number_restraints                     ? 
_refine.occupancy_min                            ? 
_refine.occupancy_max                            ? 
_refine.correlation_coeff_Fo_to_Fc               0.950 
_refine.correlation_coeff_Fo_to_Fc_free          0.925 
_refine.B_iso_mean                               20.355 
_refine.aniso_B[1][1]                            -1.21 
_refine.aniso_B[2][2]                            -0.65 
_refine.aniso_B[3][3]                            1.87 
_refine.aniso_B[1][2]                            0.00 
_refine.aniso_B[1][3]                            0.00 
_refine.aniso_B[2][3]                            0.00 
_refine.solvent_model_details                    MASK 
_refine.solvent_model_param_ksol                 ? 
_refine.solvent_model_param_bsol                 ? 
_refine.pdbx_solvent_vdw_probe_radii             1.40 
_refine.pdbx_solvent_ion_probe_radii             0.80 
_refine.pdbx_solvent_shrinkage_radii             0.80 
_refine.pdbx_ls_cross_valid_method               THROUGHOUT 
_refine.details                                  'HYDROGENS HAVE BEEN ADDED IN THE RIDING POSITIONS' 
_refine.pdbx_starting_model                      3apa 
_refine.pdbx_method_to_determine_struct          'MOLECULAR REPLACEMENT' 
_refine.pdbx_isotropic_thermal_model             ? 
_refine.pdbx_stereochemistry_target_values       'MAXIMUM LIKELIHOOD' 
_refine.pdbx_stereochem_target_val_spec_case     ? 
_refine.pdbx_R_Free_selection_details            RANDOM 
_refine.pdbx_overall_ESU_R                       0.289 
_refine.pdbx_overall_ESU_R_Free                  0.209 
_refine.overall_SU_ML                            0.137 
_refine.pdbx_overall_phase_error                 ? 
_refine.overall_SU_B                             5.188 
_refine.overall_SU_R_Cruickshank_DPI             ? 
_refine.ls_redundancy_reflns_obs                 ? 
_refine.B_iso_min                                ? 
_refine.B_iso_max                                ? 
_refine.overall_SU_R_free                        ? 
_refine.ls_wR_factor_R_free                      ? 
_refine.ls_wR_factor_R_work                      ? 
_refine.overall_FOM_free_R_set                   ? 
_refine.overall_FOM_work_R_set                   ? 
_refine.pdbx_diffrn_id                           1 
_refine.pdbx_refine_id                           'X-RAY DIFFRACTION' 
_refine.pdbx_TLS_residual_ADP_flag               ? 
_refine.pdbx_overall_SU_R_free_Cruickshank_DPI   ? 
_refine.pdbx_overall_SU_R_Blow_DPI               ? 
_refine.pdbx_overall_SU_R_free_Blow_DPI          ? 
# 
_refine_hist.pdbx_refine_id                   'X-RAY DIFFRACTION' 
_refine_hist.cycle_id                         LAST 
_refine_hist.pdbx_number_atoms_protein        1084 
_refine_hist.pdbx_number_atoms_nucleic_acid   0 
_refine_hist.pdbx_number_atoms_ligand         20 
_refine_hist.number_atoms_solvent             114 
_refine_hist.number_atoms_total               1218 
_refine_hist.d_res_high                       2.14 
_refine_hist.d_res_low                        45.79 
# 
loop_
_refine_ls_restr.type 
_refine_ls_restr.dev_ideal 
_refine_ls_restr.dev_ideal_target 
_refine_ls_restr.weight 
_refine_ls_restr.number 
_refine_ls_restr.pdbx_restraint_function 
_refine_ls_restr.pdbx_refine_id 
r_bond_refined_d             0.008  0.021  ? 1130 ? 'X-RAY DIFFRACTION' 
r_bond_other_d               ?      ?      ? ?    ? 'X-RAY DIFFRACTION' 
r_angle_refined_deg          1.066  1.956  ? 1524 ? 'X-RAY DIFFRACTION' 
r_angle_other_deg            ?      ?      ? ?    ? 'X-RAY DIFFRACTION' 
r_dihedral_angle_1_deg       6.317  5.000  ? 137  ? 'X-RAY DIFFRACTION' 
r_dihedral_angle_2_deg       32.145 22.000 ? 50   ? 'X-RAY DIFFRACTION' 
r_dihedral_angle_3_deg       12.439 15.000 ? 180  ? 'X-RAY DIFFRACTION' 
r_dihedral_angle_4_deg       18.964 15.000 ? 9    ? 'X-RAY DIFFRACTION' 
r_chiral_restr               0.070  0.200  ? 160  ? 'X-RAY DIFFRACTION' 
r_gen_planes_refined         0.003  0.020  ? 861  ? 'X-RAY DIFFRACTION' 
r_gen_planes_other           ?      ?      ? ?    ? 'X-RAY DIFFRACTION' 
r_nbd_refined                0.189  0.200  ? 446  ? 'X-RAY DIFFRACTION' 
r_nbd_other                  ?      ?      ? ?    ? 'X-RAY DIFFRACTION' 
r_nbtor_refined              0.304  0.200  ? 752  ? 'X-RAY DIFFRACTION' 
r_nbtor_other                ?      ?      ? ?    ? 'X-RAY DIFFRACTION' 
r_xyhbond_nbd_refined        0.134  0.200  ? 85   ? 'X-RAY DIFFRACTION' 
r_xyhbond_nbd_other          ?      ?      ? ?    ? 'X-RAY DIFFRACTION' 
r_metal_ion_refined          ?      ?      ? ?    ? 'X-RAY DIFFRACTION' 
r_metal_ion_other            ?      ?      ? ?    ? 'X-RAY DIFFRACTION' 
r_symmetry_vdw_refined       0.139  0.200  ? 24   ? 'X-RAY DIFFRACTION' 
r_symmetry_vdw_other         ?      ?      ? ?    ? 'X-RAY DIFFRACTION' 
r_symmetry_hbond_refined     0.111  0.200  ? 23   ? 'X-RAY DIFFRACTION' 
r_symmetry_hbond_other       ?      ?      ? ?    ? 'X-RAY DIFFRACTION' 
r_symmetry_metal_ion_refined ?      ?      ? ?    ? 'X-RAY DIFFRACTION' 
r_symmetry_metal_ion_other   ?      ?      ? ?    ? 'X-RAY DIFFRACTION' 
r_mcbond_it                  0.500  1.500  ? 700  ? 'X-RAY DIFFRACTION' 
r_mcbond_other               ?      ?      ? ?    ? 'X-RAY DIFFRACTION' 
r_mcangle_it                 0.878  2.000  ? 1084 ? 'X-RAY DIFFRACTION' 
r_scbond_it                  1.171  3.000  ? 506  ? 'X-RAY DIFFRACTION' 
r_scangle_it                 1.728  4.500  ? 440  ? 'X-RAY DIFFRACTION' 
r_rigid_bond_restr           ?      ?      ? ?    ? 'X-RAY DIFFRACTION' 
r_sphericity_free            ?      ?      ? ?    ? 'X-RAY DIFFRACTION' 
r_sphericity_bonded          ?      ?      ? ?    ? 'X-RAY DIFFRACTION' 
# 
_refine_ls_shell.pdbx_refine_id                   'X-RAY DIFFRACTION' 
_refine_ls_shell.pdbx_total_number_of_bins_used   20 
_refine_ls_shell.d_res_high                       2.139 
_refine_ls_shell.d_res_low                        2.194 
_refine_ls_shell.number_reflns_R_work             505 
_refine_ls_shell.R_factor_R_work                  0.194 
_refine_ls_shell.percent_reflns_obs               96.89 
_refine_ls_shell.R_factor_R_free                  0.272 
_refine_ls_shell.R_factor_R_free_error            ? 
_refine_ls_shell.percent_reflns_R_free            ? 
_refine_ls_shell.number_reflns_R_free             25 
_refine_ls_shell.number_reflns_all                ? 
_refine_ls_shell.R_factor_all                     ? 
_refine_ls_shell.number_reflns_obs                ? 
_refine_ls_shell.redundancy_reflns_obs            ? 
# 
_struct.entry_id                  3VY7 
_struct.title                     
'Crystal structure of human pancreatic secretory protein ZG16p with O-(alpha-D-mannosyl)-L-serine' 
_struct.pdbx_model_details        ? 
_struct.pdbx_CASP_flag            ? 
_struct.pdbx_model_type_details   ? 
# 
_struct_keywords.entry_id        3VY7 
_struct_keywords.pdbx_keywords   'SUGAR BINDING PROTEIN' 
_struct_keywords.text            'beta-prism fold, SUGAR BINDING PROTEIN' 
# 
loop_
_struct_asym.id 
_struct_asym.pdbx_blank_PDB_chainid_flag 
_struct_asym.pdbx_modified 
_struct_asym.entity_id 
_struct_asym.details 
A N N 1 ? 
B N N 2 ? 
C N N 3 ? 
D N N 4 ? 
E N N 4 ? 
F N N 5 ? 
# 
_struct_biol.id        1 
_struct_biol.details   ? 
# 
_struct_conf.conf_type_id            HELX_P 
_struct_conf.id                      HELX_P1 
_struct_conf.pdbx_PDB_helix_id       1 
_struct_conf.beg_label_comp_id       SER 
_struct_conf.beg_label_asym_id       A 
_struct_conf.beg_label_seq_id        23 
_struct_conf.pdbx_beg_PDB_ins_code   ? 
_struct_conf.end_label_comp_id       GLY 
_struct_conf.end_label_asym_id       A 
_struct_conf.end_label_seq_id        29 
_struct_conf.pdbx_end_PDB_ins_code   ? 
_struct_conf.beg_auth_comp_id        SER 
_struct_conf.beg_auth_asym_id        A 
_struct_conf.beg_auth_seq_id         41 
_struct_conf.end_auth_comp_id        GLY 
_struct_conf.end_auth_asym_id        A 
_struct_conf.end_auth_seq_id         47 
_struct_conf.pdbx_PDB_helix_class    5 
_struct_conf.details                 ? 
_struct_conf.pdbx_PDB_helix_length   7 
# 
_struct_conf_type.id          HELX_P 
_struct_conf_type.criteria    ? 
_struct_conf_type.reference   ? 
# 
_struct_conn.id                            covale1 
_struct_conn.conn_type_id                  covale 
_struct_conn.pdbx_leaving_atom_flag        one 
_struct_conn.pdbx_PDB_id                   ? 
_struct_conn.ptnr1_label_asym_id           B 
_struct_conn.ptnr1_label_comp_id           SER 
_struct_conn.ptnr1_label_seq_id            . 
_struct_conn.ptnr1_label_atom_id           OG 
_struct_conn.pdbx_ptnr1_label_alt_id       ? 
_struct_conn.pdbx_ptnr1_PDB_ins_code       ? 
_struct_conn.pdbx_ptnr1_standard_comp_id   ? 
_struct_conn.ptnr1_symmetry                1_555 
_struct_conn.ptnr2_label_asym_id           C 
_struct_conn.ptnr2_label_comp_id           MAN 
_struct_conn.ptnr2_label_seq_id            . 
_struct_conn.ptnr2_label_atom_id           C1 
_struct_conn.pdbx_ptnr2_label_alt_id       ? 
_struct_conn.pdbx_ptnr2_PDB_ins_code       ? 
_struct_conn.ptnr1_auth_asym_id            A 
_struct_conn.ptnr1_auth_comp_id            SER 
_struct_conn.ptnr1_auth_seq_id             201 
_struct_conn.ptnr2_auth_asym_id            A 
_struct_conn.ptnr2_auth_comp_id            MAN 
_struct_conn.ptnr2_auth_seq_id             202 
_struct_conn.ptnr2_symmetry                1_555 
_struct_conn.pdbx_ptnr3_label_atom_id      ? 
_struct_conn.pdbx_ptnr3_label_seq_id       ? 
_struct_conn.pdbx_ptnr3_label_comp_id      ? 
_struct_conn.pdbx_ptnr3_label_asym_id      ? 
_struct_conn.pdbx_ptnr3_label_alt_id       ? 
_struct_conn.pdbx_ptnr3_PDB_ins_code       ? 
_struct_conn.details                       ? 
_struct_conn.pdbx_dist_value               1.442 
_struct_conn.pdbx_value_order              ? 
_struct_conn.pdbx_role                     O-Glycosylation 
# 
_struct_conn_type.id          covale 
_struct_conn_type.criteria    ? 
_struct_conn_type.reference   ? 
# 
_struct_mon_prot_cis.pdbx_id                1 
_struct_mon_prot_cis.label_comp_id          GLY 
_struct_mon_prot_cis.label_seq_id           10 
_struct_mon_prot_cis.label_asym_id          A 
_struct_mon_prot_cis.label_alt_id           . 
_struct_mon_prot_cis.pdbx_PDB_ins_code      ? 
_struct_mon_prot_cis.auth_comp_id           GLY 
_struct_mon_prot_cis.auth_seq_id            28 
_struct_mon_prot_cis.auth_asym_id           A 
_struct_mon_prot_cis.pdbx_label_comp_id_2   GLU 
_struct_mon_prot_cis.pdbx_label_seq_id_2    11 
_struct_mon_prot_cis.pdbx_label_asym_id_2   A 
_struct_mon_prot_cis.pdbx_PDB_ins_code_2    ? 
_struct_mon_prot_cis.pdbx_auth_comp_id_2    GLU 
_struct_mon_prot_cis.pdbx_auth_seq_id_2     29 
_struct_mon_prot_cis.pdbx_auth_asym_id_2    A 
_struct_mon_prot_cis.pdbx_PDB_model_num     1 
_struct_mon_prot_cis.pdbx_omega_angle       -2.90 
# 
loop_
_struct_sheet.id 
_struct_sheet.type 
_struct_sheet.number_strands 
_struct_sheet.details 
A ? 4 ? 
B ? 3 ? 
C ? 4 ? 
D ? 4 ? 
# 
loop_
_struct_sheet_order.sheet_id 
_struct_sheet_order.range_id_1 
_struct_sheet_order.range_id_2 
_struct_sheet_order.offset 
_struct_sheet_order.sense 
A 1 2 ? anti-parallel 
A 2 3 ? anti-parallel 
A 3 4 ? anti-parallel 
B 1 2 ? anti-parallel 
B 2 3 ? anti-parallel 
C 1 2 ? anti-parallel 
C 2 3 ? anti-parallel 
C 3 4 ? anti-parallel 
D 1 2 ? anti-parallel 
D 2 3 ? anti-parallel 
D 3 4 ? anti-parallel 
# 
loop_
_struct_sheet_range.sheet_id 
_struct_sheet_range.id 
_struct_sheet_range.beg_label_comp_id 
_struct_sheet_range.beg_label_asym_id 
_struct_sheet_range.beg_label_seq_id 
_struct_sheet_range.pdbx_beg_PDB_ins_code 
_struct_sheet_range.end_label_comp_id 
_struct_sheet_range.end_label_asym_id 
_struct_sheet_range.end_label_seq_id 
_struct_sheet_range.pdbx_end_PDB_ins_code 
_struct_sheet_range.beg_auth_comp_id 
_struct_sheet_range.beg_auth_asym_id 
_struct_sheet_range.beg_auth_seq_id 
_struct_sheet_range.end_auth_comp_id 
_struct_sheet_range.end_auth_asym_id 
_struct_sheet_range.end_auth_seq_id 
A 1 SER A 7   ? GLY A 13  ? SER A 25  GLY A 31  
A 2 ILE A 132 ? ASP A 140 ? ILE A 150 ASP A 158 
A 3 VAL A 120 ? SER A 128 ? VAL A 138 SER A 146 
A 4 LYS A 18  ? SER A 21  ? LYS A 36  SER A 39  
B 1 VAL A 53  ? TRP A 54  ? VAL A 71  TRP A 72  
B 2 ILE A 43  ? TYR A 50  ? ILE A 61  TYR A 68  
B 3 VAL A 58  ? GLY A 59  ? VAL A 76  GLY A 77  
C 1 VAL A 53  ? TRP A 54  ? VAL A 71  TRP A 72  
C 2 ILE A 43  ? TYR A 50  ? ILE A 61  TYR A 68  
C 3 ILE A 31  ? VAL A 38  ? ILE A 49  VAL A 56  
C 4 ASP A 64  ? PHE A 69  ? ASP A 82  PHE A 87  
D 1 TYR A 99  ? GLY A 103 ? TYR A 117 GLY A 121 
D 2 LEU A 87  ? THR A 94  ? LEU A 105 THR A 112 
D 3 VAL A 76  ? TYR A 83  ? VAL A 94  TYR A 101 
D 4 THR A 108 ? ALA A 112 ? THR A 126 ALA A 130 
# 
loop_
_pdbx_struct_sheet_hbond.sheet_id 
_pdbx_struct_sheet_hbond.range_id_1 
_pdbx_struct_sheet_hbond.range_id_2 
_pdbx_struct_sheet_hbond.range_1_label_atom_id 
_pdbx_struct_sheet_hbond.range_1_label_comp_id 
_pdbx_struct_sheet_hbond.range_1_label_asym_id 
_pdbx_struct_sheet_hbond.range_1_label_seq_id 
_pdbx_struct_sheet_hbond.range_1_PDB_ins_code 
_pdbx_struct_sheet_hbond.range_1_auth_atom_id 
_pdbx_struct_sheet_hbond.range_1_auth_comp_id 
_pdbx_struct_sheet_hbond.range_1_auth_asym_id 
_pdbx_struct_sheet_hbond.range_1_auth_seq_id 
_pdbx_struct_sheet_hbond.range_2_label_atom_id 
_pdbx_struct_sheet_hbond.range_2_label_comp_id 
_pdbx_struct_sheet_hbond.range_2_label_asym_id 
_pdbx_struct_sheet_hbond.range_2_label_seq_id 
_pdbx_struct_sheet_hbond.range_2_PDB_ins_code 
_pdbx_struct_sheet_hbond.range_2_auth_atom_id 
_pdbx_struct_sheet_hbond.range_2_auth_comp_id 
_pdbx_struct_sheet_hbond.range_2_auth_asym_id 
_pdbx_struct_sheet_hbond.range_2_auth_seq_id 
A 1 2 N TYR A 12  ? N TYR A 30  O ILE A 135 ? O ILE A 153 
A 2 3 O HIS A 138 ? O HIS A 156 N ARG A 122 ? N ARG A 140 
A 3 4 O SER A 128 ? O SER A 146 N LYS A 18  ? N LYS A 36  
B 1 2 O VAL A 53  ? O VAL A 71  N TYR A 50  ? N TYR A 68  
B 2 3 N LEU A 46  ? N LEU A 64  O VAL A 58  ? O VAL A 76  
C 1 2 O VAL A 53  ? O VAL A 71  N TYR A 50  ? N TYR A 68  
C 2 3 O ARG A 49  ? O ARG A 67  N THR A 32  ? N THR A 50  
C 3 4 N VAL A 36  ? N VAL A 54  O GLU A 66  ? O GLU A 84  
D 1 2 O LEU A 100 ? O LEU A 118 N PHE A 92  ? N PHE A 110 
D 2 3 O LYS A 88  ? O LYS A 106 N LYS A 82  ? N LYS A 100 
D 3 4 N VAL A 79  ? N VAL A 97  O ALA A 112 ? O ALA A 130 
# 
_atom_sites.entry_id                    3VY7 
_atom_sites.fract_transf_matrix[1][1]   0.00546501 
_atom_sites.fract_transf_matrix[1][2]   -0.00153191 
_atom_sites.fract_transf_matrix[1][3]   -0.01602775 
_atom_sites.fract_transf_matrix[2][1]   0.00714990 
_atom_sites.fract_transf_matrix[2][2]   -0.01113920 
_atom_sites.fract_transf_matrix[2][3]   0.00350258 
_atom_sites.fract_transf_matrix[3][1]   -0.02609645 
_atom_sites.fract_transf_matrix[3][2]   -0.01897803 
_atom_sites.fract_transf_matrix[3][3]   -0.00708426 
_atom_sites.fract_transf_vector[1]      0.220850 
_atom_sites.fract_transf_vector[2]      0.237504 
_atom_sites.fract_transf_vector[3]      0.068650 
# 
loop_
_atom_type.symbol 
C  
CL 
N  
O  
# 
loop_
_atom_site.group_PDB 
_atom_site.id 
_atom_site.type_symbol 
_atom_site.label_atom_id 
_atom_site.label_alt_id 
_atom_site.label_comp_id 
_atom_site.label_asym_id 
_atom_site.label_entity_id 
_atom_site.label_seq_id 
_atom_site.pdbx_PDB_ins_code 
_atom_site.Cartn_x 
_atom_site.Cartn_y 
_atom_site.Cartn_z 
_atom_site.occupancy 
_atom_site.B_iso_or_equiv 
_atom_site.pdbx_formal_charge 
_atom_site.auth_seq_id 
_atom_site.auth_comp_id 
_atom_site.auth_asym_id 
_atom_site.auth_atom_id 
_atom_site.pdbx_PDB_model_num 
ATOM   1    N  N   . ARG A 1 4   ? -6.530  -18.442 13.225  1.00 32.08 ? 22  ARG A N   1 
ATOM   2    C  CA  . ARG A 1 4   ? -5.855  -17.946 11.986  1.00 32.12 ? 22  ARG A CA  1 
ATOM   3    C  C   . ARG A 1 4   ? -4.899  -16.808 12.332  1.00 31.23 ? 22  ARG A C   1 
ATOM   4    O  O   . ARG A 1 4   ? -5.210  -15.977 13.184  1.00 31.44 ? 22  ARG A O   1 
ATOM   5    C  CB  . ARG A 1 4   ? -6.903  -17.448 10.988  1.00 32.44 ? 22  ARG A CB  1 
ATOM   6    C  CG  . ARG A 1 4   ? -6.555  -17.693 9.525   1.00 33.18 ? 22  ARG A CG  1 
ATOM   7    C  CD  . ARG A 1 4   ? -7.685  -17.252 8.582   1.00 33.37 ? 22  ARG A CD  1 
ATOM   8    N  NE  . ARG A 1 4   ? -8.939  -17.977 8.816   1.00 35.78 ? 22  ARG A NE  1 
ATOM   9    C  CZ  . ARG A 1 4   ? -10.079 -17.415 9.215   1.00 36.07 ? 22  ARG A CZ  1 
ATOM   10   N  NH1 . ARG A 1 4   ? -11.155 -18.167 9.396   1.00 36.17 ? 22  ARG A NH1 1 
ATOM   11   N  NH2 . ARG A 1 4   ? -10.154 -16.104 9.424   1.00 36.81 ? 22  ARG A NH2 1 
ATOM   12   N  N   . SER A 1 5   ? -3.739  -16.778 11.679  1.00 30.05 ? 23  SER A N   1 
ATOM   13   C  CA  . SER A 1 5   ? -2.768  -15.700 11.873  1.00 28.86 ? 23  SER A CA  1 
ATOM   14   C  C   . SER A 1 5   ? -2.959  -14.517 10.921  1.00 27.71 ? 23  SER A C   1 
ATOM   15   O  O   . SER A 1 5   ? -2.522  -13.403 11.215  1.00 27.70 ? 23  SER A O   1 
ATOM   16   C  CB  . SER A 1 5   ? -1.336  -16.231 11.777  1.00 28.94 ? 23  SER A CB  1 
ATOM   17   O  OG  . SER A 1 5   ? -0.837  -16.549 13.067  1.00 29.82 ? 23  SER A OG  1 
ATOM   18   N  N   . SER A 1 6   ? -3.607  -14.759 9.787   1.00 26.13 ? 24  SER A N   1 
ATOM   19   C  CA  . SER A 1 6   ? -3.840  -13.705 8.807   1.00 24.67 ? 24  SER A CA  1 
ATOM   20   C  C   . SER A 1 6   ? -4.945  -12.746 9.244   1.00 23.58 ? 24  SER A C   1 
ATOM   21   O  O   . SER A 1 6   ? -5.917  -13.140 9.892   1.00 23.26 ? 24  SER A O   1 
ATOM   22   C  CB  . SER A 1 6   ? -4.168  -14.300 7.437   1.00 24.62 ? 24  SER A CB  1 
ATOM   23   O  OG  . SER A 1 6   ? -5.363  -15.059 7.494   1.00 25.01 ? 24  SER A OG  1 
ATOM   24   N  N   . SER A 1 7   ? -4.780  -11.478 8.887   1.00 22.31 ? 25  SER A N   1 
ATOM   25   C  CA  . SER A 1 7   ? -5.818  -10.484 9.099   1.00 21.17 ? 25  SER A CA  1 
ATOM   26   C  C   . SER A 1 7   ? -5.800  -9.475  7.966   1.00 20.82 ? 25  SER A C   1 
ATOM   27   O  O   . SER A 1 7   ? -4.843  -9.414  7.184   1.00 20.60 ? 25  SER A O   1 
ATOM   28   C  CB  . SER A 1 7   ? -5.649  -9.777  10.446  1.00 20.98 ? 25  SER A CB  1 
ATOM   29   O  OG  . SER A 1 7   ? -4.439  -9.039  10.499  1.00 20.51 ? 25  SER A OG  1 
ATOM   30   N  N   . TYR A 1 8   ? -6.863  -8.680  7.898   1.00 20.10 ? 26  TYR A N   1 
ATOM   31   C  CA  . TYR A 1 8   ? -7.036  -7.710  6.839   1.00 20.02 ? 26  TYR A CA  1 
ATOM   32   C  C   . TYR A 1 8   ? -7.490  -6.371  7.418   1.00 19.81 ? 26  TYR A C   1 
ATOM   33   O  O   . TYR A 1 8   ? -8.355  -6.327  8.293   1.00 19.30 ? 26  TYR A O   1 
ATOM   34   C  CB  . TYR A 1 8   ? -8.047  -8.242  5.817   1.00 20.02 ? 26  TYR A CB  1 
ATOM   35   C  CG  . TYR A 1 8   ? -8.531  -7.219  4.818   1.00 20.24 ? 26  TYR A CG  1 
ATOM   36   C  CD1 . TYR A 1 8   ? -9.793  -6.650  4.943   1.00 20.34 ? 26  TYR A CD1 1 
ATOM   37   C  CD2 . TYR A 1 8   ? -7.729  -6.822  3.752   1.00 19.66 ? 26  TYR A CD2 1 
ATOM   38   C  CE1 . TYR A 1 8   ? -10.249 -5.706  4.029   1.00 21.20 ? 26  TYR A CE1 1 
ATOM   39   C  CE2 . TYR A 1 8   ? -8.170  -5.878  2.833   1.00 19.96 ? 26  TYR A CE2 1 
ATOM   40   C  CZ  . TYR A 1 8   ? -9.436  -5.327  2.981   1.00 20.67 ? 26  TYR A CZ  1 
ATOM   41   O  OH  . TYR A 1 8   ? -9.898  -4.402  2.085   1.00 20.31 ? 26  TYR A OH  1 
ATOM   42   N  N   . SER A 1 9   ? -6.884  -5.295  6.927   1.00 19.53 ? 27  SER A N   1 
ATOM   43   C  CA  . SER A 1 9   ? -7.271  -3.930  7.290   1.00 19.64 ? 27  SER A CA  1 
ATOM   44   C  C   . SER A 1 9   ? -7.792  -3.215  6.058   1.00 19.72 ? 27  SER A C   1 
ATOM   45   O  O   . SER A 1 9   ? -7.111  -3.178  5.034   1.00 19.34 ? 27  SER A O   1 
ATOM   46   C  CB  . SER A 1 9   ? -6.063  -3.163  7.842   1.00 19.73 ? 27  SER A CB  1 
ATOM   47   O  OG  . SER A 1 9   ? -5.606  -3.715  9.059   1.00 19.21 ? 27  SER A OG  1 
ATOM   48   N  N   . GLY A 1 10  ? -8.991  -2.645  6.155   1.00 20.30 ? 28  GLY A N   1 
ATOM   49   C  CA  . GLY A 1 10  ? -9.611  -1.946  5.029   1.00 20.76 ? 28  GLY A CA  1 
ATOM   50   C  C   . GLY A 1 10  ? -11.090 -2.275  4.895   1.00 21.54 ? 28  GLY A C   1 
ATOM   51   O  O   . GLY A 1 10  ? -11.689 -2.797  5.827   1.00 21.50 ? 28  GLY A O   1 
ATOM   52   N  N   . GLU A 1 11  ? -11.695 -1.977  3.745   1.00 22.01 ? 29  GLU A N   1 
ATOM   53   C  CA  . GLU A 1 11  ? -11.039 -1.302  2.639   1.00 22.20 ? 29  GLU A CA  1 
ATOM   54   C  C   . GLU A 1 11  ? -11.134 0.201   2.862   1.00 22.11 ? 29  GLU A C   1 
ATOM   55   O  O   . GLU A 1 11  ? -12.178 0.701   3.280   1.00 22.35 ? 29  GLU A O   1 
ATOM   56   C  CB  . GLU A 1 11  ? -11.701 -1.687  1.322   1.00 22.54 ? 29  GLU A CB  1 
ATOM   57   C  CG  . GLU A 1 11  ? -10.892 -1.332  0.085   1.00 24.19 ? 29  GLU A CG  1 
ATOM   58   C  CD  . GLU A 1 11  ? -11.421 -2.005  -1.172  1.00 27.22 ? 29  GLU A CD  1 
ATOM   59   O  OE1 . GLU A 1 11  ? -10.673 -2.801  -1.780  1.00 28.48 ? 29  GLU A OE1 1 
ATOM   60   O  OE2 . GLU A 1 11  ? -12.586 -1.746  -1.551  1.00 28.86 ? 29  GLU A OE2 1 
ATOM   61   N  N   . TYR A 1 12  ? -10.037 0.906   2.594   1.00 21.79 ? 30  TYR A N   1 
ATOM   62   C  CA  . TYR A 1 12  ? -9.941  2.333   2.857   1.00 21.68 ? 30  TYR A CA  1 
ATOM   63   C  C   . TYR A 1 12  ? -10.007 3.128   1.565   1.00 22.10 ? 30  TYR A C   1 
ATOM   64   O  O   . TYR A 1 12  ? -9.084  3.064   0.750   1.00 21.98 ? 30  TYR A O   1 
ATOM   65   C  CB  . TYR A 1 12  ? -8.631  2.659   3.571   1.00 21.34 ? 30  TYR A CB  1 
ATOM   66   C  CG  . TYR A 1 12  ? -8.400  1.933   4.877   1.00 21.33 ? 30  TYR A CG  1 
ATOM   67   C  CD1 . TYR A 1 12  ? -9.182  2.209   6.003   1.00 20.95 ? 30  TYR A CD1 1 
ATOM   68   C  CD2 . TYR A 1 12  ? -7.374  0.990   4.996   1.00 20.73 ? 30  TYR A CD2 1 
ATOM   69   C  CE1 . TYR A 1 12  ? -8.957  1.553   7.211   1.00 22.26 ? 30  TYR A CE1 1 
ATOM   70   C  CE2 . TYR A 1 12  ? -7.139  0.332   6.195   1.00 21.07 ? 30  TYR A CE2 1 
ATOM   71   C  CZ  . TYR A 1 12  ? -7.931  0.617   7.304   1.00 21.49 ? 30  TYR A CZ  1 
ATOM   72   O  OH  . TYR A 1 12  ? -7.700  -0.029  8.501   1.00 20.64 ? 30  TYR A OH  1 
ATOM   73   N  N   . GLY A 1 13  ? -11.087 3.891   1.396   1.00 22.49 ? 31  GLY A N   1 
ATOM   74   C  CA  . GLY A 1 13  ? -11.299 4.701   0.194   1.00 23.25 ? 31  GLY A CA  1 
ATOM   75   C  C   . GLY A 1 13  ? -12.725 4.582   -0.315  1.00 23.86 ? 31  GLY A C   1 
ATOM   76   O  O   . GLY A 1 13  ? -13.650 4.429   0.478   1.00 23.75 ? 31  GLY A O   1 
ATOM   77   N  N   . SER A 1 14  ? -12.905 4.642   -1.635  1.00 24.45 ? 32  SER A N   1 
ATOM   78   C  CA  . SER A 1 14  ? -14.243 4.582   -2.236  1.00 25.28 ? 32  SER A CA  1 
ATOM   79   C  C   . SER A 1 14  ? -14.495 3.379   -3.140  1.00 25.30 ? 32  SER A C   1 
ATOM   80   O  O   . SER A 1 14  ? -13.646 2.493   -3.278  1.00 25.54 ? 32  SER A O   1 
ATOM   81   C  CB  . SER A 1 14  ? -14.549 5.865   -3.007  1.00 25.33 ? 32  SER A CB  1 
ATOM   82   O  OG  . SER A 1 14  ? -14.819 6.930   -2.121  1.00 27.52 ? 32  SER A OG  1 
ATOM   83   N  N   . GLY A 1 15  ? -15.681 3.355   -3.745  1.00 25.41 ? 33  GLY A N   1 
ATOM   84   C  CA  . GLY A 1 15  ? -16.104 2.245   -4.596  1.00 25.20 ? 33  GLY A CA  1 
ATOM   85   C  C   . GLY A 1 15  ? -15.785 2.411   -6.071  1.00 25.08 ? 33  GLY A C   1 
ATOM   86   O  O   . GLY A 1 15  ? -16.202 1.589   -6.887  1.00 25.04 ? 33  GLY A O   1 
ATOM   87   N  N   . GLY A 1 16  ? -15.047 3.468   -6.413  1.00 25.04 ? 34  GLY A N   1 
ATOM   88   C  CA  . GLY A 1 16  ? -14.640 3.724   -7.799  1.00 25.02 ? 34  GLY A CA  1 
ATOM   89   C  C   . GLY A 1 16  ? -13.611 2.733   -8.318  1.00 25.30 ? 34  GLY A C   1 
ATOM   90   O  O   . GLY A 1 16  ? -13.056 1.940   -7.554  1.00 25.39 ? 34  GLY A O   1 
ATOM   91   N  N   . GLY A 1 17  ? -13.357 2.782   -9.624  1.00 25.39 ? 35  GLY A N   1 
ATOM   92   C  CA  . GLY A 1 17  ? -12.354 1.936   -10.259 1.00 25.38 ? 35  GLY A CA  1 
ATOM   93   C  C   . GLY A 1 17  ? -12.641 0.451   -10.185 1.00 25.64 ? 35  GLY A C   1 
ATOM   94   O  O   . GLY A 1 17  ? -13.787 0.033   -10.016 1.00 25.81 ? 35  GLY A O   1 
ATOM   95   N  N   . LYS A 1 18  ? -11.591 -0.354  -10.304 1.00 25.83 ? 36  LYS A N   1 
ATOM   96   C  CA  . LYS A 1 18  ? -11.746 -1.808  -10.332 1.00 25.98 ? 36  LYS A CA  1 
ATOM   97   C  C   . LYS A 1 18  ? -10.837 -2.489  -9.312  1.00 25.72 ? 36  LYS A C   1 
ATOM   98   O  O   . LYS A 1 18  ? -9.737  -2.010  -9.028  1.00 25.82 ? 36  LYS A O   1 
ATOM   99   C  CB  . LYS A 1 18  ? -11.458 -2.353  -11.736 1.00 26.55 ? 36  LYS A CB  1 
ATOM   100  C  CG  . LYS A 1 18  ? -12.442 -1.911  -12.824 1.00 27.55 ? 36  LYS A CG  1 
ATOM   101  C  CD  . LYS A 1 18  ? -13.696 -2.782  -12.863 1.00 29.27 ? 36  LYS A CD  1 
ATOM   102  C  CE  . LYS A 1 18  ? -14.670 -2.316  -13.948 1.00 29.92 ? 36  LYS A CE  1 
ATOM   103  N  NZ  . LYS A 1 18  ? -14.035 -2.278  -15.312 1.00 31.11 ? 36  LYS A NZ  1 
ATOM   104  N  N   . ARG A 1 19  ? -11.310 -3.616  -8.782  1.00 25.09 ? 37  ARG A N   1 
ATOM   105  C  CA  . ARG A 1 19  ? -10.570 -4.434  -7.826  1.00 24.76 ? 37  ARG A CA  1 
ATOM   106  C  C   . ARG A 1 19  ? -9.190  -4.808  -8.363  1.00 23.45 ? 37  ARG A C   1 
ATOM   107  O  O   . ARG A 1 19  ? -9.037  -5.115  -9.545  1.00 23.38 ? 37  ARG A O   1 
ATOM   108  C  CB  . ARG A 1 19  ? -11.370 -5.702  -7.498  1.00 24.71 ? 37  ARG A CB  1 
ATOM   109  C  CG  . ARG A 1 19  ? -10.655 -6.713  -6.598  1.00 26.33 ? 37  ARG A CG  1 
ATOM   110  C  CD  . ARG A 1 19  ? -11.266 -8.115  -6.689  1.00 26.80 ? 37  ARG A CD  1 
ATOM   111  N  NE  . ARG A 1 19  ? -10.696 -9.021  -5.684  1.00 30.19 ? 37  ARG A NE  1 
ATOM   112  C  CZ  . ARG A 1 19  ? -9.741  -9.920  -5.923  1.00 31.39 ? 37  ARG A CZ  1 
ATOM   113  N  NH1 . ARG A 1 19  ? -9.229  -10.057 -7.144  1.00 32.03 ? 37  ARG A NH1 1 
ATOM   114  N  NH2 . ARG A 1 19  ? -9.296  -10.691 -4.935  1.00 32.17 ? 37  ARG A NH2 1 
ATOM   115  N  N   . PHE A 1 20  ? -8.189  -4.729  -7.493  1.00 22.11 ? 38  PHE A N   1 
ATOM   116  C  CA  . PHE A 1 20  ? -6.892  -5.358  -7.732  1.00 20.99 ? 38  PHE A CA  1 
ATOM   117  C  C   . PHE A 1 20  ? -6.472  -6.066  -6.450  1.00 20.58 ? 38  PHE A C   1 
ATOM   118  O  O   . PHE A 1 20  ? -6.879  -5.677  -5.357  1.00 19.91 ? 38  PHE A O   1 
ATOM   119  C  CB  . PHE A 1 20  ? -5.828  -4.347  -8.208  1.00 20.52 ? 38  PHE A CB  1 
ATOM   120  C  CG  . PHE A 1 20  ? -5.282  -3.449  -7.115  1.00 20.06 ? 38  PHE A CG  1 
ATOM   121  C  CD1 . PHE A 1 20  ? -4.219  -3.868  -6.310  1.00 18.70 ? 38  PHE A CD1 1 
ATOM   122  C  CD2 . PHE A 1 20  ? -5.821  -2.181  -6.905  1.00 18.86 ? 38  PHE A CD2 1 
ATOM   123  C  CE1 . PHE A 1 20  ? -3.717  -3.042  -5.303  1.00 18.97 ? 38  PHE A CE1 1 
ATOM   124  C  CE2 . PHE A 1 20  ? -5.323  -1.345  -5.899  1.00 18.88 ? 38  PHE A CE2 1 
ATOM   125  C  CZ  . PHE A 1 20  ? -4.273  -1.778  -5.097  1.00 19.13 ? 38  PHE A CZ  1 
ATOM   126  N  N   . SER A 1 21  ? -5.678  -7.120  -6.594  1.00 20.78 ? 39  SER A N   1 
ATOM   127  C  CA  . SER A 1 21  ? -5.143  -7.846  -5.452  1.00 21.04 ? 39  SER A CA  1 
ATOM   128  C  C   . SER A 1 21  ? -3.767  -8.388  -5.783  1.00 21.20 ? 39  SER A C   1 
ATOM   129  O  O   . SER A 1 21  ? -3.563  -8.953  -6.858  1.00 21.24 ? 39  SER A O   1 
ATOM   130  C  CB  . SER A 1 21  ? -6.069  -8.995  -5.051  1.00 21.22 ? 39  SER A CB  1 
ATOM   131  O  OG  . SER A 1 21  ? -5.552  -9.692  -3.925  1.00 21.57 ? 39  SER A OG  1 
ATOM   132  N  N   . HIS A 1 22  ? -2.825  -8.198  -4.859  1.00 20.80 ? 40  HIS A N   1 
ATOM   133  C  CA  . HIS A 1 22  ? -1.494  -8.780  -4.981  1.00 20.77 ? 40  HIS A CA  1 
ATOM   134  C  C   . HIS A 1 22  ? -1.398  -10.103 -4.233  1.00 21.05 ? 40  HIS A C   1 
ATOM   135  O  O   . HIS A 1 22  ? -0.312  -10.508 -3.811  1.00 21.07 ? 40  HIS A O   1 
ATOM   136  C  CB  . HIS A 1 22  ? -0.427  -7.821  -4.442  1.00 20.32 ? 40  HIS A CB  1 
ATOM   137  C  CG  . HIS A 1 22  ? -0.292  -6.555  -5.225  1.00 19.51 ? 40  HIS A CG  1 
ATOM   138  N  ND1 . HIS A 1 22  ? 0.493   -5.505  -4.803  1.00 17.88 ? 40  HIS A ND1 1 
ATOM   139  C  CD2 . HIS A 1 22  ? -0.845  -6.165  -6.398  1.00 19.14 ? 40  HIS A CD2 1 
ATOM   140  C  CE1 . HIS A 1 22  ? 0.428   -4.528  -5.689  1.00 18.83 ? 40  HIS A CE1 1 
ATOM   141  N  NE2 . HIS A 1 22  ? -0.379  -4.901  -6.665  1.00 19.06 ? 40  HIS A NE2 1 
ATOM   142  N  N   . SER A 1 23  ? -2.535  -10.769 -4.075  1.00 21.57 ? 41  SER A N   1 
ATOM   143  C  CA  . SER A 1 23  ? -2.622  -12.024 -3.332  1.00 22.67 ? 41  SER A CA  1 
ATOM   144  C  C   . SER A 1 23  ? -1.638  -13.115 -3.779  1.00 23.03 ? 41  SER A C   1 
ATOM   145  O  O   . SER A 1 23  ? -1.050  -13.794 -2.943  1.00 23.75 ? 41  SER A O   1 
ATOM   146  C  CB  . SER A 1 23  ? -4.049  -12.559 -3.376  1.00 22.47 ? 41  SER A CB  1 
ATOM   147  O  OG  . SER A 1 23  ? -4.188  -13.631 -2.471  1.00 24.37 ? 41  SER A OG  1 
ATOM   148  N  N   . GLY A 1 24  ? -1.463  -13.290 -5.083  1.00 23.29 ? 42  GLY A N   1 
ATOM   149  C  CA  . GLY A 1 24  ? -0.530  -14.305 -5.588  1.00 23.50 ? 42  GLY A CA  1 
ATOM   150  C  C   . GLY A 1 24  ? 0.932   -13.905 -5.457  1.00 23.55 ? 42  GLY A C   1 
ATOM   151  O  O   . GLY A 1 24  ? 1.823   -14.763 -5.392  1.00 23.96 ? 42  GLY A O   1 
ATOM   152  N  N   . ASN A 1 25  ? 1.173   -12.597 -5.401  1.00 23.25 ? 43  ASN A N   1 
ATOM   153  C  CA  . ASN A 1 25  ? 2.528   -12.042 -5.428  1.00 22.85 ? 43  ASN A CA  1 
ATOM   154  C  C   . ASN A 1 25  ? 3.400   -12.388 -4.215  1.00 22.80 ? 43  ASN A C   1 
ATOM   155  O  O   . ASN A 1 25  ? 4.631   -12.363 -4.309  1.00 22.28 ? 43  ASN A O   1 
ATOM   156  C  CB  . ASN A 1 25  ? 2.477   -10.525 -5.618  1.00 22.71 ? 43  ASN A CB  1 
ATOM   157  C  CG  . ASN A 1 25  ? 1.893   -10.119 -6.958  1.00 23.18 ? 43  ASN A CG  1 
ATOM   158  O  OD1 . ASN A 1 25  ? 0.690   -10.214 -7.174  1.00 24.18 ? 43  ASN A OD1 1 
ATOM   159  N  ND2 . ASN A 1 25  ? 2.747   -9.652  -7.862  1.00 23.76 ? 43  ASN A ND2 1 
ATOM   160  N  N   . GLN A 1 26  ? 2.764   -12.694 -3.082  1.00 22.81 ? 44  GLN A N   1 
ATOM   161  C  CA  . GLN A 1 26  ? 3.486   -13.080 -1.861  1.00 23.35 ? 44  GLN A CA  1 
ATOM   162  C  C   . GLN A 1 26  ? 4.355   -14.335 -2.039  1.00 23.11 ? 44  GLN A C   1 
ATOM   163  O  O   . GLN A 1 26  ? 5.328   -14.519 -1.312  1.00 23.30 ? 44  GLN A O   1 
ATOM   164  C  CB  . GLN A 1 26  ? 2.531   -13.223 -0.661  1.00 23.24 ? 44  GLN A CB  1 
ATOM   165  C  CG  . GLN A 1 26  ? 1.176   -13.847 -0.998  1.00 24.21 ? 44  GLN A CG  1 
ATOM   166  C  CD  . GLN A 1 26  ? 0.277   -14.030 0.210   1.00 24.37 ? 44  GLN A CD  1 
ATOM   167  O  OE1 . GLN A 1 26  ? 0.674   -13.772 1.352   1.00 25.54 ? 44  GLN A OE1 1 
ATOM   168  N  NE2 . GLN A 1 26  ? -0.950  -14.488 -0.036  1.00 25.68 ? 44  GLN A NE2 1 
ATOM   169  N  N   . LEU A 1 27  ? 4.018   -15.172 -3.020  1.00 23.10 ? 45  LEU A N   1 
ATOM   170  C  CA  . LEU A 1 27  ? 4.841   -16.340 -3.373  1.00 23.22 ? 45  LEU A CA  1 
ATOM   171  C  C   . LEU A 1 27  ? 6.212   -15.966 -3.956  1.00 22.47 ? 45  LEU A C   1 
ATOM   172  O  O   . LEU A 1 27  ? 7.156   -16.756 -3.890  1.00 22.84 ? 45  LEU A O   1 
ATOM   173  C  CB  . LEU A 1 27  ? 4.091   -17.267 -4.341  1.00 23.66 ? 45  LEU A CB  1 
ATOM   174  C  CG  . LEU A 1 27  ? 2.877   -18.028 -3.786  1.00 24.83 ? 45  LEU A CG  1 
ATOM   175  C  CD1 . LEU A 1 27  ? 1.899   -18.387 -4.904  1.00 26.15 ? 45  LEU A CD1 1 
ATOM   176  C  CD2 . LEU A 1 27  ? 3.285   -19.277 -3.005  1.00 25.81 ? 45  LEU A CD2 1 
ATOM   177  N  N   . ASP A 1 28  ? 6.315   -14.764 -4.518  1.00 21.36 ? 46  ASP A N   1 
ATOM   178  C  CA  . ASP A 1 28  ? 7.579   -14.252 -5.052  1.00 20.41 ? 46  ASP A CA  1 
ATOM   179  C  C   . ASP A 1 28  ? 8.564   -13.877 -3.946  1.00 19.25 ? 46  ASP A C   1 
ATOM   180  O  O   . ASP A 1 28  ? 9.777   -13.879 -4.163  1.00 18.79 ? 46  ASP A O   1 
ATOM   181  C  CB  . ASP A 1 28  ? 7.340   -13.029 -5.948  1.00 20.78 ? 46  ASP A CB  1 
ATOM   182  C  CG  . ASP A 1 28  ? 6.519   -13.351 -7.177  1.00 23.08 ? 46  ASP A CG  1 
ATOM   183  O  OD1 . ASP A 1 28  ? 6.713   -14.444 -7.754  1.00 24.71 ? 46  ASP A OD1 1 
ATOM   184  O  OD2 . ASP A 1 28  ? 5.690   -12.495 -7.579  1.00 26.44 ? 46  ASP A OD2 1 
ATOM   185  N  N   . GLY A 1 29  ? 8.038   -13.533 -2.773  1.00 17.81 ? 47  GLY A N   1 
ATOM   186  C  CA  . GLY A 1 29  ? 8.880   -13.196 -1.632  1.00 16.34 ? 47  GLY A CA  1 
ATOM   187  C  C   . GLY A 1 29  ? 8.324   -12.067 -0.786  1.00 15.43 ? 47  GLY A C   1 
ATOM   188  O  O   . GLY A 1 29  ? 7.224   -11.572 -1.044  1.00 14.89 ? 47  GLY A O   1 
ATOM   189  N  N   . PRO A 1 30  ? 9.087   -11.642 0.236   1.00 14.86 ? 48  PRO A N   1 
ATOM   190  C  CA  . PRO A 1 30  ? 8.596   -10.575 1.099   1.00 14.30 ? 48  PRO A CA  1 
ATOM   191  C  C   . PRO A 1 30  ? 8.630   -9.261  0.325   1.00 13.80 ? 48  PRO A C   1 
ATOM   192  O  O   . PRO A 1 30  ? 9.277   -9.182  -0.722  1.00 13.57 ? 48  PRO A O   1 
ATOM   193  C  CB  . PRO A 1 30  ? 9.613   -10.558 2.241   1.00 14.37 ? 48  PRO A CB  1 
ATOM   194  C  CG  . PRO A 1 30  ? 10.901  -11.054 1.601   1.00 14.85 ? 48  PRO A CG  1 
ATOM   195  C  CD  . PRO A 1 30  ? 10.442  -12.096 0.614   1.00 14.94 ? 48  PRO A CD  1 
ATOM   196  N  N   . ILE A 1 31  ? 7.927   -8.251  0.821   1.00 13.24 ? 49  ILE A N   1 
ATOM   197  C  CA  . ILE A 1 31  ? 7.977   -6.930  0.215   1.00 12.90 ? 49  ILE A CA  1 
ATOM   198  C  C   . ILE A 1 31  ? 9.384   -6.376  0.393   1.00 12.96 ? 49  ILE A C   1 
ATOM   199  O  O   . ILE A 1 31  ? 9.922   -6.382  1.499   1.00 13.24 ? 49  ILE A O   1 
ATOM   200  C  CB  . ILE A 1 31  ? 6.908   -5.985  0.827   1.00 12.88 ? 49  ILE A CB  1 
ATOM   201  C  CG1 . ILE A 1 31  ? 5.508   -6.468  0.419   1.00 12.37 ? 49  ILE A CG1 1 
ATOM   202  C  CG2 . ILE A 1 31  ? 7.171   -4.537  0.404   1.00 11.99 ? 49  ILE A CG2 1 
ATOM   203  C  CD1 . ILE A 1 31  ? 4.347   -5.834  1.162   1.00 12.66 ? 49  ILE A CD1 1 
ATOM   204  N  N   . THR A 1 32  ? 9.975   -5.913  -0.704  1.00 13.06 ? 50  THR A N   1 
ATOM   205  C  CA  . THR A 1 32  ? 11.352  -5.428  -0.693  1.00 13.13 ? 50  THR A CA  1 
ATOM   206  C  C   . THR A 1 32  ? 11.461  -3.972  -1.156  1.00 13.76 ? 50  THR A C   1 
ATOM   207  O  O   . THR A 1 32  ? 12.505  -3.332  -0.970  1.00 13.53 ? 50  THR A O   1 
ATOM   208  C  CB  . THR A 1 32  ? 12.259  -6.311  -1.577  1.00 13.21 ? 50  THR A CB  1 
ATOM   209  O  OG1 . THR A 1 32  ? 11.676  -6.431  -2.879  1.00 13.29 ? 50  THR A OG1 1 
ATOM   210  C  CG2 . THR A 1 32  ? 12.414  -7.710  -0.967  1.00 12.09 ? 50  THR A CG2 1 
ATOM   211  N  N   . ALA A 1 33  ? 10.381  -3.456  -1.749  1.00 13.58 ? 51  ALA A N   1 
ATOM   212  C  CA  . ALA A 1 33  ? 10.375  -2.112  -2.332  1.00 13.63 ? 51  ALA A CA  1 
ATOM   213  C  C   . ALA A 1 33  ? 8.965   -1.596  -2.596  1.00 13.65 ? 51  ALA A C   1 
ATOM   214  O  O   . ALA A 1 33  ? 8.021   -2.377  -2.768  1.00 13.34 ? 51  ALA A O   1 
ATOM   215  C  CB  . ALA A 1 33  ? 11.189  -2.085  -3.626  1.00 13.42 ? 51  ALA A CB  1 
ATOM   216  N  N   . LEU A 1 34  ? 8.841   -0.271  -2.637  1.00 13.72 ? 52  LEU A N   1 
ATOM   217  C  CA  . LEU A 1 34  ? 7.567   0.382   -2.900  1.00 13.94 ? 52  LEU A CA  1 
ATOM   218  C  C   . LEU A 1 34  ? 7.720   1.411   -4.000  1.00 14.19 ? 52  LEU A C   1 
ATOM   219  O  O   . LEU A 1 34  ? 8.730   2.126   -4.066  1.00 14.76 ? 52  LEU A O   1 
ATOM   220  C  CB  . LEU A 1 34  ? 7.034   1.069   -1.633  1.00 14.03 ? 52  LEU A CB  1 
ATOM   221  C  CG  . LEU A 1 34  ? 6.855   0.236   -0.361  1.00 13.64 ? 52  LEU A CG  1 
ATOM   222  C  CD1 . LEU A 1 34  ? 6.744   1.145   0.855   1.00 13.16 ? 52  LEU A CD1 1 
ATOM   223  C  CD2 . LEU A 1 34  ? 5.643   -0.699  -0.477  1.00 13.36 ? 52  LEU A CD2 1 
ATOM   224  N  N   . ARG A 1 35  ? 6.724   1.461   -4.874  1.00 13.86 ? 53  ARG A N   1 
ATOM   225  C  CA  . ARG A 1 35  ? 6.589   2.534   -5.846  1.00 13.98 ? 53  ARG A CA  1 
ATOM   226  C  C   . ARG A 1 35  ? 5.217   3.148   -5.669  1.00 13.86 ? 53  ARG A C   1 
ATOM   227  O  O   . ARG A 1 35  ? 4.209   2.437   -5.673  1.00 13.99 ? 53  ARG A O   1 
ATOM   228  C  CB  . ARG A 1 35  ? 6.745   2.015   -7.274  1.00 13.99 ? 53  ARG A CB  1 
ATOM   229  C  CG  . ARG A 1 35  ? 8.170   1.838   -7.732  1.00 13.06 ? 53  ARG A CG  1 
ATOM   230  C  CD  . ARG A 1 35  ? 8.199   1.177   -9.102  1.00 14.07 ? 53  ARG A CD  1 
ATOM   231  N  NE  . ARG A 1 35  ? 9.558   1.005   -9.607  1.00 13.43 ? 53  ARG A NE  1 
ATOM   232  C  CZ  . ARG A 1 35  ? 9.880   0.294   -10.687 1.00 14.14 ? 53  ARG A CZ  1 
ATOM   233  N  NH1 . ARG A 1 35  ? 8.949   -0.316  -11.394 1.00 12.69 ? 53  ARG A NH1 1 
ATOM   234  N  NH2 . ARG A 1 35  ? 11.149  0.204   -11.068 1.00 14.38 ? 53  ARG A NH2 1 
ATOM   235  N  N   . VAL A 1 36  ? 5.185   4.462   -5.476  1.00 14.00 ? 54  VAL A N   1 
ATOM   236  C  CA  . VAL A 1 36  ? 3.933   5.200   -5.326  1.00 14.17 ? 54  VAL A CA  1 
ATOM   237  C  C   . VAL A 1 36  ? 4.000   6.405   -6.268  1.00 14.53 ? 54  VAL A C   1 
ATOM   238  O  O   . VAL A 1 36  ? 4.935   7.213   -6.181  1.00 14.65 ? 54  VAL A O   1 
ATOM   239  C  CB  . VAL A 1 36  ? 3.709   5.644   -3.847  1.00 14.40 ? 54  VAL A CB  1 
ATOM   240  C  CG1 . VAL A 1 36  ? 2.368   6.356   -3.666  1.00 13.55 ? 54  VAL A CG1 1 
ATOM   241  C  CG2 . VAL A 1 36  ? 3.809   4.439   -2.892  1.00 14.01 ? 54  VAL A CG2 1 
ATOM   242  N  N   . ARG A 1 37  ? 3.051   6.488   -7.202  1.00 14.60 ? 55  ARG A N   1 
ATOM   243  C  CA  . ARG A 1 37  ? 2.951   7.646   -8.088  1.00 14.89 ? 55  ARG A CA  1 
ATOM   244  C  C   . ARG A 1 37  ? 2.007   8.646   -7.435  1.00 15.41 ? 55  ARG A C   1 
ATOM   245  O  O   . ARG A 1 37  ? 0.901   8.284   -7.011  1.00 15.03 ? 55  ARG A O   1 
ATOM   246  C  CB  . ARG A 1 37  ? 2.464   7.263   -9.495  1.00 14.56 ? 55  ARG A CB  1 
ATOM   247  C  CG  . ARG A 1 37  ? 2.570   8.413   -10.491 1.00 14.11 ? 55  ARG A CG  1 
ATOM   248  C  CD  . ARG A 1 37  ? 2.160   8.049   -11.927 1.00 15.09 ? 55  ARG A CD  1 
ATOM   249  N  NE  . ARG A 1 37  ? 2.963   6.962   -12.493 1.00 16.05 ? 55  ARG A NE  1 
ATOM   250  C  CZ  . ARG A 1 37  ? 4.207   7.098   -12.965 1.00 16.33 ? 55  ARG A CZ  1 
ATOM   251  N  NH1 . ARG A 1 37  ? 4.806   8.282   -12.964 1.00 14.82 ? 55  ARG A NH1 1 
ATOM   252  N  NH2 . ARG A 1 37  ? 4.850   6.041   -13.447 1.00 16.01 ? 55  ARG A NH2 1 
ATOM   253  N  N   . VAL A 1 38  ? 2.464   9.890   -7.308  1.00 16.24 ? 56  VAL A N   1 
ATOM   254  C  CA  . VAL A 1 38  ? 1.702   10.910  -6.589  1.00 17.33 ? 56  VAL A CA  1 
ATOM   255  C  C   . VAL A 1 38  ? 1.579   12.210  -7.389  1.00 17.89 ? 56  VAL A C   1 
ATOM   256  O  O   . VAL A 1 38  ? 2.549   12.658  -8.015  1.00 18.03 ? 56  VAL A O   1 
ATOM   257  C  CB  . VAL A 1 38  ? 2.297   11.208  -5.169  1.00 17.58 ? 56  VAL A CB  1 
ATOM   258  C  CG1 . VAL A 1 38  ? 2.821   9.955   -4.501  1.00 17.17 ? 56  VAL A CG1 1 
ATOM   259  C  CG2 . VAL A 1 38  ? 3.395   12.226  -5.242  1.00 18.79 ? 56  VAL A CG2 1 
ATOM   260  N  N   . ASN A 1 39  ? 0.388   12.812  -7.379  1.00 18.18 ? 57  ASN A N   1 
ATOM   261  C  CA  . ASN A 1 39  ? 0.229   14.155  -7.954  1.00 18.54 ? 57  ASN A CA  1 
ATOM   262  C  C   . ASN A 1 39  ? -0.081  15.219  -6.895  1.00 18.76 ? 57  ASN A C   1 
ATOM   263  O  O   . ASN A 1 39  ? 0.172   15.012  -5.704  1.00 18.68 ? 57  ASN A O   1 
ATOM   264  C  CB  . ASN A 1 39  ? -0.776  14.175  -9.128  1.00 18.40 ? 57  ASN A CB  1 
ATOM   265  C  CG  . ASN A 1 39  ? -2.202  13.868  -8.708  1.00 18.54 ? 57  ASN A CG  1 
ATOM   266  O  OD1 . ASN A 1 39  ? -2.563  13.955  -7.535  1.00 19.90 ? 57  ASN A OD1 1 
ATOM   267  N  ND2 . ASN A 1 39  ? -3.032  13.516  -9.682  1.00 19.29 ? 57  ASN A ND2 1 
ATOM   268  N  N   . THR A 1 40  ? -0.617  16.354  -7.338  1.00 18.94 ? 58  THR A N   1 
ATOM   269  C  CA  . THR A 1 40  ? -0.946  17.463  -6.448  1.00 19.09 ? 58  THR A CA  1 
ATOM   270  C  C   . THR A 1 40  ? -1.845  17.022  -5.292  1.00 18.46 ? 58  THR A C   1 
ATOM   271  O  O   . THR A 1 40  ? -1.580  17.367  -4.150  1.00 18.32 ? 58  THR A O   1 
ATOM   272  C  CB  . THR A 1 40  ? -1.589  18.650  -7.239  1.00 19.46 ? 58  THR A CB  1 
ATOM   273  O  OG1 . THR A 1 40  ? -0.707  19.050  -8.295  1.00 20.87 ? 58  THR A OG1 1 
ATOM   274  C  CG2 . THR A 1 40  ? -1.834  19.849  -6.334  1.00 19.82 ? 58  THR A CG2 1 
ATOM   275  N  N   . TYR A 1 41  ? -2.885  16.236  -5.581  1.00 18.16 ? 59  TYR A N   1 
ATOM   276  C  CA  . TYR A 1 41  ? -3.852  15.861  -4.543  1.00 17.78 ? 59  TYR A CA  1 
ATOM   277  C  C   . TYR A 1 41  ? -3.974  14.383  -4.160  1.00 17.58 ? 59  TYR A C   1 
ATOM   278  O  O   . TYR A 1 41  ? -4.517  14.074  -3.095  1.00 17.59 ? 59  TYR A O   1 
ATOM   279  C  CB  . TYR A 1 41  ? -5.242  16.416  -4.879  1.00 18.13 ? 59  TYR A CB  1 
ATOM   280  C  CG  . TYR A 1 41  ? -5.267  17.912  -5.047  1.00 18.33 ? 59  TYR A CG  1 
ATOM   281  C  CD1 . TYR A 1 41  ? -4.994  18.760  -3.971  1.00 19.13 ? 59  TYR A CD1 1 
ATOM   282  C  CD2 . TYR A 1 41  ? -5.549  18.485  -6.283  1.00 19.55 ? 59  TYR A CD2 1 
ATOM   283  C  CE1 . TYR A 1 41  ? -4.998  20.148  -4.127  1.00 19.72 ? 59  TYR A CE1 1 
ATOM   284  C  CE2 . TYR A 1 41  ? -5.570  19.873  -6.451  1.00 19.66 ? 59  TYR A CE2 1 
ATOM   285  C  CZ  . TYR A 1 41  ? -5.297  20.700  -5.369  1.00 19.85 ? 59  TYR A CZ  1 
ATOM   286  O  OH  . TYR A 1 41  ? -5.311  22.078  -5.533  1.00 18.98 ? 59  TYR A OH  1 
ATOM   287  N  N   . TYR A 1 42  ? -3.481  13.474  -4.998  1.00 17.14 ? 60  TYR A N   1 
ATOM   288  C  CA  . TYR A 1 42  ? -3.811  12.051  -4.838  1.00 16.70 ? 60  TYR A CA  1 
ATOM   289  C  C   . TYR A 1 42  ? -2.633  11.085  -4.919  1.00 16.08 ? 60  TYR A C   1 
ATOM   290  O  O   . TYR A 1 42  ? -1.543  11.440  -5.369  1.00 15.20 ? 60  TYR A O   1 
ATOM   291  C  CB  . TYR A 1 42  ? -4.849  11.631  -5.895  1.00 17.51 ? 60  TYR A CB  1 
ATOM   292  C  CG  . TYR A 1 42  ? -6.077  12.508  -5.961  1.00 18.13 ? 60  TYR A CG  1 
ATOM   293  C  CD1 . TYR A 1 42  ? -6.915  12.648  -4.858  1.00 18.50 ? 60  TYR A CD1 1 
ATOM   294  C  CD2 . TYR A 1 42  ? -6.407  13.192  -7.131  1.00 19.06 ? 60  TYR A CD2 1 
ATOM   295  C  CE1 . TYR A 1 42  ? -8.037  13.457  -4.910  1.00 19.52 ? 60  TYR A CE1 1 
ATOM   296  C  CE2 . TYR A 1 42  ? -7.537  14.000  -7.195  1.00 19.45 ? 60  TYR A CE2 1 
ATOM   297  C  CZ  . TYR A 1 42  ? -8.344  14.126  -6.077  1.00 19.58 ? 60  TYR A CZ  1 
ATOM   298  O  OH  . TYR A 1 42  ? -9.466  14.919  -6.118  1.00 21.31 ? 60  TYR A OH  1 
ATOM   299  N  N   . ILE A 1 43  ? -2.885  9.856   -4.469  1.00 15.59 ? 61  ILE A N   1 
ATOM   300  C  CA  . ILE A 1 43  ? -2.088  8.693   -4.856  1.00 14.95 ? 61  ILE A CA  1 
ATOM   301  C  C   . ILE A 1 43  ? -2.635  8.202   -6.198  1.00 14.50 ? 61  ILE A C   1 
ATOM   302  O  O   . ILE A 1 43  ? -3.784  7.743   -6.300  1.00 13.71 ? 61  ILE A O   1 
ATOM   303  C  CB  . ILE A 1 43  ? -2.173  7.544   -3.818  1.00 15.05 ? 61  ILE A CB  1 
ATOM   304  C  CG1 . ILE A 1 43  ? -1.781  8.022   -2.412  1.00 15.71 ? 61  ILE A CG1 1 
ATOM   305  C  CG2 . ILE A 1 43  ? -1.344  6.334   -4.271  1.00 14.94 ? 61  ILE A CG2 1 
ATOM   306  C  CD1 . ILE A 1 43  ? -0.354  8.486   -2.249  1.00 15.17 ? 61  ILE A CD1 1 
ATOM   307  N  N   . VAL A 1 44  ? -1.794  8.312   -7.217  1.00 14.19 ? 62  VAL A N   1 
ATOM   308  C  CA  . VAL A 1 44  ? -2.160  8.025   -8.599  1.00 14.09 ? 62  VAL A CA  1 
ATOM   309  C  C   . VAL A 1 44  ? -2.014  6.540   -8.924  1.00 14.05 ? 62  VAL A C   1 
ATOM   310  O  O   . VAL A 1 44  ? -2.873  5.957   -9.576  1.00 13.63 ? 62  VAL A O   1 
ATOM   311  C  CB  . VAL A 1 44  ? -1.275  8.855   -9.568  1.00 14.13 ? 62  VAL A CB  1 
ATOM   312  C  CG1 . VAL A 1 44  ? -1.608  8.549   -11.019 1.00 14.41 ? 62  VAL A CG1 1 
ATOM   313  C  CG2 . VAL A 1 44  ? -1.409  10.361  -9.269  1.00 14.75 ? 62  VAL A CG2 1 
ATOM   314  N  N   . GLY A 1 45  ? -0.922  5.934   -8.461  1.00 14.02 ? 63  GLY A N   1 
ATOM   315  C  CA  . GLY A 1 45  ? -0.611  4.563   -8.820  1.00 13.76 ? 63  GLY A CA  1 
ATOM   316  C  C   . GLY A 1 45  ? 0.279   3.868   -7.808  1.00 14.09 ? 63  GLY A C   1 
ATOM   317  O  O   . GLY A 1 45  ? 0.950   4.519   -6.998  1.00 13.90 ? 63  GLY A O   1 
ATOM   318  N  N   . LEU A 1 46  ? 0.280   2.539   -7.861  1.00 13.69 ? 64  LEU A N   1 
ATOM   319  C  CA  . LEU A 1 46  ? 1.024   1.736   -6.912  1.00 13.86 ? 64  LEU A CA  1 
ATOM   320  C  C   . LEU A 1 46  ? 1.693   0.558   -7.586  1.00 13.89 ? 64  LEU A C   1 
ATOM   321  O  O   . LEU A 1 46  ? 1.127   -0.059  -8.495  1.00 13.61 ? 64  LEU A O   1 
ATOM   322  C  CB  . LEU A 1 46  ? 0.104   1.204   -5.806  1.00 13.86 ? 64  LEU A CB  1 
ATOM   323  C  CG  . LEU A 1 46  ? -0.433  2.194   -4.767  1.00 14.21 ? 64  LEU A CG  1 
ATOM   324  C  CD1 . LEU A 1 46  ? -1.639  1.613   -4.046  1.00 13.97 ? 64  LEU A CD1 1 
ATOM   325  C  CD2 . LEU A 1 46  ? 0.651   2.609   -3.778  1.00 14.49 ? 64  LEU A CD2 1 
ATOM   326  N  N   . GLN A 1 47  ? 2.890   0.243   -7.105  1.00 13.58 ? 65  GLN A N   1 
ATOM   327  C  CA  . GLN A 1 47  ? 3.585   -0.986  -7.460  1.00 13.80 ? 65  GLN A CA  1 
ATOM   328  C  C   . GLN A 1 47  ? 4.324   -1.453  -6.214  1.00 13.79 ? 65  GLN A C   1 
ATOM   329  O  O   . GLN A 1 47  ? 4.843   -0.623  -5.450  1.00 14.05 ? 65  GLN A O   1 
ATOM   330  C  CB  . GLN A 1 47  ? 4.579   -0.715  -8.589  1.00 13.78 ? 65  GLN A CB  1 
ATOM   331  C  CG  . GLN A 1 47  ? 4.588   -1.764  -9.679  1.00 13.87 ? 65  GLN A CG  1 
ATOM   332  C  CD  . GLN A 1 47  ? 5.397   -1.345  -10.894 1.00 14.15 ? 65  GLN A CD  1 
ATOM   333  O  OE1 . GLN A 1 47  ? 5.895   -0.216  -10.973 1.00 15.19 ? 65  GLN A OE1 1 
ATOM   334  N  NE2 . GLN A 1 47  ? 5.539   -2.258  -11.848 1.00 12.18 ? 65  GLN A NE2 1 
ATOM   335  N  N   . VAL A 1 48  ? 4.350   -2.766  -5.993  1.00 13.48 ? 66  VAL A N   1 
ATOM   336  C  CA  . VAL A 1 48  ? 5.062   -3.355  -4.860  1.00 13.56 ? 66  VAL A CA  1 
ATOM   337  C  C   . VAL A 1 48  ? 5.982   -4.485  -5.353  1.00 13.91 ? 66  VAL A C   1 
ATOM   338  O  O   . VAL A 1 48  ? 5.580   -5.309  -6.177  1.00 14.13 ? 66  VAL A O   1 
ATOM   339  C  CB  . VAL A 1 48  ? 4.084   -3.871  -3.753  1.00 13.58 ? 66  VAL A CB  1 
ATOM   340  C  CG1 . VAL A 1 48  ? 4.847   -4.506  -2.584  1.00 12.93 ? 66  VAL A CG1 1 
ATOM   341  C  CG2 . VAL A 1 48  ? 3.180   -2.743  -3.232  1.00 13.85 ? 66  VAL A CG2 1 
ATOM   342  N  N   . ARG A 1 49  ? 7.217   -4.507  -4.857  1.00 14.43 ? 67  ARG A N   1 
ATOM   343  C  CA  . ARG A 1 49  ? 8.196   -5.535  -5.220  1.00 15.18 ? 67  ARG A CA  1 
ATOM   344  C  C   . ARG A 1 49  ? 8.142   -6.652  -4.183  1.00 14.94 ? 67  ARG A C   1 
ATOM   345  O  O   . ARG A 1 49  ? 8.352   -6.411  -2.996  1.00 15.16 ? 67  ARG A O   1 
ATOM   346  C  CB  . ARG A 1 49  ? 9.600   -4.929  -5.291  1.00 14.83 ? 67  ARG A CB  1 
ATOM   347  C  CG  . ARG A 1 49  ? 10.653  -5.759  -6.017  1.00 15.76 ? 67  ARG A CG  1 
ATOM   348  C  CD  . ARG A 1 49  ? 11.942  -4.947  -6.141  1.00 16.24 ? 67  ARG A CD  1 
ATOM   349  N  NE  . ARG A 1 49  ? 13.053  -5.656  -6.782  1.00 18.60 ? 67  ARG A NE  1 
ATOM   350  C  CZ  . ARG A 1 49  ? 14.120  -6.137  -6.136  1.00 20.27 ? 67  ARG A CZ  1 
ATOM   351  N  NH1 . ARG A 1 49  ? 14.233  -6.008  -4.816  1.00 19.49 ? 67  ARG A NH1 1 
ATOM   352  N  NH2 . ARG A 1 49  ? 15.082  -6.751  -6.812  1.00 20.26 ? 67  ARG A NH2 1 
ATOM   353  N  N   . TYR A 1 50  ? 7.815   -7.859  -4.634  1.00 14.83 ? 68  TYR A N   1 
ATOM   354  C  CA  . TYR A 1 50  ? 7.763   -9.029  -3.770  1.00 15.21 ? 68  TYR A CA  1 
ATOM   355  C  C   . TYR A 1 50  ? 8.955   -9.908  -4.125  1.00 15.76 ? 68  TYR A C   1 
ATOM   356  O  O   . TYR A 1 50  ? 9.054   -10.407 -5.254  1.00 15.43 ? 68  TYR A O   1 
ATOM   357  C  CB  . TYR A 1 50  ? 6.439   -9.784  -3.942  1.00 14.86 ? 68  TYR A CB  1 
ATOM   358  C  CG  . TYR A 1 50  ? 5.216   -8.949  -3.614  1.00 14.65 ? 68  TYR A CG  1 
ATOM   359  C  CD1 . TYR A 1 50  ? 4.681   -8.947  -2.331  1.00 14.61 ? 68  TYR A CD1 1 
ATOM   360  C  CD2 . TYR A 1 50  ? 4.610   -8.144  -4.581  1.00 13.96 ? 68  TYR A CD2 1 
ATOM   361  C  CE1 . TYR A 1 50  ? 3.570   -8.178  -2.020  1.00 13.75 ? 68  TYR A CE1 1 
ATOM   362  C  CE2 . TYR A 1 50  ? 3.480   -7.382  -4.283  1.00 13.15 ? 68  TYR A CE2 1 
ATOM   363  C  CZ  . TYR A 1 50  ? 2.975   -7.404  -2.991  1.00 13.92 ? 68  TYR A CZ  1 
ATOM   364  O  OH  . TYR A 1 50  ? 1.884   -6.638  -2.659  1.00 13.66 ? 68  TYR A OH  1 
ATOM   365  N  N   . GLY A 1 51  ? 9.867   -10.067 -3.171  1.00 16.06 ? 69  GLY A N   1 
ATOM   366  C  CA  . GLY A 1 51  ? 11.176  -10.628 -3.467  1.00 17.25 ? 69  GLY A CA  1 
ATOM   367  C  C   . GLY A 1 51  ? 11.822  -9.780  -4.552  1.00 18.23 ? 69  GLY A C   1 
ATOM   368  O  O   . GLY A 1 51  ? 11.950  -8.564  -4.404  1.00 18.22 ? 69  GLY A O   1 
ATOM   369  N  N   . LYS A 1 52  ? 12.187  -10.413 -5.664  1.00 18.97 ? 70  LYS A N   1 
ATOM   370  C  CA  . LYS A 1 52  ? 12.894  -9.720  -6.744  1.00 19.99 ? 70  LYS A CA  1 
ATOM   371  C  C   . LYS A 1 52  ? 11.959  -9.210  -7.845  1.00 19.73 ? 70  LYS A C   1 
ATOM   372  O  O   . LYS A 1 52  ? 12.414  -8.583  -8.807  1.00 20.42 ? 70  LYS A O   1 
ATOM   373  C  CB  . LYS A 1 52  ? 13.969  -10.640 -7.342  1.00 19.82 ? 70  LYS A CB  1 
ATOM   374  C  CG  . LYS A 1 52  ? 15.152  -10.917 -6.387  1.00 21.49 ? 70  LYS A CG  1 
ATOM   375  C  CD  . LYS A 1 52  ? 16.185  -11.883 -6.991  1.00 21.71 ? 70  LYS A CD  1 
ATOM   376  C  CE  . LYS A 1 52  ? 15.719  -13.349 -6.936  1.00 24.70 ? 70  LYS A CE  1 
ATOM   377  N  NZ  . LYS A 1 52  ? 16.763  -14.305 -7.445  1.00 25.68 ? 70  LYS A NZ  1 
ATOM   378  N  N   . VAL A 1 53  ? 10.662  -9.468  -7.695  1.00 19.49 ? 71  VAL A N   1 
ATOM   379  C  CA  . VAL A 1 53  ? 9.686   -9.247  -8.766  1.00 19.05 ? 71  VAL A CA  1 
ATOM   380  C  C   . VAL A 1 53  ? 8.677   -8.135  -8.445  1.00 18.74 ? 71  VAL A C   1 
ATOM   381  O  O   . VAL A 1 53  ? 7.906   -8.237  -7.481  1.00 18.45 ? 71  VAL A O   1 
ATOM   382  C  CB  . VAL A 1 53  ? 8.890   -10.546 -9.083  1.00 19.08 ? 71  VAL A CB  1 
ATOM   383  C  CG1 . VAL A 1 53  ? 8.074   -10.380 -10.363 1.00 19.45 ? 71  VAL A CG1 1 
ATOM   384  C  CG2 . VAL A 1 53  ? 9.830   -11.764 -9.198  1.00 19.58 ? 71  VAL A CG2 1 
ATOM   385  N  N   . TRP A 1 54  ? 8.661   -7.098  -9.281  1.00 18.00 ? 72  TRP A N   1 
ATOM   386  C  CA  . TRP A 1 54  ? 7.652   -6.041  -9.187  1.00 17.49 ? 72  TRP A CA  1 
ATOM   387  C  C   . TRP A 1 54  ? 6.265   -6.558  -9.554  1.00 17.60 ? 72  TRP A C   1 
ATOM   388  O  O   . TRP A 1 54  ? 6.123   -7.312  -10.512 1.00 17.40 ? 72  TRP A O   1 
ATOM   389  C  CB  . TRP A 1 54  ? 8.011   -4.876  -10.106 1.00 16.75 ? 72  TRP A CB  1 
ATOM   390  C  CG  . TRP A 1 54  ? 9.096   -3.999  -9.556  1.00 16.23 ? 72  TRP A CG  1 
ATOM   391  C  CD1 . TRP A 1 54  ? 10.394  -3.942  -9.970  1.00 14.89 ? 72  TRP A CD1 1 
ATOM   392  C  CD2 . TRP A 1 54  ? 8.972   -3.055  -8.487  1.00 15.45 ? 72  TRP A CD2 1 
ATOM   393  N  NE1 . TRP A 1 54  ? 11.087  -3.021  -9.228  1.00 14.96 ? 72  TRP A NE1 1 
ATOM   394  C  CE2 . TRP A 1 54  ? 10.238  -2.461  -8.308  1.00 15.19 ? 72  TRP A CE2 1 
ATOM   395  C  CE3 . TRP A 1 54  ? 7.912   -2.657  -7.659  1.00 15.26 ? 72  TRP A CE3 1 
ATOM   396  C  CZ2 . TRP A 1 54  ? 10.477  -1.483  -7.336  1.00 15.58 ? 72  TRP A CZ2 1 
ATOM   397  C  CZ3 . TRP A 1 54  ? 8.148   -1.692  -6.693  1.00 15.26 ? 72  TRP A CZ3 1 
ATOM   398  C  CH2 . TRP A 1 54  ? 9.423   -1.117  -6.536  1.00 15.53 ? 72  TRP A CH2 1 
ATOM   399  N  N   . SER A 1 55  ? 5.250   -6.156  -8.781  1.00 17.65 ? 73  SER A N   1 
ATOM   400  C  CA  . SER A 1 55  ? 3.846   -6.402  -9.133  1.00 17.77 ? 73  SER A CA  1 
ATOM   401  C  C   . SER A 1 55  ? 3.478   -5.686  -10.440 1.00 18.02 ? 73  SER A C   1 
ATOM   402  O  O   . SER A 1 55  ? 4.214   -4.819  -10.900 1.00 18.18 ? 73  SER A O   1 
ATOM   403  C  CB  . SER A 1 55  ? 2.922   -5.918  -8.008  1.00 17.82 ? 73  SER A CB  1 
ATOM   404  O  OG  . SER A 1 55  ? 3.021   -4.506  -7.821  1.00 17.35 ? 73  SER A OG  1 
ATOM   405  N  N   . ASP A 1 56  ? 2.351   -6.060  -11.037 1.00 18.55 ? 74  ASP A N   1 
ATOM   406  C  CA  . ASP A 1 56  ? 1.804   -5.328  -12.177 1.00 19.14 ? 74  ASP A CA  1 
ATOM   407  C  C   . ASP A 1 56  ? 1.407   -3.940  -11.693 1.00 18.59 ? 74  ASP A C   1 
ATOM   408  O  O   . ASP A 1 56  ? 0.795   -3.799  -10.638 1.00 19.06 ? 74  ASP A O   1 
ATOM   409  C  CB  . ASP A 1 56  ? 0.563   -6.035  -12.749 1.00 19.83 ? 74  ASP A CB  1 
ATOM   410  C  CG  . ASP A 1 56  ? 0.880   -7.381  -13.394 1.00 21.96 ? 74  ASP A CG  1 
ATOM   411  O  OD1 . ASP A 1 56  ? 2.064   -7.656  -13.702 1.00 23.99 ? 74  ASP A OD1 1 
ATOM   412  O  OD2 . ASP A 1 56  ? -0.076  -8.166  -13.601 1.00 24.84 ? 74  ASP A OD2 1 
ATOM   413  N  N   . TYR A 1 57  ? 1.767   -2.916  -12.448 1.00 18.03 ? 75  TYR A N   1 
ATOM   414  C  CA  . TYR A 1 57  ? 1.460   -1.553  -12.051 1.00 17.58 ? 75  TYR A CA  1 
ATOM   415  C  C   . TYR A 1 57  ? -0.051  -1.344  -12.033 1.00 17.63 ? 75  TYR A C   1 
ATOM   416  O  O   . TYR A 1 57  ? -0.747  -1.730  -12.974 1.00 17.78 ? 75  TYR A O   1 
ATOM   417  C  CB  . TYR A 1 57  ? 2.141   -0.562  -12.999 1.00 17.13 ? 75  TYR A CB  1 
ATOM   418  C  CG  . TYR A 1 57  ? 1.899   0.890   -12.648 1.00 16.42 ? 75  TYR A CG  1 
ATOM   419  C  CD1 . TYR A 1 57  ? 2.774   1.580   -11.800 1.00 15.77 ? 75  TYR A CD1 1 
ATOM   420  C  CD2 . TYR A 1 57  ? 0.801   1.579   -13.168 1.00 14.59 ? 75  TYR A CD2 1 
ATOM   421  C  CE1 . TYR A 1 57  ? 2.553   2.913   -11.475 1.00 14.71 ? 75  TYR A CE1 1 
ATOM   422  C  CE2 . TYR A 1 57  ? 0.575   2.912   -12.852 1.00 13.45 ? 75  TYR A CE2 1 
ATOM   423  C  CZ  . TYR A 1 57  ? 1.448   3.568   -12.008 1.00 14.88 ? 75  TYR A CZ  1 
ATOM   424  O  OH  . TYR A 1 57  ? 1.218   4.880   -11.700 1.00 15.60 ? 75  TYR A OH  1 
ATOM   425  N  N   . VAL A 1 58  ? -0.560  -0.763  -10.948 1.00 17.47 ? 76  VAL A N   1 
ATOM   426  C  CA  . VAL A 1 58  ? -1.969  -0.379  -10.896 1.00 17.27 ? 76  VAL A CA  1 
ATOM   427  C  C   . VAL A 1 58  ? -2.130  1.130   -10.721 1.00 17.37 ? 76  VAL A C   1 
ATOM   428  O  O   . VAL A 1 58  ? -1.272  1.796   -10.135 1.00 16.68 ? 76  VAL A O   1 
ATOM   429  C  CB  . VAL A 1 58  ? -2.780  -1.166  -9.811  1.00 17.62 ? 76  VAL A CB  1 
ATOM   430  C  CG1 . VAL A 1 58  ? -2.886  -2.649  -10.184 1.00 17.03 ? 76  VAL A CG1 1 
ATOM   431  C  CG2 . VAL A 1 58  ? -2.188  -0.975  -8.411  1.00 17.15 ? 76  VAL A CG2 1 
ATOM   432  N  N   . GLY A 1 59  ? -3.224  1.666   -11.251 1.00 17.66 ? 77  GLY A N   1 
ATOM   433  C  CA  . GLY A 1 59  ? -3.475  3.102   -11.178 1.00 18.23 ? 77  GLY A CA  1 
ATOM   434  C  C   . GLY A 1 59  ? -3.141  3.807   -12.470 1.00 18.42 ? 77  GLY A C   1 
ATOM   435  O  O   . GLY A 1 59  ? -2.982  3.168   -13.505 1.00 18.71 ? 77  GLY A O   1 
ATOM   436  N  N   . GLY A 1 60  ? -3.019  5.128   -12.402 1.00 18.73 ? 78  GLY A N   1 
ATOM   437  C  CA  . GLY A 1 60  ? -2.871  5.952   -13.598 1.00 19.14 ? 78  GLY A CA  1 
ATOM   438  C  C   . GLY A 1 60  ? -1.469  6.470   -13.832 1.00 19.67 ? 78  GLY A C   1 
ATOM   439  O  O   . GLY A 1 60  ? -0.515  6.035   -13.180 1.00 19.34 ? 78  GLY A O   1 
ATOM   440  N  N   . ARG A 1 61  ? -1.357  7.421   -14.755 1.00 20.13 ? 79  ARG A N   1 
ATOM   441  C  CA  . ARG A 1 61  ? -0.058  7.898   -15.235 1.00 20.80 ? 79  ARG A CA  1 
ATOM   442  C  C   . ARG A 1 61  ? 0.221   9.352   -14.879 1.00 20.52 ? 79  ARG A C   1 
ATOM   443  O  O   . ARG A 1 61  ? 1.338   9.838   -15.056 1.00 20.27 ? 79  ARG A O   1 
ATOM   444  C  CB  . ARG A 1 61  ? 0.045   7.713   -16.755 1.00 21.02 ? 79  ARG A CB  1 
ATOM   445  C  CG  . ARG A 1 61  ? 0.041   6.252   -17.199 1.00 23.28 ? 79  ARG A CG  1 
ATOM   446  C  CD  . ARG A 1 61  ? 0.508   6.108   -18.631 1.00 26.44 ? 79  ARG A CD  1 
ATOM   447  N  NE  . ARG A 1 61  ? -0.557  6.338   -19.599 1.00 29.02 ? 79  ARG A NE  1 
ATOM   448  C  CZ  . ARG A 1 61  ? -0.518  7.239   -20.580 1.00 31.11 ? 79  ARG A CZ  1 
ATOM   449  N  NH1 . ARG A 1 61  ? 0.546   8.021   -20.749 1.00 31.45 ? 79  ARG A NH1 1 
ATOM   450  N  NH2 . ARG A 1 61  ? -1.556  7.349   -21.403 1.00 31.71 ? 79  ARG A NH2 1 
ATOM   451  N  N   . ASN A 1 62  ? -0.796  10.037  -14.368 1.00 20.72 ? 80  ASN A N   1 
ATOM   452  C  CA  . ASN A 1 62  ? -0.697  11.467  -14.115 1.00 20.89 ? 80  ASN A CA  1 
ATOM   453  C  C   . ASN A 1 62  ? -0.100  11.804  -12.753 1.00 20.87 ? 80  ASN A C   1 
ATOM   454  O  O   . ASN A 1 62  ? -0.803  12.261  -11.849 1.00 21.28 ? 80  ASN A O   1 
ATOM   455  C  CB  . ASN A 1 62  ? -2.057  12.151  -14.296 1.00 21.01 ? 80  ASN A CB  1 
ATOM   456  C  CG  . ASN A 1 62  ? -1.939  13.648  -14.337 1.00 21.75 ? 80  ASN A CG  1 
ATOM   457  O  OD1 . ASN A 1 62  ? -0.882  14.177  -14.672 1.00 24.57 ? 80  ASN A OD1 1 
ATOM   458  N  ND2 . ASN A 1 62  ? -3.012  14.349  -13.979 1.00 22.37 ? 80  ASN A ND2 1 
ATOM   459  N  N   . GLY A 1 63  ? 1.202   11.592  -12.620 1.00 20.44 ? 81  GLY A N   1 
ATOM   460  C  CA  . GLY A 1 63  ? 1.902   11.931  -11.394 1.00 20.22 ? 81  GLY A CA  1 
ATOM   461  C  C   . GLY A 1 63  ? 3.364   11.555  -11.444 1.00 20.05 ? 81  GLY A C   1 
ATOM   462  O  O   . GLY A 1 63  ? 3.825   10.948  -12.412 1.00 19.78 ? 81  GLY A O   1 
ATOM   463  N  N   . ASP A 1 64  ? 4.092   11.911  -10.390 1.00 20.12 ? 82  ASP A N   1 
ATOM   464  C  CA  . ASP A 1 64  ? 5.514   11.599  -10.302 1.00 20.19 ? 82  ASP A CA  1 
ATOM   465  C  C   . ASP A 1 64  ? 5.765   10.339  -9.489  1.00 19.79 ? 82  ASP A C   1 
ATOM   466  O  O   . ASP A 1 64  ? 5.202   10.166  -8.401  1.00 19.51 ? 82  ASP A O   1 
ATOM   467  C  CB  . ASP A 1 64  ? 6.289   12.779  -9.732  1.00 20.50 ? 82  ASP A CB  1 
ATOM   468  C  CG  . ASP A 1 64  ? 6.285   13.965  -10.668 1.00 23.17 ? 82  ASP A CG  1 
ATOM   469  O  OD1 . ASP A 1 64  ? 7.323   14.212  -11.324 1.00 25.66 ? 82  ASP A OD1 1 
ATOM   470  O  OD2 . ASP A 1 64  ? 5.228   14.625  -10.777 1.00 25.76 ? 82  ASP A OD2 1 
ATOM   471  N  N   . LEU A 1 65  ? 6.601   9.458   -10.033 1.00 19.20 ? 83  LEU A N   1 
ATOM   472  C  CA  . LEU A 1 65  ? 6.898   8.188   -9.377  1.00 19.50 ? 83  LEU A CA  1 
ATOM   473  C  C   . LEU A 1 65  ? 7.848   8.395   -8.211  1.00 19.51 ? 83  LEU A C   1 
ATOM   474  O  O   . LEU A 1 65  ? 8.898   9.024   -8.355  1.00 19.50 ? 83  LEU A O   1 
ATOM   475  C  CB  . LEU A 1 65  ? 7.486   7.167   -10.358 1.00 18.98 ? 83  LEU A CB  1 
ATOM   476  C  CG  . LEU A 1 65  ? 7.599   5.754   -9.770  1.00 19.17 ? 83  LEU A CG  1 
ATOM   477  C  CD1 . LEU A 1 65  ? 6.285   4.966   -9.926  1.00 17.11 ? 83  LEU A CD1 1 
ATOM   478  C  CD2 . LEU A 1 65  ? 8.771   4.998   -10.370 1.00 18.62 ? 83  LEU A CD2 1 
ATOM   479  N  N   . GLU A 1 66  ? 7.452   7.883   -7.053  1.00 20.00 ? 84  GLU A N   1 
ATOM   480  C  CA  . GLU A 1 66  ? 8.323   7.861   -5.878  1.00 20.91 ? 84  GLU A CA  1 
ATOM   481  C  C   . GLU A 1 66  ? 8.611   6.403   -5.558  1.00 20.61 ? 84  GLU A C   1 
ATOM   482  O  O   . GLU A 1 66  ? 7.716   5.562   -5.589  1.00 20.31 ? 84  GLU A O   1 
ATOM   483  C  CB  . GLU A 1 66  ? 7.665   8.583   -4.694  1.00 20.79 ? 84  GLU A CB  1 
ATOM   484  C  CG  . GLU A 1 66  ? 7.444   10.082  -4.943  1.00 22.26 ? 84  GLU A CG  1 
ATOM   485  C  CD  . GLU A 1 66  ? 6.590   10.769  -3.883  1.00 22.89 ? 84  GLU A CD  1 
ATOM   486  O  OE1 . GLU A 1 66  ? 6.646   10.392  -2.691  1.00 26.97 ? 84  GLU A OE1 1 
ATOM   487  O  OE2 . GLU A 1 66  ? 5.878   11.720  -4.243  1.00 25.63 ? 84  GLU A OE2 1 
ATOM   488  N  N   . GLU A 1 67  ? 9.872   6.104   -5.282  1.00 20.98 ? 85  GLU A N   1 
ATOM   489  C  CA  . GLU A 1 67  ? 10.314  4.728   -5.140  1.00 21.40 ? 85  GLU A CA  1 
ATOM   490  C  C   . GLU A 1 67  ? 11.255  4.597   -3.951  1.00 21.07 ? 85  GLU A C   1 
ATOM   491  O  O   . GLU A 1 67  ? 12.219  5.357   -3.831  1.00 20.74 ? 85  GLU A O   1 
ATOM   492  C  CB  . GLU A 1 67  ? 10.994  4.262   -6.435  1.00 21.39 ? 85  GLU A CB  1 
ATOM   493  C  CG  . GLU A 1 67  ? 11.621  2.878   -6.377  1.00 22.17 ? 85  GLU A CG  1 
ATOM   494  C  CD  . GLU A 1 67  ? 12.424  2.564   -7.630  1.00 22.99 ? 85  GLU A CD  1 
ATOM   495  O  OE1 . GLU A 1 67  ? 13.479  3.209   -7.849  1.00 24.81 ? 85  GLU A OE1 1 
ATOM   496  O  OE2 . GLU A 1 67  ? 12.000  1.674   -8.397  1.00 25.10 ? 85  GLU A OE2 1 
ATOM   497  N  N   . ILE A 1 68  ? 10.955  3.636   -3.075  1.00 20.63 ? 86  ILE A N   1 
ATOM   498  C  CA  . ILE A 1 68  ? 11.765  3.376   -1.889  1.00 20.43 ? 86  ILE A CA  1 
ATOM   499  C  C   . ILE A 1 68  ? 12.009  1.875   -1.713  1.00 20.06 ? 86  ILE A C   1 
ATOM   500  O  O   . ILE A 1 68  ? 11.067  1.085   -1.692  1.00 19.77 ? 86  ILE A O   1 
ATOM   501  C  CB  . ILE A 1 68  ? 11.115  3.952   -0.596  1.00 20.53 ? 86  ILE A CB  1 
ATOM   502  C  CG1 . ILE A 1 68  ? 10.939  5.474   -0.704  1.00 20.75 ? 86  ILE A CG1 1 
ATOM   503  C  CG2 . ILE A 1 68  ? 11.962  3.596   0.635   1.00 20.66 ? 86  ILE A CG2 1 
ATOM   504  C  CD1 . ILE A 1 68  ? 10.302  6.123   0.523   1.00 20.70 ? 86  ILE A CD1 1 
ATOM   505  N  N   . PHE A 1 69  ? 13.280  1.501   -1.579  1.00 19.69 ? 87  PHE A N   1 
ATOM   506  C  CA  . PHE A 1 69  ? 13.666  0.118   -1.316  1.00 19.46 ? 87  PHE A CA  1 
ATOM   507  C  C   . PHE A 1 69  ? 13.797  -0.162  0.179   1.00 19.00 ? 87  PHE A C   1 
ATOM   508  O  O   . PHE A 1 69  ? 14.290  0.667   0.942   1.00 18.75 ? 87  PHE A O   1 
ATOM   509  C  CB  . PHE A 1 69  ? 14.972  -0.218  -2.040  1.00 19.67 ? 87  PHE A CB  1 
ATOM   510  C  CG  . PHE A 1 69  ? 14.784  -0.572  -3.489  1.00 20.73 ? 87  PHE A CG  1 
ATOM   511  C  CD1 . PHE A 1 69  ? 14.734  -1.902  -3.889  1.00 21.89 ? 87  PHE A CD1 1 
ATOM   512  C  CD2 . PHE A 1 69  ? 14.656  0.422   -4.457  1.00 20.87 ? 87  PHE A CD2 1 
ATOM   513  C  CE1 . PHE A 1 69  ? 14.553  -2.238  -5.238  1.00 22.52 ? 87  PHE A CE1 1 
ATOM   514  C  CE2 . PHE A 1 69  ? 14.478  0.093   -5.801  1.00 21.20 ? 87  PHE A CE2 1 
ATOM   515  C  CZ  . PHE A 1 69  ? 14.421  -1.239  -6.190  1.00 20.79 ? 87  PHE A CZ  1 
ATOM   516  N  N   . LEU A 1 70  ? 13.339  -1.338  0.594   1.00 18.76 ? 88  LEU A N   1 
ATOM   517  C  CA  . LEU A 1 70  ? 13.460  -1.760  1.984   1.00 18.57 ? 88  LEU A CA  1 
ATOM   518  C  C   . LEU A 1 70  ? 14.810  -2.429  2.230   1.00 18.68 ? 88  LEU A C   1 
ATOM   519  O  O   . LEU A 1 70  ? 15.438  -2.943  1.303   1.00 18.57 ? 88  LEU A O   1 
ATOM   520  C  CB  . LEU A 1 70  ? 12.304  -2.697  2.362   1.00 18.78 ? 88  LEU A CB  1 
ATOM   521  C  CG  . LEU A 1 70  ? 10.973  -2.118  2.883   1.00 18.51 ? 88  LEU A CG  1 
ATOM   522  C  CD1 . LEU A 1 70  ? 10.386  -1.035  1.980   1.00 19.66 ? 88  LEU A CD1 1 
ATOM   523  C  CD2 . LEU A 1 70  ? 9.945   -3.224  3.108   1.00 18.15 ? 88  LEU A CD2 1 
ATOM   524  N  N   . HIS A 1 71  ? 15.254  -2.413  3.482   1.00 19.00 ? 89  HIS A N   1 
ATOM   525  C  CA  . HIS A 1 71  ? 16.472  -3.114  3.888   1.00 19.24 ? 89  HIS A CA  1 
ATOM   526  C  C   . HIS A 1 71  ? 16.212  -4.612  3.975   1.00 18.91 ? 89  HIS A C   1 
ATOM   527  O  O   . HIS A 1 71  ? 15.084  -5.022  4.258   1.00 18.76 ? 89  HIS A O   1 
ATOM   528  C  CB  . HIS A 1 71  ? 16.953  -2.617  5.258   1.00 19.56 ? 89  HIS A CB  1 
ATOM   529  C  CG  . HIS A 1 71  ? 17.238  -1.149  5.312   1.00 21.50 ? 89  HIS A CG  1 
ATOM   530  N  ND1 . HIS A 1 71  ? 18.116  -0.528  4.450   1.00 24.27 ? 89  HIS A ND1 1 
ATOM   531  C  CD2 . HIS A 1 71  ? 16.786  -0.184  6.147   1.00 23.02 ? 89  HIS A CD2 1 
ATOM   532  C  CE1 . HIS A 1 71  ? 18.174  0.762   4.738   1.00 23.65 ? 89  HIS A CE1 1 
ATOM   533  N  NE2 . HIS A 1 71  ? 17.379  0.995   5.766   1.00 23.07 ? 89  HIS A NE2 1 
ATOM   534  N  N   . PRO A 1 72  ? 17.253  -5.444  3.761   1.00 18.88 ? 90  PRO A N   1 
ATOM   535  C  CA  . PRO A 1 72  ? 17.056  -6.883  3.962   1.00 18.56 ? 90  PRO A CA  1 
ATOM   536  C  C   . PRO A 1 72  ? 16.401  -7.155  5.319   1.00 18.27 ? 90  PRO A C   1 
ATOM   537  O  O   . PRO A 1 72  ? 16.845  -6.631  6.339   1.00 18.15 ? 90  PRO A O   1 
ATOM   538  C  CB  . PRO A 1 72  ? 18.484  -7.437  3.942   1.00 18.51 ? 90  PRO A CB  1 
ATOM   539  C  CG  . PRO A 1 72  ? 19.218  -6.499  3.067   1.00 19.09 ? 90  PRO A CG  1 
ATOM   540  C  CD  . PRO A 1 72  ? 18.633  -5.136  3.341   1.00 19.00 ? 90  PRO A CD  1 
ATOM   541  N  N   . GLY A 1 73  ? 15.323  -7.933  5.314   1.00 18.13 ? 91  GLY A N   1 
ATOM   542  C  CA  . GLY A 1 73  ? 14.634  -8.293  6.548   1.00 18.05 ? 91  GLY A CA  1 
ATOM   543  C  C   . GLY A 1 73  ? 13.737  -7.233  7.151   1.00 17.72 ? 91  GLY A C   1 
ATOM   544  O  O   . GLY A 1 73  ? 13.140  -7.466  8.199   1.00 18.34 ? 91  GLY A O   1 
ATOM   545  N  N   . GLU A 1 74  ? 13.642  -6.070  6.504   1.00 17.63 ? 92  GLU A N   1 
ATOM   546  C  CA  . GLU A 1 74  ? 12.775  -4.989  6.961   1.00 16.76 ? 92  GLU A CA  1 
ATOM   547  C  C   . GLU A 1 74  ? 11.334  -5.317  6.599   1.00 16.76 ? 92  GLU A C   1 
ATOM   548  O  O   . GLU A 1 74  ? 11.025  -5.596  5.437   1.00 16.78 ? 92  GLU A O   1 
ATOM   549  C  CB  . GLU A 1 74  ? 13.198  -3.642  6.355   1.00 16.84 ? 92  GLU A CB  1 
ATOM   550  C  CG  . GLU A 1 74  ? 12.431  -2.447  6.905   1.00 16.47 ? 92  GLU A CG  1 
ATOM   551  C  CD  . GLU A 1 74  ? 12.922  -1.100  6.390   1.00 16.40 ? 92  GLU A CD  1 
ATOM   552  O  OE1 . GLU A 1 74  ? 13.553  -1.034  5.314   1.00 15.80 ? 92  GLU A OE1 1 
ATOM   553  O  OE2 . GLU A 1 74  ? 12.670  -0.092  7.076   1.00 15.78 ? 92  GLU A OE2 1 
ATOM   554  N  N   . SER A 1 75  ? 10.465  -5.290  7.607   1.00 16.42 ? 93  SER A N   1 
ATOM   555  C  CA  . SER A 1 75  ? 9.041   -5.570  7.436   1.00 15.97 ? 93  SER A CA  1 
ATOM   556  C  C   . SER A 1 75  ? 8.186   -4.343  7.783   1.00 15.20 ? 93  SER A C   1 
ATOM   557  O  O   . SER A 1 75  ? 8.523   -3.587  8.693   1.00 14.71 ? 93  SER A O   1 
ATOM   558  C  CB  . SER A 1 75  ? 8.617   -6.731  8.336   1.00 16.09 ? 93  SER A CB  1 
ATOM   559  O  OG  . SER A 1 75  ? 9.257   -7.953  7.990   1.00 17.20 ? 93  SER A OG  1 
ATOM   560  N  N   . VAL A 1 76  ? 7.080   -4.167  7.060   1.00 14.26 ? 94  VAL A N   1 
ATOM   561  C  CA  . VAL A 1 76  ? 6.074   -3.165  7.404   1.00 13.60 ? 94  VAL A CA  1 
ATOM   562  C  C   . VAL A 1 76  ? 5.134   -3.730  8.485   1.00 13.55 ? 94  VAL A C   1 
ATOM   563  O  O   . VAL A 1 76  ? 4.526   -4.800  8.304   1.00 13.05 ? 94  VAL A O   1 
ATOM   564  C  CB  . VAL A 1 76  ? 5.272   -2.706  6.157   1.00 13.68 ? 94  VAL A CB  1 
ATOM   565  C  CG1 . VAL A 1 76  ? 4.165   -1.723  6.541   1.00 13.15 ? 94  VAL A CG1 1 
ATOM   566  C  CG2 . VAL A 1 76  ? 6.202   -2.101  5.098   1.00 13.15 ? 94  VAL A CG2 1 
ATOM   567  N  N   . ILE A 1 77  ? 5.023   -2.999  9.594   1.00 13.26 ? 95  ILE A N   1 
ATOM   568  C  CA  . ILE A 1 77  ? 4.253   -3.429  10.773  1.00 13.50 ? 95  ILE A CA  1 
ATOM   569  C  C   . ILE A 1 77  ? 3.028   -2.550  11.059  1.00 13.62 ? 95  ILE A C   1 
ATOM   570  O  O   . ILE A 1 77  ? 2.199   -2.890  11.906  1.00 13.04 ? 95  ILE A O   1 
ATOM   571  C  CB  . ILE A 1 77  ? 5.145   -3.465  12.044  1.00 13.84 ? 95  ILE A CB  1 
ATOM   572  C  CG1 . ILE A 1 77  ? 5.838   -2.108  12.243  1.00 12.70 ? 95  ILE A CG1 1 
ATOM   573  C  CG2 . ILE A 1 77  ? 6.143   -4.631  11.965  1.00 13.63 ? 95  ILE A CG2 1 
ATOM   574  C  CD1 . ILE A 1 77  ? 6.459   -1.918  13.593  1.00 13.98 ? 95  ILE A CD1 1 
ATOM   575  N  N   . GLN A 1 78  ? 2.938   -1.417  10.361  1.00 13.93 ? 96  GLN A N   1 
ATOM   576  C  CA  . GLN A 1 78  ? 1.798   -0.494  10.463  1.00 14.26 ? 96  GLN A CA  1 
ATOM   577  C  C   . GLN A 1 78  ? 1.667   0.272   9.160   1.00 14.09 ? 96  GLN A C   1 
ATOM   578  O  O   . GLN A 1 78  ? 2.673   0.539   8.497   1.00 13.90 ? 96  GLN A O   1 
ATOM   579  C  CB  . GLN A 1 78  ? 2.007   0.527   11.585  1.00 14.15 ? 96  GLN A CB  1 
ATOM   580  C  CG  . GLN A 1 78  ? 1.975   -0.038  12.992  1.00 17.15 ? 96  GLN A CG  1 
ATOM   581  C  CD  . GLN A 1 78  ? 2.624   0.883   14.014  1.00 19.24 ? 96  GLN A CD  1 
ATOM   582  O  OE1 . GLN A 1 78  ? 3.393   0.430   14.869  1.00 18.95 ? 96  GLN A OE1 1 
ATOM   583  N  NE2 . GLN A 1 78  ? 2.318   2.179   13.929  1.00 17.45 ? 96  GLN A NE2 1 
ATOM   584  N  N   . VAL A 1 79  ? 0.435   0.614   8.794   1.00 13.90 ? 97  VAL A N   1 
ATOM   585  C  CA  . VAL A 1 79  ? 0.177   1.507   7.656   1.00 14.36 ? 97  VAL A CA  1 
ATOM   586  C  C   . VAL A 1 79  ? -0.902  2.520   8.038   1.00 14.31 ? 97  VAL A C   1 
ATOM   587  O  O   . VAL A 1 79  ? -2.013  2.151   8.438   1.00 14.09 ? 97  VAL A O   1 
ATOM   588  C  CB  . VAL A 1 79  ? -0.257  0.749   6.342   1.00 14.61 ? 97  VAL A CB  1 
ATOM   589  C  CG1 . VAL A 1 79  ? -0.419  1.737   5.181   1.00 14.01 ? 97  VAL A CG1 1 
ATOM   590  C  CG2 . VAL A 1 79  ? 0.746   -0.366  5.963   1.00 13.20 ? 97  VAL A CG2 1 
ATOM   591  N  N   . SER A 1 80  ? -0.561  3.799   7.950   1.00 14.53 ? 98  SER A N   1 
ATOM   592  C  CA  . SER A 1 80  ? -1.568  4.832   8.106   1.00 14.98 ? 98  SER A CA  1 
ATOM   593  C  C   . SER A 1 80  ? -1.780  5.522   6.771   1.00 15.20 ? 98  SER A C   1 
ATOM   594  O  O   . SER A 1 80  ? -1.008  5.320   5.825   1.00 14.63 ? 98  SER A O   1 
ATOM   595  C  CB  . SER A 1 80  ? -1.205  5.821   9.237   1.00 15.05 ? 98  SER A CB  1 
ATOM   596  O  OG  . SER A 1 80  ? -0.066  6.605   8.921   1.00 15.66 ? 98  SER A OG  1 
ATOM   597  N  N   . GLY A 1 81  ? -2.845  6.313   6.678   1.00 15.59 ? 99  GLY A N   1 
ATOM   598  C  CA  . GLY A 1 81  ? -3.087  7.083   5.474   1.00 16.36 ? 99  GLY A CA  1 
ATOM   599  C  C   . GLY A 1 81  ? -4.256  8.036   5.574   1.00 17.01 ? 99  GLY A C   1 
ATOM   600  O  O   . GLY A 1 81  ? -4.774  8.297   6.661   1.00 16.52 ? 99  GLY A O   1 
ATOM   601  N  N   . LYS A 1 82  ? -4.653  8.560   4.421   1.00 17.88 ? 100 LYS A N   1 
ATOM   602  C  CA  . LYS A 1 82  ? -5.787  9.469   4.303   1.00 19.27 ? 100 LYS A CA  1 
ATOM   603  C  C   . LYS A 1 82  ? -6.431  9.283   2.936   1.00 19.98 ? 100 LYS A C   1 
ATOM   604  O  O   . LYS A 1 82  ? -5.755  8.917   1.970   1.00 19.94 ? 100 LYS A O   1 
ATOM   605  C  CB  . LYS A 1 82  ? -5.359  10.931  4.498   1.00 19.28 ? 100 LYS A CB  1 
ATOM   606  C  CG  . LYS A 1 82  ? -4.590  11.190  5.787   1.00 20.29 ? 100 LYS A CG  1 
ATOM   607  C  CD  . LYS A 1 82  ? -4.640  12.639  6.230   1.00 22.11 ? 100 LYS A CD  1 
ATOM   608  C  CE  . LYS A 1 82  ? -4.196  12.769  7.681   1.00 22.93 ? 100 LYS A CE  1 
ATOM   609  N  NZ  . LYS A 1 82  ? -4.620  14.084  8.261   1.00 24.64 ? 100 LYS A NZ  1 
ATOM   610  N  N   . TYR A 1 83  ? -7.737  9.522   2.868   1.00 20.78 ? 101 TYR A N   1 
ATOM   611  C  CA  . TYR A 1 83  ? -8.491  9.361   1.636   1.00 22.05 ? 101 TYR A CA  1 
ATOM   612  C  C   . TYR A 1 83  ? -9.722  10.277  1.598   1.00 23.16 ? 101 TYR A C   1 
ATOM   613  O  O   . TYR A 1 83  ? -10.087 10.901  2.607   1.00 23.90 ? 101 TYR A O   1 
ATOM   614  C  CB  . TYR A 1 83  ? -8.907  7.894   1.444   1.00 21.63 ? 101 TYR A CB  1 
ATOM   615  C  CG  . TYR A 1 83  ? -9.847  7.361   2.509   1.00 21.75 ? 101 TYR A CG  1 
ATOM   616  C  CD1 . TYR A 1 83  ? -11.230 7.561   2.413   1.00 21.70 ? 101 TYR A CD1 1 
ATOM   617  C  CD2 . TYR A 1 83  ? -9.357  6.654   3.610   1.00 21.10 ? 101 TYR A CD2 1 
ATOM   618  C  CE1 . TYR A 1 83  ? -12.098 7.072   3.384   1.00 21.29 ? 101 TYR A CE1 1 
ATOM   619  C  CE2 . TYR A 1 83  ? -10.213 6.159   4.582   1.00 21.34 ? 101 TYR A CE2 1 
ATOM   620  C  CZ  . TYR A 1 83  ? -11.582 6.371   4.464   1.00 21.96 ? 101 TYR A CZ  1 
ATOM   621  O  OH  . TYR A 1 83  ? -12.434 5.881   5.424   1.00 22.66 ? 101 TYR A OH  1 
ATOM   622  N  N   . LYS A 1 84  ? -10.348 10.334  0.425   1.00 24.08 ? 102 LYS A N   1 
ATOM   623  C  CA  . LYS A 1 84  ? -11.606 11.042  0.202   1.00 25.11 ? 102 LYS A CA  1 
ATOM   624  C  C   . LYS A 1 84  ? -12.507 10.120  -0.623  1.00 25.29 ? 102 LYS A C   1 
ATOM   625  O  O   . LYS A 1 84  ? -13.026 9.114   -0.120  1.00 25.94 ? 102 LYS A O   1 
ATOM   626  C  CB  . LYS A 1 84  ? -11.345 12.349  -0.555  1.00 25.06 ? 102 LYS A CB  1 
ATOM   627  C  CG  . LYS A 1 84  ? -10.769 12.158  -1.988  1.00 25.90 ? 102 LYS A CG  1 
ATOM   628  C  CD  . LYS A 1 84  ? -10.869 13.398  -2.851  1.00 25.73 ? 102 LYS A CD  1 
ATOM   629  C  CE  . LYS A 1 84  ? -10.025 14.535  -2.249  1.00 27.92 ? 102 LYS A CE  1 
ATOM   630  N  NZ  . LYS A 1 84  ? -9.818  15.673  -3.184  1.00 29.08 ? 102 LYS A NZ  1 
ATOM   631  N  N   . TRP A 1 85  ? -12.694 10.484  -1.888  1.00 25.24 ? 103 TRP A N   1 
ATOM   632  C  CA  . TRP A 1 85  ? -13.193 9.576   -2.913  1.00 25.22 ? 103 TRP A CA  1 
ATOM   633  C  C   . TRP A 1 85  ? -12.029 8.729   -3.425  1.00 24.40 ? 103 TRP A C   1 
ATOM   634  O  O   . TRP A 1 85  ? -12.225 7.600   -3.886  1.00 24.22 ? 103 TRP A O   1 
ATOM   635  C  CB  . TRP A 1 85  ? -13.820 10.372  -4.058  1.00 26.21 ? 103 TRP A CB  1 
ATOM   636  C  CG  . TRP A 1 85  ? -14.981 11.207  -3.607  1.00 27.53 ? 103 TRP A CG  1 
ATOM   637  C  CD1 . TRP A 1 85  ? -14.988 12.555  -3.383  1.00 28.76 ? 103 TRP A CD1 1 
ATOM   638  C  CD2 . TRP A 1 85  ? -16.301 10.740  -3.295  1.00 28.90 ? 103 TRP A CD2 1 
ATOM   639  N  NE1 . TRP A 1 85  ? -16.236 12.959  -2.963  1.00 29.21 ? 103 TRP A NE1 1 
ATOM   640  C  CE2 . TRP A 1 85  ? -17.061 11.867  -2.901  1.00 29.13 ? 103 TRP A CE2 1 
ATOM   641  C  CE3 . TRP A 1 85  ? -16.920 9.479   -3.315  1.00 29.41 ? 103 TRP A CE3 1 
ATOM   642  C  CZ2 . TRP A 1 85  ? -18.411 11.773  -2.536  1.00 28.87 ? 103 TRP A CZ2 1 
ATOM   643  C  CZ3 . TRP A 1 85  ? -18.267 9.385   -2.947  1.00 28.83 ? 103 TRP A CZ3 1 
ATOM   644  C  CH2 . TRP A 1 85  ? -18.994 10.526  -2.569  1.00 28.73 ? 103 TRP A CH2 1 
ATOM   645  N  N   . TYR A 1 86  ? -10.821 9.288   -3.338  1.00 23.16 ? 104 TYR A N   1 
ATOM   646  C  CA  . TYR A 1 86  ? -9.601  8.592   -3.733  1.00 22.43 ? 104 TYR A CA  1 
ATOM   647  C  C   . TYR A 1 86  ? -8.557  8.663   -2.621  1.00 21.86 ? 104 TYR A C   1 
ATOM   648  O  O   . TYR A 1 86  ? -8.591  9.564   -1.772  1.00 21.91 ? 104 TYR A O   1 
ATOM   649  C  CB  . TYR A 1 86  ? -9.026  9.171   -5.033  1.00 22.20 ? 104 TYR A CB  1 
ATOM   650  C  CG  . TYR A 1 86  ? -10.061 9.523   -6.074  1.00 22.47 ? 104 TYR A CG  1 
ATOM   651  C  CD1 . TYR A 1 86  ? -10.768 8.525   -6.744  1.00 22.91 ? 104 TYR A CD1 1 
ATOM   652  C  CD2 . TYR A 1 86  ? -10.344 10.857  -6.383  1.00 22.73 ? 104 TYR A CD2 1 
ATOM   653  C  CE1 . TYR A 1 86  ? -11.726 8.839   -7.703  1.00 22.83 ? 104 TYR A CE1 1 
ATOM   654  C  CE2 . TYR A 1 86  ? -11.302 11.186  -7.346  1.00 23.31 ? 104 TYR A CE2 1 
ATOM   655  C  CZ  . TYR A 1 86  ? -11.989 10.165  -7.998  1.00 22.90 ? 104 TYR A CZ  1 
ATOM   656  O  OH  . TYR A 1 86  ? -12.935 10.462  -8.945  1.00 23.09 ? 104 TYR A OH  1 
ATOM   657  N  N   . LEU A 1 87  ? -7.637  7.705   -2.638  1.00 21.05 ? 105 LEU A N   1 
ATOM   658  C  CA  . LEU A 1 87  ? -6.533  7.640   -1.686  1.00 20.51 ? 105 LEU A CA  1 
ATOM   659  C  C   . LEU A 1 87  ? -5.629  8.856   -1.850  1.00 19.87 ? 105 LEU A C   1 
ATOM   660  O  O   . LEU A 1 87  ? -5.311  9.247   -2.965  1.00 19.66 ? 105 LEU A O   1 
ATOM   661  C  CB  . LEU A 1 87  ? -5.735  6.351   -1.909  1.00 20.41 ? 105 LEU A CB  1 
ATOM   662  C  CG  . LEU A 1 87  ? -4.679  5.953   -0.879  1.00 21.15 ? 105 LEU A CG  1 
ATOM   663  C  CD1 . LEU A 1 87  ? -5.332  5.545   0.451   1.00 20.52 ? 105 LEU A CD1 1 
ATOM   664  C  CD2 . LEU A 1 87  ? -3.834  4.816   -1.440  1.00 20.65 ? 105 LEU A CD2 1 
ATOM   665  N  N   . LYS A 1 88  ? -5.215  9.442   -0.733  1.00 19.63 ? 106 LYS A N   1 
ATOM   666  C  CA  . LYS A 1 88  ? -4.469  10.694  -0.751  1.00 19.57 ? 106 LYS A CA  1 
ATOM   667  C  C   . LYS A 1 88  ? -3.077  10.610  -0.116  1.00 18.92 ? 106 LYS A C   1 
ATOM   668  O  O   . LYS A 1 88  ? -2.140  11.256  -0.586  1.00 18.97 ? 106 LYS A O   1 
ATOM   669  C  CB  . LYS A 1 88  ? -5.294  11.803  -0.092  1.00 19.77 ? 106 LYS A CB  1 
ATOM   670  C  CG  . LYS A 1 88  ? -6.530  12.225  -0.894  1.00 20.38 ? 106 LYS A CG  1 
ATOM   671  C  CD  . LYS A 1 88  ? -7.318  13.329  -0.188  1.00 20.89 ? 106 LYS A CD  1 
ATOM   672  C  CE  . LYS A 1 88  ? -6.594  14.667  -0.241  1.00 23.10 ? 106 LYS A CE  1 
ATOM   673  N  NZ  . LYS A 1 88  ? -6.805  15.371  -1.532  1.00 25.66 ? 106 LYS A NZ  1 
ATOM   674  N  N   . LYS A 1 89  ? -2.950  9.819   0.947   1.00 18.08 ? 107 LYS A N   1 
ATOM   675  C  CA  . LYS A 1 89  ? -1.691  9.678   1.665   1.00 17.49 ? 107 LYS A CA  1 
ATOM   676  C  C   . LYS A 1 89  ? -1.484  8.249   2.167   1.00 17.18 ? 107 LYS A C   1 
ATOM   677  O  O   . LYS A 1 89  ? -2.453  7.547   2.469   1.00 16.95 ? 107 LYS A O   1 
ATOM   678  C  CB  . LYS A 1 89  ? -1.615  10.662  2.842   1.00 17.41 ? 107 LYS A CB  1 
ATOM   679  C  CG  . LYS A 1 89  ? -0.214  10.797  3.417   1.00 17.59 ? 107 LYS A CG  1 
ATOM   680  C  CD  . LYS A 1 89  ? -0.185  11.390  4.804   1.00 19.02 ? 107 LYS A CD  1 
ATOM   681  C  CE  . LYS A 1 89  ? 1.254   11.720  5.174   1.00 21.42 ? 107 LYS A CE  1 
ATOM   682  N  NZ  . LYS A 1 89  ? 1.428   12.279  6.553   1.00 21.95 ? 107 LYS A NZ  1 
ATOM   683  N  N   . LEU A 1 90  ? -0.218  7.842   2.258   1.00 16.78 ? 108 LEU A N   1 
ATOM   684  C  CA  . LEU A 1 90  ? 0.166   6.537   2.797   1.00 16.52 ? 108 LEU A CA  1 
ATOM   685  C  C   . LEU A 1 90  ? 1.464   6.637   3.580   1.00 16.37 ? 108 LEU A C   1 
ATOM   686  O  O   . LEU A 1 90  ? 2.441   7.197   3.088   1.00 16.50 ? 108 LEU A O   1 
ATOM   687  C  CB  . LEU A 1 90  ? 0.354   5.520   1.667   1.00 16.57 ? 108 LEU A CB  1 
ATOM   688  C  CG  . LEU A 1 90  ? -0.824  4.843   0.973   1.00 16.27 ? 108 LEU A CG  1 
ATOM   689  C  CD1 . LEU A 1 90  ? -0.290  4.045   -0.207  1.00 16.48 ? 108 LEU A CD1 1 
ATOM   690  C  CD2 . LEU A 1 90  ? -1.598  3.942   1.931   1.00 15.28 ? 108 LEU A CD2 1 
ATOM   691  N  N   . VAL A 1 91  ? 1.473   6.097   4.796   1.00 16.27 ? 109 VAL A N   1 
ATOM   692  C  CA  . VAL A 1 91  ? 2.692   5.976   5.585   1.00 16.00 ? 109 VAL A CA  1 
ATOM   693  C  C   . VAL A 1 91  ? 2.923   4.507   5.970   1.00 16.16 ? 109 VAL A C   1 
ATOM   694  O  O   . VAL A 1 91  ? 2.102   3.899   6.657   1.00 16.48 ? 109 VAL A O   1 
ATOM   695  C  CB  . VAL A 1 91  ? 2.674   6.872   6.860   1.00 16.36 ? 109 VAL A CB  1 
ATOM   696  C  CG1 . VAL A 1 91  ? 4.018   6.798   7.606   1.00 15.90 ? 109 VAL A CG1 1 
ATOM   697  C  CG2 . VAL A 1 91  ? 2.347   8.319   6.518   1.00 16.01 ? 109 VAL A CG2 1 
ATOM   698  N  N   . PHE A 1 92  ? 4.037   3.949   5.505   1.00 15.83 ? 110 PHE A N   1 
ATOM   699  C  CA  . PHE A 1 92  ? 4.434   2.582   5.815   1.00 15.40 ? 110 PHE A CA  1 
ATOM   700  C  C   . PHE A 1 92  ? 5.446   2.633   6.951   1.00 15.54 ? 110 PHE A C   1 
ATOM   701  O  O   . PHE A 1 92  ? 6.535   3.195   6.789   1.00 15.48 ? 110 PHE A O   1 
ATOM   702  C  CB  . PHE A 1 92  ? 5.058   1.915   4.583   1.00 15.34 ? 110 PHE A CB  1 
ATOM   703  C  CG  . PHE A 1 92  ? 4.105   1.762   3.424   1.00 15.52 ? 110 PHE A CG  1 
ATOM   704  C  CD1 . PHE A 1 92  ? 3.394   0.578   3.246   1.00 14.42 ? 110 PHE A CD1 1 
ATOM   705  C  CD2 . PHE A 1 92  ? 3.912   2.808   2.517   1.00 14.54 ? 110 PHE A CD2 1 
ATOM   706  C  CE1 . PHE A 1 92  ? 2.509   0.428   2.177   1.00 15.60 ? 110 PHE A CE1 1 
ATOM   707  C  CE2 . PHE A 1 92  ? 3.022   2.681   1.450   1.00 15.23 ? 110 PHE A CE2 1 
ATOM   708  C  CZ  . PHE A 1 92  ? 2.316   1.493   1.272   1.00 15.26 ? 110 PHE A CZ  1 
ATOM   709  N  N   . VAL A 1 93  ? 5.061   2.088   8.104   1.00 15.28 ? 111 VAL A N   1 
ATOM   710  C  CA  . VAL A 1 93  ? 5.902   2.062   9.297   1.00 15.58 ? 111 VAL A CA  1 
ATOM   711  C  C   . VAL A 1 93  ? 6.583   0.696   9.364   1.00 15.76 ? 111 VAL A C   1 
ATOM   712  O  O   . VAL A 1 93  ? 5.918   -0.342  9.379   1.00 15.49 ? 111 VAL A O   1 
ATOM   713  C  CB  . VAL A 1 93  ? 5.070   2.298   10.593  1.00 15.82 ? 111 VAL A CB  1 
ATOM   714  C  CG1 . VAL A 1 93  ? 5.942   2.192   11.848  1.00 15.03 ? 111 VAL A CG1 1 
ATOM   715  C  CG2 . VAL A 1 93  ? 4.346   3.650   10.543  1.00 15.75 ? 111 VAL A CG2 1 
ATOM   716  N  N   . THR A 1 94  ? 7.909   0.699   9.398   1.00 16.25 ? 112 THR A N   1 
ATOM   717  C  CA  . THR A 1 94  ? 8.668   -0.557  9.377   1.00 16.79 ? 112 THR A CA  1 
ATOM   718  C  C   . THR A 1 94  ? 9.205   -0.947  10.747  1.00 17.40 ? 112 THR A C   1 
ATOM   719  O  O   . THR A 1 94  ? 9.267   -0.120  11.661  1.00 17.49 ? 112 THR A O   1 
ATOM   720  C  CB  . THR A 1 94  ? 9.845   -0.501  8.386   1.00 16.66 ? 112 THR A CB  1 
ATOM   721  O  OG1 . THR A 1 94  ? 10.953  0.179   8.988   1.00 16.50 ? 112 THR A OG1 1 
ATOM   722  C  CG2 . THR A 1 94  ? 9.444   0.194   7.079   1.00 15.90 ? 112 THR A CG2 1 
ATOM   723  N  N   . ASP A 1 95  ? 9.622   -2.205  10.872  1.00 18.01 ? 113 ASP A N   1 
ATOM   724  C  CA  . ASP A 1 95  ? 10.220  -2.700  12.109  1.00 18.57 ? 113 ASP A CA  1 
ATOM   725  C  C   . ASP A 1 95  ? 11.665  -2.245  12.310  1.00 19.11 ? 113 ASP A C   1 
ATOM   726  O  O   . ASP A 1 95  ? 12.317  -2.650  13.278  1.00 19.32 ? 113 ASP A O   1 
ATOM   727  C  CB  . ASP A 1 95  ? 10.095  -4.231  12.221  1.00 18.60 ? 113 ASP A CB  1 
ATOM   728  C  CG  . ASP A 1 95  ? 10.836  -4.977  11.125  1.00 18.78 ? 113 ASP A CG  1 
ATOM   729  O  OD1 . ASP A 1 95  ? 11.439  -4.365  10.218  1.00 19.21 ? 113 ASP A OD1 1 
ATOM   730  O  OD2 . ASP A 1 95  ? 10.808  -6.220  11.171  1.00 21.39 ? 113 ASP A OD2 1 
ATOM   731  N  N   . LYS A 1 96  ? 12.171  -1.428  11.382  1.00 19.50 ? 114 LYS A N   1 
ATOM   732  C  CA  . LYS A 1 96  ? 13.466  -0.769  11.563  1.00 20.17 ? 114 LYS A CA  1 
ATOM   733  C  C   . LYS A 1 96  ? 13.291  0.688   11.988  1.00 20.08 ? 114 LYS A C   1 
ATOM   734  O  O   . LYS A 1 96  ? 14.255  1.445   12.054  1.00 20.38 ? 114 LYS A O   1 
ATOM   735  C  CB  . LYS A 1 96  ? 14.357  -0.905  10.317  1.00 20.19 ? 114 LYS A CB  1 
ATOM   736  C  CG  . LYS A 1 96  ? 15.002  -2.277  10.206  1.00 22.05 ? 114 LYS A CG  1 
ATOM   737  C  CD  . LYS A 1 96  ? 16.173  -2.320  9.237   1.00 24.86 ? 114 LYS A CD  1 
ATOM   738  C  CE  . LYS A 1 96  ? 17.104  -3.503  9.566   1.00 27.54 ? 114 LYS A CE  1 
ATOM   739  N  NZ  . LYS A 1 96  ? 16.410  -4.845  9.478   1.00 28.91 ? 114 LYS A NZ  1 
ATOM   740  N  N   . GLY A 1 97  ? 12.051  1.058   12.293  1.00 20.18 ? 115 GLY A N   1 
ATOM   741  C  CA  . GLY A 1 97  ? 11.725  2.388   12.786  1.00 19.97 ? 115 GLY A CA  1 
ATOM   742  C  C   . GLY A 1 97  ? 11.651  3.444   11.704  1.00 20.08 ? 115 GLY A C   1 
ATOM   743  O  O   . GLY A 1 97  ? 11.760  4.638   11.995  1.00 20.35 ? 115 GLY A O   1 
ATOM   744  N  N   . ARG A 1 98  ? 11.482  3.018   10.453  1.00 19.76 ? 116 ARG A N   1 
ATOM   745  C  CA  . ARG A 1 98  ? 11.331  3.965   9.351   1.00 19.76 ? 116 ARG A CA  1 
ATOM   746  C  C   . ARG A 1 98  ? 9.860   4.264   9.062   1.00 19.73 ? 116 ARG A C   1 
ATOM   747  O  O   . ARG A 1 98  ? 8.989   3.401   9.193   1.00 19.18 ? 116 ARG A O   1 
ATOM   748  C  CB  . ARG A 1 98  ? 12.041  3.475   8.087   1.00 19.71 ? 116 ARG A CB  1 
ATOM   749  C  CG  . ARG A 1 98  ? 13.552  3.331   8.232   1.00 20.18 ? 116 ARG A CG  1 
ATOM   750  C  CD  . ARG A 1 98  ? 14.247  3.485   6.891   1.00 20.30 ? 116 ARG A CD  1 
ATOM   751  N  NE  . ARG A 1 98  ? 13.942  2.387   5.974   1.00 18.96 ? 116 ARG A NE  1 
ATOM   752  C  CZ  . ARG A 1 98  ? 14.136  2.426   4.659   1.00 19.58 ? 116 ARG A CZ  1 
ATOM   753  N  NH1 . ARG A 1 98  ? 14.632  3.521   4.075   1.00 20.00 ? 116 ARG A NH1 1 
ATOM   754  N  NH2 . ARG A 1 98  ? 13.820  1.370   3.917   1.00 18.27 ? 116 ARG A NH2 1 
ATOM   755  N  N   . TYR A 1 99  ? 9.599   5.503   8.669   1.00 20.06 ? 117 TYR A N   1 
ATOM   756  C  CA  . TYR A 1 99  ? 8.256   5.947   8.326   1.00 20.67 ? 117 TYR A CA  1 
ATOM   757  C  C   . TYR A 1 99  ? 8.271   6.406   6.874   1.00 20.48 ? 117 TYR A C   1 
ATOM   758  O  O   . TYR A 1 99  ? 8.735   7.500   6.566   1.00 20.88 ? 117 TYR A O   1 
ATOM   759  C  CB  . TYR A 1 99  ? 7.816   7.078   9.266   1.00 21.27 ? 117 TYR A CB  1 
ATOM   760  C  CG  . TYR A 1 99  ? 7.580   6.635   10.698  1.00 21.93 ? 117 TYR A CG  1 
ATOM   761  C  CD1 . TYR A 1 99  ? 6.289   6.532   11.209  1.00 22.37 ? 117 TYR A CD1 1 
ATOM   762  C  CD2 . TYR A 1 99  ? 8.649   6.313   11.539  1.00 22.70 ? 117 TYR A CD2 1 
ATOM   763  C  CE1 . TYR A 1 99  ? 6.068   6.119   12.522  1.00 22.82 ? 117 TYR A CE1 1 
ATOM   764  C  CE2 . TYR A 1 99  ? 8.437   5.891   12.849  1.00 22.42 ? 117 TYR A CE2 1 
ATOM   765  C  CZ  . TYR A 1 99  ? 7.145   5.800   13.332  1.00 22.49 ? 117 TYR A CZ  1 
ATOM   766  O  OH  . TYR A 1 99  ? 6.931   5.402   14.633  1.00 23.42 ? 117 TYR A OH  1 
ATOM   767  N  N   . LEU A 1 100 ? 7.790   5.549   5.981   1.00 20.37 ? 118 LEU A N   1 
ATOM   768  C  CA  . LEU A 1 100 ? 7.869   5.806   4.546   1.00 20.08 ? 118 LEU A CA  1 
ATOM   769  C  C   . LEU A 1 100 ? 6.580   6.451   4.061   1.00 20.17 ? 118 LEU A C   1 
ATOM   770  O  O   . LEU A 1 100 ? 5.568   5.779   3.878   1.00 20.09 ? 118 LEU A O   1 
ATOM   771  C  CB  . LEU A 1 100 ? 8.192   4.516   3.781   1.00 20.01 ? 118 LEU A CB  1 
ATOM   772  C  CG  . LEU A 1 100 ? 9.348   3.678   4.350   1.00 20.05 ? 118 LEU A CG  1 
ATOM   773  C  CD1 . LEU A 1 100 ? 9.493   2.366   3.597   1.00 19.44 ? 118 LEU A CD1 1 
ATOM   774  C  CD2 . LEU A 1 100 ? 10.665  4.455   4.358   1.00 19.37 ? 118 LEU A CD2 1 
ATOM   775  N  N   . SER A 1 101 ? 6.640   7.761   3.855   1.00 20.52 ? 119 SER A N   1 
ATOM   776  C  CA  . SER A 1 101 ? 5.458   8.588   3.650   1.00 21.38 ? 119 SER A CA  1 
ATOM   777  C  C   . SER A 1 101 ? 5.302   9.034   2.200   1.00 21.54 ? 119 SER A C   1 
ATOM   778  O  O   . SER A 1 101 ? 6.285   9.388   1.538   1.00 21.38 ? 119 SER A O   1 
ATOM   779  C  CB  . SER A 1 101 ? 5.514   9.807   4.571   1.00 21.41 ? 119 SER A CB  1 
ATOM   780  O  OG  . SER A 1 101 ? 4.246   10.429  4.660   1.00 23.75 ? 119 SER A OG  1 
ATOM   781  N  N   . PHE A 1 102 ? 4.063   8.997   1.715   1.00 21.58 ? 120 PHE A N   1 
ATOM   782  C  CA  . PHE A 1 102 ? 3.754   9.336   0.333   1.00 22.12 ? 120 PHE A CA  1 
ATOM   783  C  C   . PHE A 1 102 ? 2.467   10.140  0.277   1.00 23.01 ? 120 PHE A C   1 
ATOM   784  O  O   . PHE A 1 102 ? 1.470   9.755   0.889   1.00 23.12 ? 120 PHE A O   1 
ATOM   785  C  CB  . PHE A 1 102 ? 3.580   8.075   -0.524  1.00 21.63 ? 120 PHE A CB  1 
ATOM   786  C  CG  . PHE A 1 102 ? 4.792   7.175   -0.568  1.00 20.82 ? 120 PHE A CG  1 
ATOM   787  C  CD1 . PHE A 1 102 ? 5.784   7.362   -1.530  1.00 19.45 ? 120 PHE A CD1 1 
ATOM   788  C  CD2 . PHE A 1 102 ? 4.927   6.125   0.344   1.00 19.94 ? 120 PHE A CD2 1 
ATOM   789  C  CE1 . PHE A 1 102 ? 6.901   6.520   -1.579  1.00 19.07 ? 120 PHE A CE1 1 
ATOM   790  C  CE2 . PHE A 1 102 ? 6.032   5.275   0.308   1.00 19.10 ? 120 PHE A CE2 1 
ATOM   791  C  CZ  . PHE A 1 102 ? 7.023   5.472   -0.658  1.00 19.80 ? 120 PHE A CZ  1 
ATOM   792  N  N   . GLY A 1 103 ? 2.492   11.253  -0.451  1.00 24.06 ? 121 GLY A N   1 
ATOM   793  C  CA  . GLY A 1 103 ? 1.274   12.002  -0.759  1.00 25.48 ? 121 GLY A CA  1 
ATOM   794  C  C   . GLY A 1 103 ? 0.966   13.162  0.163   1.00 26.68 ? 121 GLY A C   1 
ATOM   795  O  O   . GLY A 1 103 ? 1.819   13.607  0.930   1.00 26.67 ? 121 GLY A O   1 
ATOM   796  N  N   . LYS A 1 104 ? -0.278  13.632  0.101   1.00 28.03 ? 122 LYS A N   1 
ATOM   797  C  CA  . LYS A 1 104 ? -0.665  14.887  0.743   1.00 29.06 ? 122 LYS A CA  1 
ATOM   798  C  C   . LYS A 1 104 ? -1.483  14.685  2.009   1.00 29.16 ? 122 LYS A C   1 
ATOM   799  O  O   . LYS A 1 104 ? -2.411  13.887  2.044   1.00 29.13 ? 122 LYS A O   1 
ATOM   800  C  CB  . LYS A 1 104 ? -1.410  15.787  -0.249  1.00 29.61 ? 122 LYS A CB  1 
ATOM   801  C  CG  . LYS A 1 104 ? -0.588  16.198  -1.482  1.00 31.03 ? 122 LYS A CG  1 
ATOM   802  C  CD  . LYS A 1 104 ? 0.554   17.155  -1.144  1.00 32.39 ? 122 LYS A CD  1 
ATOM   803  C  CE  . LYS A 1 104 ? 1.087   17.848  -2.394  1.00 33.52 ? 122 LYS A CE  1 
ATOM   804  N  NZ  . LYS A 1 104 ? 1.715   16.903  -3.366  1.00 35.04 ? 122 LYS A NZ  1 
ATOM   805  N  N   . ASP A 1 105 ? -1.129  15.445  3.038   1.00 29.69 ? 123 ASP A N   1 
ATOM   806  C  CA  . ASP A 1 105 ? -1.680  15.292  4.378   1.00 30.14 ? 123 ASP A CA  1 
ATOM   807  C  C   . ASP A 1 105 ? -3.057  15.941  4.496   1.00 29.97 ? 123 ASP A C   1 
ATOM   808  O  O   . ASP A 1 105 ? -3.194  17.023  5.070   1.00 30.58 ? 123 ASP A O   1 
ATOM   809  C  CB  . ASP A 1 105 ? -0.704  15.908  5.385   1.00 30.73 ? 123 ASP A CB  1 
ATOM   810  C  CG  . ASP A 1 105 ? -0.859  15.346  6.784   1.00 32.24 ? 123 ASP A CG  1 
ATOM   811  O  OD1 . ASP A 1 105 ? -1.836  14.615  7.054   1.00 33.63 ? 123 ASP A OD1 1 
ATOM   812  O  OD2 . ASP A 1 105 ? 0.014   15.649  7.627   1.00 34.28 ? 123 ASP A OD2 1 
ATOM   813  N  N   . SER A 1 106 ? -4.072  15.270  3.953   1.00 29.57 ? 124 SER A N   1 
ATOM   814  C  CA  . SER A 1 106 ? -5.440  15.783  3.938   1.00 29.21 ? 124 SER A CA  1 
ATOM   815  C  C   . SER A 1 106 ? -6.461  14.668  3.719   1.00 28.56 ? 124 SER A C   1 
ATOM   816  O  O   . SER A 1 106 ? -6.206  13.723  2.976   1.00 28.66 ? 124 SER A O   1 
ATOM   817  C  CB  . SER A 1 106 ? -5.594  16.851  2.847   1.00 29.44 ? 124 SER A CB  1 
ATOM   818  O  OG  . SER A 1 106 ? -6.937  17.299  2.746   1.00 30.80 ? 124 SER A OG  1 
ATOM   819  N  N   . GLY A 1 107 ? -7.619  14.793  4.360   1.00 27.79 ? 125 GLY A N   1 
ATOM   820  C  CA  . GLY A 1 107 ? -8.718  13.846  4.171   1.00 26.95 ? 125 GLY A CA  1 
ATOM   821  C  C   . GLY A 1 107 ? -9.050  13.019  5.401   1.00 26.19 ? 125 GLY A C   1 
ATOM   822  O  O   . GLY A 1 107 ? -8.564  13.298  6.496   1.00 26.48 ? 125 GLY A O   1 
ATOM   823  N  N   . THR A 1 108 ? -9.900  12.013  5.213   1.00 25.52 ? 126 THR A N   1 
ATOM   824  C  CA  . THR A 1 108 ? -10.230 11.045  6.252   1.00 24.72 ? 126 THR A CA  1 
ATOM   825  C  C   . THR A 1 108 ? -9.005  10.167  6.542   1.00 24.27 ? 126 THR A C   1 
ATOM   826  O  O   . THR A 1 108 ? -8.478  9.498   5.643   1.00 23.76 ? 126 THR A O   1 
ATOM   827  C  CB  . THR A 1 108 ? -11.414 10.151  5.820   1.00 24.83 ? 126 THR A CB  1 
ATOM   828  O  OG1 . THR A 1 108 ? -12.558 10.966  5.533   1.00 25.41 ? 126 THR A OG1 1 
ATOM   829  C  CG2 . THR A 1 108 ? -11.770 9.138   6.908   1.00 24.97 ? 126 THR A CG2 1 
ATOM   830  N  N   . SER A 1 109 ? -8.556  10.181  7.798   1.00 23.36 ? 127 SER A N   1 
ATOM   831  C  CA  . SER A 1 109 ? -7.402  9.396   8.213   1.00 22.42 ? 127 SER A CA  1 
ATOM   832  C  C   . SER A 1 109 ? -7.768  7.951   8.579   1.00 21.66 ? 127 SER A C   1 
ATOM   833  O  O   . SER A 1 109 ? -8.882  7.667   9.018   1.00 21.24 ? 127 SER A O   1 
ATOM   834  C  CB  . SER A 1 109 ? -6.677  10.083  9.377   1.00 22.46 ? 127 SER A CB  1 
ATOM   835  O  OG  . SER A 1 109 ? -7.480  10.115  10.544  1.00 23.14 ? 127 SER A OG  1 
ATOM   836  N  N   . PHE A 1 110 ? -6.822  7.040   8.374   1.00 20.63 ? 128 PHE A N   1 
ATOM   837  C  CA  . PHE A 1 110 ? -6.951  5.674   8.868   1.00 19.53 ? 128 PHE A CA  1 
ATOM   838  C  C   . PHE A 1 110 ? -5.624  5.213   9.451   1.00 19.19 ? 128 PHE A C   1 
ATOM   839  O  O   . PHE A 1 110 ? -4.579  5.807   9.192   1.00 18.86 ? 128 PHE A O   1 
ATOM   840  C  CB  . PHE A 1 110 ? -7.466  4.716   7.782   1.00 19.36 ? 128 PHE A CB  1 
ATOM   841  C  CG  . PHE A 1 110 ? -6.464  4.413   6.690   1.00 18.94 ? 128 PHE A CG  1 
ATOM   842  C  CD1 . PHE A 1 110 ? -5.497  3.416   6.863   1.00 16.94 ? 128 PHE A CD1 1 
ATOM   843  C  CD2 . PHE A 1 110 ? -6.495  5.118   5.485   1.00 17.92 ? 128 PHE A CD2 1 
ATOM   844  C  CE1 . PHE A 1 110 ? -4.573  3.132   5.859   1.00 16.65 ? 128 PHE A CE1 1 
ATOM   845  C  CE2 . PHE A 1 110 ? -5.576  4.837   4.467   1.00 17.63 ? 128 PHE A CE2 1 
ATOM   846  C  CZ  . PHE A 1 110 ? -4.612  3.841   4.658   1.00 17.29 ? 128 PHE A CZ  1 
ATOM   847  N  N   . ASN A 1 111 ? -5.681  4.154   10.247  1.00 19.02 ? 129 ASN A N   1 
ATOM   848  C  CA  . ASN A 1 111 ? -4.525  3.666   10.975  1.00 18.62 ? 129 ASN A CA  1 
ATOM   849  C  C   . ASN A 1 111 ? -4.654  2.159   11.127  1.00 18.41 ? 129 ASN A C   1 
ATOM   850  O  O   . ASN A 1 111 ? -5.459  1.669   11.924  1.00 18.28 ? 129 ASN A O   1 
ATOM   851  C  CB  . ASN A 1 111 ? -4.420  4.359   12.336  1.00 18.61 ? 129 ASN A CB  1 
ATOM   852  C  CG  . ASN A 1 111 ? -3.056  4.181   12.981  1.00 18.87 ? 129 ASN A CG  1 
ATOM   853  O  OD1 . ASN A 1 111 ? -2.654  3.069   13.332  1.00 18.96 ? 129 ASN A OD1 1 
ATOM   854  N  ND2 . ASN A 1 111 ? -2.346  5.283   13.158  1.00 19.46 ? 129 ASN A ND2 1 
ATOM   855  N  N   . ALA A 1 112 ? -3.870  1.435   10.333  1.00 18.09 ? 130 ALA A N   1 
ATOM   856  C  CA  . ALA A 1 112 ? -4.016  -0.005  10.210  1.00 17.88 ? 130 ALA A CA  1 
ATOM   857  C  C   . ALA A 1 112 ? -2.889  -0.727  10.920  1.00 17.90 ? 130 ALA A C   1 
ATOM   858  O  O   . ALA A 1 112 ? -1.712  -0.462  10.676  1.00 17.35 ? 130 ALA A O   1 
ATOM   859  C  CB  . ALA A 1 112 ? -4.067  -0.405  8.748   1.00 17.62 ? 130 ALA A CB  1 
ATOM   860  N  N   . VAL A 1 113 ? -3.271  -1.622  11.824  1.00 18.55 ? 131 VAL A N   1 
ATOM   861  C  CA  . VAL A 1 113 ? -2.324  -2.490  12.528  1.00 18.95 ? 131 VAL A CA  1 
ATOM   862  C  C   . VAL A 1 113 ? -2.759  -3.955  12.394  1.00 18.83 ? 131 VAL A C   1 
ATOM   863  O  O   . VAL A 1 113 ? -3.960  -4.242  12.276  1.00 19.32 ? 131 VAL A O   1 
ATOM   864  C  CB  . VAL A 1 113 ? -2.150  -2.096  14.023  1.00 19.09 ? 131 VAL A CB  1 
ATOM   865  C  CG1 . VAL A 1 113 ? -1.497  -0.725  14.144  1.00 19.64 ? 131 VAL A CG1 1 
ATOM   866  C  CG2 . VAL A 1 113 ? -3.478  -2.127  14.759  1.00 19.86 ? 131 VAL A CG2 1 
ATOM   867  N  N   . PRO A 1 114 ? -1.784  -4.883  12.375  1.00 18.53 ? 132 PRO A N   1 
ATOM   868  C  CA  . PRO A 1 114 ? -2.114  -6.300  12.276  1.00 18.39 ? 132 PRO A CA  1 
ATOM   869  C  C   . PRO A 1 114 ? -2.865  -6.802  13.509  1.00 18.52 ? 132 PRO A C   1 
ATOM   870  O  O   . PRO A 1 114 ? -2.581  -6.389  14.638  1.00 18.41 ? 132 PRO A O   1 
ATOM   871  C  CB  . PRO A 1 114 ? -0.749  -6.976  12.151  1.00 17.79 ? 132 PRO A CB  1 
ATOM   872  C  CG  . PRO A 1 114 ? 0.207   -6.033  12.723  1.00 18.40 ? 132 PRO A CG  1 
ATOM   873  C  CD  . PRO A 1 114 ? -0.330  -4.664  12.441  1.00 18.60 ? 132 PRO A CD  1 
ATOM   874  N  N   . LEU A 1 115 ? -3.835  -7.672  13.278  1.00 18.68 ? 133 LEU A N   1 
ATOM   875  C  CA  . LEU A 1 115 ? -4.667  -8.187  14.349  1.00 19.21 ? 133 LEU A CA  1 
ATOM   876  C  C   . LEU A 1 115 ? -3.917  -9.172  15.247  1.00 19.07 ? 133 LEU A C   1 
ATOM   877  O  O   . LEU A 1 115 ? -4.103  -9.169  16.459  1.00 18.98 ? 133 LEU A O   1 
ATOM   878  C  CB  . LEU A 1 115 ? -5.920  -8.844  13.760  1.00 19.31 ? 133 LEU A CB  1 
ATOM   879  C  CG  . LEU A 1 115 ? -6.934  -9.619  14.606  1.00 20.25 ? 133 LEU A CG  1 
ATOM   880  C  CD1 . LEU A 1 115 ? -7.526  -8.760  15.719  1.00 20.99 ? 133 LEU A CD1 1 
ATOM   881  C  CD2 . LEU A 1 115 ? -8.034  -10.166 13.691  1.00 19.85 ? 133 LEU A CD2 1 
ATOM   882  N  N   . HIS A 1 116 ? -3.067  -10.004 14.652  1.00 18.74 ? 134 HIS A N   1 
ATOM   883  C  CA  . HIS A 1 116 ? -2.516  -11.147 15.381  1.00 18.73 ? 134 HIS A CA  1 
ATOM   884  C  C   . HIS A 1 116 ? -1.035  -11.016 15.703  1.00 18.41 ? 134 HIS A C   1 
ATOM   885  O  O   . HIS A 1 116 ? -0.350  -10.177 15.104  1.00 18.08 ? 134 HIS A O   1 
ATOM   886  C  CB  . HIS A 1 116 ? -2.807  -12.440 14.622  1.00 18.84 ? 134 HIS A CB  1 
ATOM   887  C  CG  . HIS A 1 116 ? -4.266  -12.761 14.532  1.00 19.79 ? 134 HIS A CG  1 
ATOM   888  N  ND1 . HIS A 1 116 ? -5.070  -12.885 15.645  1.00 20.93 ? 134 HIS A ND1 1 
ATOM   889  C  CD2 . HIS A 1 116 ? -5.065  -12.976 13.462  1.00 20.11 ? 134 HIS A CD2 1 
ATOM   890  C  CE1 . HIS A 1 116 ? -6.302  -13.167 15.263  1.00 22.55 ? 134 HIS A CE1 1 
ATOM   891  N  NE2 . HIS A 1 116 ? -6.326  -13.233 13.944  1.00 22.30 ? 134 HIS A NE2 1 
ATOM   892  N  N   . PRO A 1 117 ? -0.540  -11.832 16.664  1.00 18.44 ? 135 PRO A N   1 
ATOM   893  C  CA  . PRO A 1 117 ? 0.864   -11.755 17.070  1.00 18.51 ? 135 PRO A CA  1 
ATOM   894  C  C   . PRO A 1 117 ? 1.847   -11.948 15.925  1.00 18.99 ? 135 PRO A C   1 
ATOM   895  O  O   . PRO A 1 117 ? 1.656   -12.805 15.062  1.00 18.36 ? 135 PRO A O   1 
ATOM   896  C  CB  . PRO A 1 117 ? 1.009   -12.898 18.081  1.00 18.61 ? 135 PRO A CB  1 
ATOM   897  C  CG  . PRO A 1 117 ? -0.363  -13.117 18.603  1.00 18.59 ? 135 PRO A CG  1 
ATOM   898  C  CD  . PRO A 1 117 ? -1.270  -12.850 17.443  1.00 18.13 ? 135 PRO A CD  1 
ATOM   899  N  N   . ASN A 1 118 ? 2.886   -11.119 15.944  1.00 19.89 ? 136 ASN A N   1 
ATOM   900  C  CA  . ASN A 1 118 ? 4.053   -11.252 15.083  1.00 20.44 ? 136 ASN A CA  1 
ATOM   901  C  C   . ASN A 1 118 ? 3.719   -11.470 13.610  1.00 20.18 ? 136 ASN A C   1 
ATOM   902  O  O   . ASN A 1 118 ? 4.205   -12.413 12.963  1.00 20.64 ? 136 ASN A O   1 
ATOM   903  C  CB  . ASN A 1 118 ? 4.997   -12.306 15.660  1.00 21.12 ? 136 ASN A CB  1 
ATOM   904  C  CG  . ASN A 1 118 ? 5.223   -12.118 17.171  1.00 22.63 ? 136 ASN A CG  1 
ATOM   905  O  OD1 . ASN A 1 118 ? 5.220   -13.090 17.932  1.00 25.06 ? 136 ASN A OD1 1 
ATOM   906  N  ND2 . ASN A 1 118 ? 5.382   -10.861 17.609  1.00 21.64 ? 136 ASN A ND2 1 
ATOM   907  N  N   . THR A 1 119 ? 2.861   -10.588 13.102  1.00 19.13 ? 137 THR A N   1 
ATOM   908  C  CA  . THR A 1 119 ? 2.521   -10.566 11.690  1.00 18.55 ? 137 THR A CA  1 
ATOM   909  C  C   . THR A 1 119 ? 2.972   -9.240  11.068  1.00 17.85 ? 137 THR A C   1 
ATOM   910  O  O   . THR A 1 119 ? 3.174   -8.242  11.771  1.00 17.65 ? 137 THR A O   1 
ATOM   911  C  CB  . THR A 1 119 ? 1.014   -10.815 11.438  1.00 18.56 ? 137 THR A CB  1 
ATOM   912  O  OG1 . THR A 1 119 ? 0.234   -9.944  12.260  1.00 19.50 ? 137 THR A OG1 1 
ATOM   913  C  CG2 . THR A 1 119 ? 0.638   -12.262 11.753  1.00 18.56 ? 137 THR A CG2 1 
ATOM   914  N  N   . VAL A 1 120 ? 3.154   -9.253  9.748   1.00 16.63 ? 138 VAL A N   1 
ATOM   915  C  CA  . VAL A 1 120 ? 3.670   -8.102  9.013   1.00 15.15 ? 138 VAL A CA  1 
ATOM   916  C  C   . VAL A 1 120 ? 2.894   -7.970  7.705   1.00 14.45 ? 138 VAL A C   1 
ATOM   917  O  O   . VAL A 1 120 ? 2.093   -8.842  7.368   1.00 14.35 ? 138 VAL A O   1 
ATOM   918  C  CB  . VAL A 1 120 ? 5.187   -8.249  8.709   1.00 15.16 ? 138 VAL A CB  1 
ATOM   919  C  CG1 . VAL A 1 120 ? 6.005   -8.323  9.999   1.00 14.77 ? 138 VAL A CG1 1 
ATOM   920  C  CG2 . VAL A 1 120 ? 5.449   -9.474  7.832   1.00 14.62 ? 138 VAL A CG2 1 
ATOM   921  N  N   . LEU A 1 121 ? 3.128   -6.889  6.973   1.00 13.11 ? 139 LEU A N   1 
ATOM   922  C  CA  . LEU A 1 121 ? 2.445   -6.680  5.699   1.00 12.22 ? 139 LEU A CA  1 
ATOM   923  C  C   . LEU A 1 121 ? 2.968   -7.670  4.664   1.00 11.76 ? 139 LEU A C   1 
ATOM   924  O  O   . LEU A 1 121 ? 4.165   -7.689  4.368   1.00 11.19 ? 139 LEU A O   1 
ATOM   925  C  CB  . LEU A 1 121 ? 2.599   -5.232  5.223   1.00 11.75 ? 139 LEU A CB  1 
ATOM   926  C  CG  . LEU A 1 121 ? 1.810   -4.794  3.984   1.00 12.07 ? 139 LEU A CG  1 
ATOM   927  C  CD1 . LEU A 1 121 ? 0.290   -4.801  4.215   1.00 12.19 ? 139 LEU A CD1 1 
ATOM   928  C  CD2 . LEU A 1 121 ? 2.275   -3.421  3.537   1.00 11.87 ? 139 LEU A CD2 1 
ATOM   929  N  N   . ARG A 1 122 ? 2.067   -8.504  4.150   1.00 11.78 ? 140 ARG A N   1 
ATOM   930  C  CA  . ARG A 1 122 ? 2.421   -9.537  3.172   1.00 11.98 ? 140 ARG A CA  1 
ATOM   931  C  C   . ARG A 1 122 ? 2.006   -9.200  1.750   1.00 11.97 ? 140 ARG A C   1 
ATOM   932  O  O   . ARG A 1 122 ? 2.693   -9.573  0.793   1.00 12.08 ? 140 ARG A O   1 
ATOM   933  C  CB  . ARG A 1 122 ? 1.884   -10.916 3.589   1.00 11.73 ? 140 ARG A CB  1 
ATOM   934  C  CG  . ARG A 1 122 ? 2.731   -11.611 4.674   1.00 12.12 ? 140 ARG A CG  1 
ATOM   935  C  CD  . ARG A 1 122 ? 4.243   -11.512 4.427   1.00 12.96 ? 140 ARG A CD  1 
ATOM   936  N  NE  . ARG A 1 122 ? 5.030   -12.200 5.457   1.00 13.27 ? 140 ARG A NE  1 
ATOM   937  C  CZ  . ARG A 1 122 ? 6.311   -11.956 5.735   1.00 14.59 ? 140 ARG A CZ  1 
ATOM   938  N  NH1 . ARG A 1 122 ? 6.991   -11.026 5.073   1.00 14.61 ? 140 ARG A NH1 1 
ATOM   939  N  NH2 . ARG A 1 122 ? 6.922   -12.642 6.696   1.00 15.62 ? 140 ARG A NH2 1 
ATOM   940  N  N   . PHE A 1 123 ? 0.882   -8.502  1.610   1.00 12.04 ? 141 PHE A N   1 
ATOM   941  C  CA  . PHE A 1 123 ? 0.448   -7.989  0.310   1.00 12.40 ? 141 PHE A CA  1 
ATOM   942  C  C   . PHE A 1 123 ? -0.621  -6.922  0.476   1.00 12.91 ? 141 PHE A C   1 
ATOM   943  O  O   . PHE A 1 123 ? -1.146  -6.727  1.575   1.00 12.71 ? 141 PHE A O   1 
ATOM   944  C  CB  . PHE A 1 123 ? 0.011   -9.104  -0.676  1.00 12.31 ? 141 PHE A CB  1 
ATOM   945  C  CG  . PHE A 1 123 ? -1.247  -9.853  -0.280  1.00 12.95 ? 141 PHE A CG  1 
ATOM   946  C  CD1 . PHE A 1 123 ? -2.487  -9.482  -0.794  1.00 13.41 ? 141 PHE A CD1 1 
ATOM   947  C  CD2 . PHE A 1 123 ? -1.183  -10.955 0.568   1.00 13.97 ? 141 PHE A CD2 1 
ATOM   948  C  CE1 . PHE A 1 123 ? -3.643  -10.176 -0.446  1.00 13.59 ? 141 PHE A CE1 1 
ATOM   949  C  CE2 . PHE A 1 123 ? -2.344  -11.661 0.934   1.00 13.56 ? 141 PHE A CE2 1 
ATOM   950  C  CZ  . PHE A 1 123 ? -3.563  -11.281 0.429   1.00 13.05 ? 141 PHE A CZ  1 
ATOM   951  N  N   . ILE A 1 124 ? -0.911  -6.212  -0.615  1.00 13.01 ? 142 ILE A N   1 
ATOM   952  C  CA  . ILE A 1 124 ? -1.933  -5.179  -0.600  1.00 13.43 ? 142 ILE A CA  1 
ATOM   953  C  C   . ILE A 1 124 ? -3.017  -5.500  -1.635  1.00 14.02 ? 142 ILE A C   1 
ATOM   954  O  O   . ILE A 1 124 ? -2.771  -6.208  -2.610  1.00 14.25 ? 142 ILE A O   1 
ATOM   955  C  CB  . ILE A 1 124 ? -1.337  -3.740  -0.846  1.00 13.52 ? 142 ILE A CB  1 
ATOM   956  C  CG1 . ILE A 1 124 ? -0.789  -3.570  -2.274  1.00 12.93 ? 142 ILE A CG1 1 
ATOM   957  C  CG2 . ILE A 1 124 ? -0.258  -3.398  0.195   1.00 12.52 ? 142 ILE A CG2 1 
ATOM   958  C  CD1 . ILE A 1 124 ? -0.585  -2.097  -2.686  1.00 13.23 ? 142 ILE A CD1 1 
ATOM   959  N  N   . SER A 1 125 ? -4.217  -4.995  -1.404  1.00 14.21 ? 143 SER A N   1 
ATOM   960  C  CA  . SER A 1 125 ? -5.227  -4.990  -2.444  1.00 14.77 ? 143 SER A CA  1 
ATOM   961  C  C   . SER A 1 125 ? -5.885  -3.617  -2.464  1.00 15.11 ? 143 SER A C   1 
ATOM   962  O  O   . SER A 1 125 ? -5.435  -2.692  -1.779  1.00 15.21 ? 143 SER A O   1 
ATOM   963  C  CB  . SER A 1 125 ? -6.257  -6.114  -2.231  1.00 14.65 ? 143 SER A CB  1 
ATOM   964  O  OG  . SER A 1 125 ? -6.960  -5.955  -1.013  1.00 14.70 ? 143 SER A OG  1 
ATOM   965  N  N   . GLY A 1 126 ? -6.936  -3.485  -3.261  1.00 15.91 ? 144 GLY A N   1 
ATOM   966  C  CA  . GLY A 1 126 ? -7.701  -2.251  -3.315  1.00 16.53 ? 144 GLY A CA  1 
ATOM   967  C  C   . GLY A 1 126 ? -8.461  -2.105  -4.611  1.00 17.02 ? 144 GLY A C   1 
ATOM   968  O  O   . GLY A 1 126 ? -8.807  -3.104  -5.264  1.00 16.77 ? 144 GLY A O   1 
ATOM   969  N  N   . ARG A 1 127 ? -8.719  -0.850  -4.970  1.00 17.23 ? 145 ARG A N   1 
ATOM   970  C  CA  . ARG A 1 127 ? -9.412  -0.495  -6.207  1.00 17.85 ? 145 ARG A CA  1 
ATOM   971  C  C   . ARG A 1 127 ? -8.594  0.559   -6.931  1.00 17.82 ? 145 ARG A C   1 
ATOM   972  O  O   . ARG A 1 127 ? -7.985  1.424   -6.297  1.00 17.99 ? 145 ARG A O   1 
ATOM   973  C  CB  . ARG A 1 127 ? -10.808 0.061   -5.909  1.00 17.65 ? 145 ARG A CB  1 
ATOM   974  C  CG  . ARG A 1 127 ? -11.700 -0.837  -5.050  1.00 18.74 ? 145 ARG A CG  1 
ATOM   975  C  CD  . ARG A 1 127 ? -13.153 -0.364  -5.068  1.00 18.87 ? 145 ARG A CD  1 
ATOM   976  N  NE  . ARG A 1 127 ? -13.769 -0.637  -6.366  1.00 22.84 ? 145 ARG A NE  1 
ATOM   977  C  CZ  . ARG A 1 127 ? -14.450 -1.742  -6.676  1.00 23.88 ? 145 ARG A CZ  1 
ATOM   978  N  NH1 . ARG A 1 127 ? -14.637 -2.703  -5.778  1.00 23.50 ? 145 ARG A NH1 1 
ATOM   979  N  NH2 . ARG A 1 127 ? -14.951 -1.884  -7.898  1.00 24.80 ? 145 ARG A NH2 1 
ATOM   980  N  N   . SER A 1 128 ? -8.578  0.492   -8.256  1.00 18.05 ? 146 SER A N   1 
ATOM   981  C  CA  . SER A 1 128 ? -7.832  1.456   -9.054  1.00 18.30 ? 146 SER A CA  1 
ATOM   982  C  C   . SER A 1 128 ? -8.480  1.731   -10.407 1.00 18.54 ? 146 SER A C   1 
ATOM   983  O  O   . SER A 1 128 ? -9.243  0.918   -10.932 1.00 18.48 ? 146 SER A O   1 
ATOM   984  C  CB  . SER A 1 128 ? -6.369  1.013   -9.235  1.00 18.20 ? 146 SER A CB  1 
ATOM   985  O  OG  . SER A 1 128 ? -6.244  -0.005  -10.211 1.00 18.50 ? 146 SER A OG  1 
ATOM   986  N  N   . GLY A 1 129 ? -8.164  2.898   -10.953 1.00 18.68 ? 147 GLY A N   1 
ATOM   987  C  CA  . GLY A 1 129 ? -8.573  3.281   -12.294 1.00 18.77 ? 147 GLY A CA  1 
ATOM   988  C  C   . GLY A 1 129 ? -7.482  4.182   -12.804 1.00 18.79 ? 147 GLY A C   1 
ATOM   989  O  O   . GLY A 1 129 ? -6.374  3.717   -13.081 1.00 19.25 ? 147 GLY A O   1 
ATOM   990  N  N   . SER A 1 130 ? -7.783  5.476   -12.892 1.00 18.60 ? 148 SER A N   1 
ATOM   991  C  CA  . SER A 1 130 ? -6.781  6.477   -13.240 1.00 18.75 ? 148 SER A CA  1 
ATOM   992  C  C   . SER A 1 130 ? -6.052  6.951   -11.977 1.00 18.24 ? 148 SER A C   1 
ATOM   993  O  O   . SER A 1 130 ? -5.004  7.597   -12.046 1.00 18.20 ? 148 SER A O   1 
ATOM   994  C  CB  . SER A 1 130 ? -7.418  7.652   -13.995 1.00 18.97 ? 148 SER A CB  1 
ATOM   995  O  OG  . SER A 1 130 ? -8.242  8.419   -13.132 1.00 21.63 ? 148 SER A OG  1 
ATOM   996  N  N   . LEU A 1 131 ? -6.619  6.605   -10.823 1.00 17.82 ? 149 LEU A N   1 
ATOM   997  C  CA  . LEU A 1 131 ? -6.030  6.890   -9.517  1.00 17.03 ? 149 LEU A CA  1 
ATOM   998  C  C   . LEU A 1 131 ? -6.131  5.626   -8.669  1.00 16.66 ? 149 LEU A C   1 
ATOM   999  O  O   . LEU A 1 131 ? -6.563  4.587   -9.169  1.00 16.92 ? 149 LEU A O   1 
ATOM   1000 C  CB  . LEU A 1 131 ? -6.779  8.046   -8.839  1.00 16.75 ? 149 LEU A CB  1 
ATOM   1001 C  CG  . LEU A 1 131 ? -6.745  9.423   -9.523  1.00 15.94 ? 149 LEU A CG  1 
ATOM   1002 C  CD1 . LEU A 1 131 ? -7.780  10.338  -8.908  1.00 14.90 ? 149 LEU A CD1 1 
ATOM   1003 C  CD2 . LEU A 1 131 ? -5.352  10.055  -9.467  1.00 14.83 ? 149 LEU A CD2 1 
ATOM   1004 N  N   . ILE A 1 132 ? -5.734  5.710   -7.400  1.00 16.03 ? 150 ILE A N   1 
ATOM   1005 C  CA  . ILE A 1 132 ? -6.039  4.655   -6.441  1.00 15.73 ? 150 ILE A CA  1 
ATOM   1006 C  C   . ILE A 1 132 ? -7.304  5.051   -5.691  1.00 16.03 ? 150 ILE A C   1 
ATOM   1007 O  O   . ILE A 1 132 ? -7.328  6.045   -4.967  1.00 16.03 ? 150 ILE A O   1 
ATOM   1008 C  CB  . ILE A 1 132 ? -4.860  4.337   -5.458  1.00 15.79 ? 150 ILE A CB  1 
ATOM   1009 C  CG1 . ILE A 1 132 ? -3.586  3.961   -6.237  1.00 14.82 ? 150 ILE A CG1 1 
ATOM   1010 C  CG2 . ILE A 1 132 ? -5.250  3.213   -4.470  1.00 13.82 ? 150 ILE A CG2 1 
ATOM   1011 C  CD1 . ILE A 1 132 ? -3.757  2.772   -7.230  1.00 11.51 ? 150 ILE A CD1 1 
ATOM   1012 N  N   . ASP A 1 133 ? -8.358  4.272   -5.902  1.00 16.31 ? 151 ASP A N   1 
ATOM   1013 C  CA  . ASP A 1 133 ? -9.673  4.557   -5.339  1.00 16.62 ? 151 ASP A CA  1 
ATOM   1014 C  C   . ASP A 1 133 ? -9.753  4.101   -3.887  1.00 16.63 ? 151 ASP A C   1 
ATOM   1015 O  O   . ASP A 1 133 ? -10.408 4.745   -3.055  1.00 16.60 ? 151 ASP A O   1 
ATOM   1016 C  CB  . ASP A 1 133 ? -10.753 3.869   -6.176  1.00 16.64 ? 151 ASP A CB  1 
ATOM   1017 C  CG  . ASP A 1 133 ? -10.832 4.433   -7.577  1.00 17.77 ? 151 ASP A CG  1 
ATOM   1018 O  OD1 . ASP A 1 133 ? -11.632 5.369   -7.791  1.00 19.75 ? 151 ASP A OD1 1 
ATOM   1019 O  OD2 . ASP A 1 133 ? -10.068 3.979   -8.451  1.00 17.77 ? 151 ASP A OD2 1 
ATOM   1020 N  N   . ALA A 1 134 ? -9.066  2.998   -3.593  1.00 16.11 ? 152 ALA A N   1 
ATOM   1021 C  CA  . ALA A 1 134 ? -9.138  2.363   -2.284  1.00 15.90 ? 152 ALA A CA  1 
ATOM   1022 C  C   . ALA A 1 134 ? -7.958  1.416   -2.086  1.00 15.51 ? 152 ALA A C   1 
ATOM   1023 O  O   . ALA A 1 134 ? -7.368  0.938   -3.054  1.00 15.50 ? 152 ALA A O   1 
ATOM   1024 C  CB  . ALA A 1 134 ? -10.467 1.614   -2.125  1.00 15.71 ? 152 ALA A CB  1 
ATOM   1025 N  N   . ILE A 1 135 ? -7.616  1.161   -0.823  1.00 15.35 ? 153 ILE A N   1 
ATOM   1026 C  CA  . ILE A 1 135 ? -6.521  0.252   -0.476  1.00 14.34 ? 153 ILE A CA  1 
ATOM   1027 C  C   . ILE A 1 135 ? -6.870  -0.610  0.729   1.00 14.11 ? 153 ILE A C   1 
ATOM   1028 O  O   . ILE A 1 135 ? -7.607  -0.193  1.619   1.00 14.08 ? 153 ILE A O   1 
ATOM   1029 C  CB  . ILE A 1 135 ? -5.183  1.016   -0.244  1.00 14.38 ? 153 ILE A CB  1 
ATOM   1030 C  CG1 . ILE A 1 135 ? -3.989  0.042   -0.260  1.00 13.49 ? 153 ILE A CG1 1 
ATOM   1031 C  CG2 . ILE A 1 135 ? -5.243  1.895   1.034   1.00 14.42 ? 153 ILE A CG2 1 
ATOM   1032 C  CD1 . ILE A 1 135 ? -2.631  0.699   -0.228  1.00 13.99 ? 153 ILE A CD1 1 
ATOM   1033 N  N   . GLY A 1 136 ? -6.337  -1.825  0.739   1.00 14.09 ? 154 GLY A N   1 
ATOM   1034 C  CA  . GLY A 1 136 ? -6.485  -2.726  1.868   1.00 14.01 ? 154 GLY A CA  1 
ATOM   1035 C  C   . GLY A 1 136 ? -5.161  -3.385  2.161   1.00 14.23 ? 154 GLY A C   1 
ATOM   1036 O  O   . GLY A 1 136 ? -4.367  -3.638  1.254   1.00 14.46 ? 154 GLY A O   1 
ATOM   1037 N  N   . LEU A 1 137 ? -4.912  -3.659  3.434   1.00 14.65 ? 155 LEU A N   1 
ATOM   1038 C  CA  . LEU A 1 137 ? -3.631  -4.203  3.855   1.00 15.02 ? 155 LEU A CA  1 
ATOM   1039 C  C   . LEU A 1 137 ? -3.846  -5.620  4.344   1.00 15.01 ? 155 LEU A C   1 
ATOM   1040 O  O   . LEU A 1 137 ? -4.781  -5.872  5.097   1.00 15.52 ? 155 LEU A O   1 
ATOM   1041 C  CB  . LEU A 1 137 ? -3.008  -3.348  4.975   1.00 14.99 ? 155 LEU A CB  1 
ATOM   1042 C  CG  . LEU A 1 137 ? -2.657  -1.859  4.799   1.00 15.14 ? 155 LEU A CG  1 
ATOM   1043 C  CD1 . LEU A 1 137 ? -1.937  -1.573  3.472   1.00 14.34 ? 155 LEU A CD1 1 
ATOM   1044 C  CD2 . LEU A 1 137 ? -3.873  -0.954  4.965   1.00 15.16 ? 155 LEU A CD2 1 
ATOM   1045 N  N   . HIS A 1 138 ? -2.985  -6.541  3.921   1.00 14.82 ? 156 HIS A N   1 
ATOM   1046 C  CA  . HIS A 1 138 ? -3.106  -7.939  4.328   1.00 14.38 ? 156 HIS A CA  1 
ATOM   1047 C  C   . HIS A 1 138 ? -1.902  -8.373  5.154   1.00 14.29 ? 156 HIS A C   1 
ATOM   1048 O  O   . HIS A 1 138 ? -0.772  -8.403  4.659   1.00 13.95 ? 156 HIS A O   1 
ATOM   1049 C  CB  . HIS A 1 138 ? -3.282  -8.852  3.115   1.00 14.31 ? 156 HIS A CB  1 
ATOM   1050 C  CG  . HIS A 1 138 ? -4.497  -8.547  2.291   1.00 14.74 ? 156 HIS A CG  1 
ATOM   1051 N  ND1 . HIS A 1 138 ? -5.588  -9.387  2.238   1.00 12.76 ? 156 HIS A ND1 1 
ATOM   1052 C  CD2 . HIS A 1 138 ? -4.781  -7.509  1.464   1.00 14.68 ? 156 HIS A CD2 1 
ATOM   1053 C  CE1 . HIS A 1 138 ? -6.498  -8.877  1.425   1.00 14.12 ? 156 HIS A CE1 1 
ATOM   1054 N  NE2 . HIS A 1 138 ? -6.033  -7.740  0.940   1.00 15.70 ? 156 HIS A NE2 1 
ATOM   1055 N  N   . TRP A 1 139 ? -2.169  -8.711  6.411   1.00 14.22 ? 157 TRP A N   1 
ATOM   1056 C  CA  . TRP A 1 139 ? -1.146  -9.088  7.372   1.00 14.45 ? 157 TRP A CA  1 
ATOM   1057 C  C   . TRP A 1 139 ? -1.032  -10.608 7.476   1.00 15.27 ? 157 TRP A C   1 
ATOM   1058 O  O   . TRP A 1 139 ? -2.034  -11.314 7.403   1.00 14.97 ? 157 TRP A O   1 
ATOM   1059 C  CB  . TRP A 1 139 ? -1.472  -8.483  8.745   1.00 13.89 ? 157 TRP A CB  1 
ATOM   1060 C  CG  . TRP A 1 139 ? -1.876  -7.010  8.680   1.00 12.96 ? 157 TRP A CG  1 
ATOM   1061 C  CD1 . TRP A 1 139 ? -3.152  -6.504  8.640   1.00 13.00 ? 157 TRP A CD1 1 
ATOM   1062 C  CD2 . TRP A 1 139 ? -0.998  -5.878  8.633   1.00 11.97 ? 157 TRP A CD2 1 
ATOM   1063 N  NE1 . TRP A 1 139 ? -3.120  -5.126  8.577   1.00 12.25 ? 157 TRP A NE1 1 
ATOM   1064 C  CE2 . TRP A 1 139 ? -1.812  -4.716  8.566   1.00 12.60 ? 157 TRP A CE2 1 
ATOM   1065 C  CE3 . TRP A 1 139 ? 0.395   -5.727  8.652   1.00 12.94 ? 157 TRP A CE3 1 
ATOM   1066 C  CZ2 . TRP A 1 139 ? -1.273  -3.419  8.528   1.00 12.64 ? 157 TRP A CZ2 1 
ATOM   1067 C  CZ3 . TRP A 1 139 ? 0.933   -4.433  8.601   1.00 13.09 ? 157 TRP A CZ3 1 
ATOM   1068 C  CH2 . TRP A 1 139 ? 0.093   -3.298  8.542   1.00 12.95 ? 157 TRP A CH2 1 
ATOM   1069 N  N   . ASP A 1 140 ? 0.193   -11.110 7.632   1.00 16.34 ? 158 ASP A N   1 
ATOM   1070 C  CA  . ASP A 1 140 ? 0.407   -12.541 7.883   1.00 17.58 ? 158 ASP A CA  1 
ATOM   1071 C  C   . ASP A 1 140 ? 1.792   -12.812 8.453   1.00 18.23 ? 158 ASP A C   1 
ATOM   1072 O  O   . ASP A 1 140 ? 2.636   -11.919 8.509   1.00 18.27 ? 158 ASP A O   1 
ATOM   1073 C  CB  . ASP A 1 140 ? 0.195   -13.357 6.600   1.00 17.37 ? 158 ASP A CB  1 
ATOM   1074 C  CG  . ASP A 1 140 ? -0.398  -14.741 6.866   1.00 18.41 ? 158 ASP A CG  1 
ATOM   1075 O  OD1 . ASP A 1 140 ? -0.324  -15.245 8.010   1.00 19.51 ? 158 ASP A OD1 1 
ATOM   1076 O  OD2 . ASP A 1 140 ? -0.925  -15.335 5.908   1.00 18.54 ? 158 ASP A OD2 1 
ATOM   1077 N  N   . VAL A 1 141 ? 2.017   -14.053 8.879   1.00 19.62 ? 159 VAL A N   1 
ATOM   1078 C  CA  . VAL A 1 141 ? 3.338   -14.505 9.339   1.00 20.46 ? 159 VAL A CA  1 
ATOM   1079 C  C   . VAL A 1 141 ? 4.428   -14.322 8.263   1.00 20.97 ? 159 VAL A C   1 
ATOM   1080 O  O   . VAL A 1 141 ? 4.179   -14.448 7.062   1.00 21.25 ? 159 VAL A O   1 
ATOM   1081 C  CB  . VAL A 1 141 ? 3.294   -15.978 9.838   1.00 20.76 ? 159 VAL A CB  1 
ATOM   1082 C  CG1 . VAL A 1 141 ? 2.394   -16.095 11.064  1.00 20.51 ? 159 VAL A CG1 1 
ATOM   1083 C  CG2 . VAL A 1 141 ? 2.803   -16.921 8.728   1.00 20.64 ? 159 VAL A CG2 1 
ATOM   1084 O  OXT . VAL A 1 141 ? 5.590   -14.018 8.557   1.00 21.60 ? 159 VAL A OXT 1 
HETATM 1085 N  N   . SER B 2 .   ? -13.075 10.137  -13.155 1.00 34.64 ? 201 SER A N   1 
HETATM 1086 C  CA  . SER B 2 .   ? -12.377 9.946   -14.464 1.00 34.81 ? 201 SER A CA  1 
HETATM 1087 C  C   . SER B 2 .   ? -13.362 9.632   -15.579 1.00 35.21 ? 201 SER A C   1 
HETATM 1088 O  O   . SER B 2 .   ? -14.528 9.333   -15.301 1.00 35.54 ? 201 SER A O   1 
HETATM 1089 C  CB  . SER B 2 .   ? -11.353 8.815   -14.370 1.00 34.60 ? 201 SER A CB  1 
HETATM 1090 O  OG  . SER B 2 .   ? -11.996 7.555   -14.271 1.00 32.84 ? 201 SER A OG  1 
HETATM 1091 O  OXT . SER B 2 .   ? -13.007 9.657   -16.769 1.00 35.48 ? 201 SER A OXT 1 
HETATM 1092 C  C1  . MAN C 3 .   ? -11.516 6.252   -13.883 1.00 28.50 ? 202 MAN A C1  1 
HETATM 1093 C  C2  . MAN C 3 .   ? -12.493 5.119   -13.573 1.00 27.50 ? 202 MAN A C2  1 
HETATM 1094 C  C3  . MAN C 3 .   ? -13.212 5.399   -12.250 1.00 26.84 ? 202 MAN A C3  1 
HETATM 1095 C  C4  . MAN C 3 .   ? -12.220 5.672   -11.111 1.00 26.85 ? 202 MAN A C4  1 
HETATM 1096 C  C5  . MAN C 3 .   ? -11.195 6.731   -11.529 1.00 26.56 ? 202 MAN A C5  1 
HETATM 1097 C  C6  . MAN C 3 .   ? -10.097 6.974   -10.492 1.00 26.55 ? 202 MAN A C6  1 
HETATM 1098 O  O2  . MAN C 3 .   ? -11.786 3.865   -13.522 1.00 27.70 ? 202 MAN A O2  1 
HETATM 1099 O  O3  . MAN C 3 .   ? -14.088 4.313   -11.919 1.00 25.83 ? 202 MAN A O3  1 
HETATM 1100 O  O4  . MAN C 3 .   ? -12.930 6.118   -9.948  1.00 27.07 ? 202 MAN A O4  1 
HETATM 1101 O  O5  . MAN C 3 .   ? -10.598 6.387   -12.792 1.00 27.88 ? 202 MAN A O5  1 
HETATM 1102 O  O6  . MAN C 3 .   ? -9.279  5.810   -10.314 1.00 26.24 ? 202 MAN A O6  1 
HETATM 1103 CL CL  . CL  D 4 .   ? 10.822  -6.894  -11.762 1.00 22.72 ? 203 CL  A CL  1 
HETATM 1104 CL CL  . CL  E 4 .   ? -11.706 -9.612  2.005   1.00 53.11 ? 204 CL  A CL  1 
HETATM 1105 O  O   . HOH F 5 .   ? -2.638  -10.518 11.664  1.00 16.21 ? 301 HOH A O   1 
HETATM 1106 O  O   . HOH F 5 .   ? -9.136  -9.820  9.735   1.00 16.07 ? 302 HOH A O   1 
HETATM 1107 O  O   . HOH F 5 .   ? -8.131  -13.481 11.731  1.00 33.17 ? 303 HOH A O   1 
HETATM 1108 O  O   . HOH F 5 .   ? -3.211  -11.935 4.886   1.00 23.77 ? 304 HOH A O   1 
HETATM 1109 O  O   . HOH F 5 .   ? -5.680  -11.563 3.986   1.00 28.44 ? 305 HOH A O   1 
HETATM 1110 O  O   . HOH F 5 .   ? -3.184  -15.207 1.475   1.00 22.16 ? 306 HOH A O   1 
HETATM 1111 O  O   . HOH F 5 .   ? -10.129 -2.794  9.152   1.00 33.06 ? 307 HOH A O   1 
HETATM 1112 O  O   . HOH F 5 .   ? -6.402  -2.487  11.602  1.00 21.57 ? 308 HOH A O   1 
HETATM 1113 O  O   . HOH F 5 .   ? -6.116  -6.298  11.047  1.00 37.80 ? 309 HOH A O   1 
HETATM 1114 O  O   . HOH F 5 .   ? -8.810  -4.156  -0.360  1.00 29.06 ? 310 HOH A O   1 
HETATM 1115 O  O   . HOH F 5 .   ? -14.641 -2.396  3.473   1.00 31.33 ? 311 HOH A O   1 
HETATM 1116 O  O   . HOH F 5 .   ? -14.401 1.274   1.447   1.00 23.76 ? 312 HOH A O   1 
HETATM 1117 O  O   . HOH F 5 .   ? -13.346 3.706   3.985   1.00 26.95 ? 313 HOH A O   1 
HETATM 1118 O  O   . HOH F 5 .   ? -13.301 6.148   -5.908  1.00 37.36 ? 314 HOH A O   1 
HETATM 1119 O  O   . HOH F 5 .   ? -15.926 8.020   -6.839  1.00 32.15 ? 315 HOH A O   1 
HETATM 1120 O  O   . HOH F 5 .   ? -13.684 -4.722  -9.707  1.00 23.24 ? 316 HOH A O   1 
HETATM 1121 O  O   . HOH F 5 .   ? -5.330  -7.985  -9.435  1.00 21.14 ? 317 HOH A O   1 
HETATM 1122 O  O   . HOH F 5 .   ? -6.285  -13.400 -0.535  1.00 30.38 ? 318 HOH A O   1 
HETATM 1123 O  O   . HOH F 5 .   ? -2.910  -11.790 -6.956  1.00 29.57 ? 319 HOH A O   1 
HETATM 1124 O  O   . HOH F 5 .   ? -7.828  -14.830 -4.944  1.00 28.76 ? 320 HOH A O   1 
HETATM 1125 O  O   . HOH F 5 .   ? 0.155   -8.091  -9.517  1.00 18.25 ? 321 HOH A O   1 
HETATM 1126 O  O   . HOH F 5 .   ? -1.300  -5.639  -9.480  1.00 23.69 ? 322 HOH A O   1 
HETATM 1127 O  O   . HOH F 5 .   ? 5.562   -9.776  -7.565  1.00 20.69 ? 323 HOH A O   1 
HETATM 1128 O  O   . HOH F 5 .   ? 4.971   -10.754 1.060   1.00 11.15 ? 324 HOH A O   1 
HETATM 1129 O  O   . HOH F 5 .   ? 6.006   -9.133  3.038   1.00 8.98  ? 325 HOH A O   1 
HETATM 1130 O  O   . HOH F 5 .   ? 8.962   -6.917  3.983   1.00 10.53 ? 326 HOH A O   1 
HETATM 1131 O  O   . HOH F 5 .   ? 6.428   -6.062  5.098   1.00 12.05 ? 327 HOH A O   1 
HETATM 1132 O  O   . HOH F 5 .   ? 9.263   -9.093  5.654   1.00 20.24 ? 328 HOH A O   1 
HETATM 1133 O  O   . HOH F 5 .   ? 9.777   -12.187 6.453   1.00 32.64 ? 329 HOH A O   1 
HETATM 1134 O  O   . HOH F 5 .   ? 13.476  -8.842  3.349   1.00 23.55 ? 330 HOH A O   1 
HETATM 1135 O  O   . HOH F 5 .   ? 11.193  -15.705 -1.581  1.00 25.22 ? 331 HOH A O   1 
HETATM 1136 O  O   . HOH F 5 .   ? 12.320  -6.531  3.010   1.00 18.41 ? 332 HOH A O   1 
HETATM 1137 O  O   . HOH F 5 .   ? 3.161   7.679   -18.261 1.00 23.22 ? 333 HOH A O   1 
HETATM 1138 O  O   . HOH F 5 .   ? 3.365   4.661   -17.514 1.00 32.83 ? 334 HOH A O   1 
HETATM 1139 O  O   . HOH F 5 .   ? 0.784   -3.019  -8.275  1.00 13.90 ? 335 HOH A O   1 
HETATM 1140 O  O   . HOH F 5 .   ? -4.506  16.001  -8.720  1.00 27.60 ? 336 HOH A O   1 
HETATM 1141 O  O   . HOH F 5 .   ? 4.960   12.232  -1.459  1.00 25.30 ? 337 HOH A O   1 
HETATM 1142 O  O   . HOH F 5 .   ? -3.787  7.724   -16.733 1.00 25.61 ? 338 HOH A O   1 
HETATM 1143 O  O   . HOH F 5 .   ? -3.747  9.536   -13.604 1.00 26.72 ? 339 HOH A O   1 
HETATM 1144 O  O   . HOH F 5 .   ? -1.469  3.205   -16.280 1.00 20.43 ? 340 HOH A O   1 
HETATM 1145 O  O   . HOH F 5 .   ? 1.108   2.799   -16.733 1.00 33.72 ? 341 HOH A O   1 
HETATM 1146 O  O   . HOH F 5 .   ? 16.192  -8.100  -3.812  1.00 32.11 ? 342 HOH A O   1 
HETATM 1147 O  O   . HOH F 5 .   ? 14.514  -8.349  -10.302 1.00 23.51 ? 343 HOH A O   1 
HETATM 1148 O  O   . HOH F 5 .   ? 13.558  -2.857  -11.681 1.00 15.37 ? 344 HOH A O   1 
HETATM 1149 O  O   . HOH F 5 .   ? 7.845   -7.176  -12.998 1.00 28.05 ? 345 HOH A O   1 
HETATM 1150 O  O   . HOH F 5 .   ? -5.647  0.827   -12.857 1.00 25.99 ? 346 HOH A O   1 
HETATM 1151 O  O   . HOH F 5 .   ? -9.830  3.212   -15.467 1.00 42.90 ? 347 HOH A O   1 
HETATM 1152 O  O   . HOH F 5 .   ? 9.500   11.548  -7.634  1.00 35.51 ? 348 HOH A O   1 
HETATM 1153 O  O   . HOH F 5 .   ? 15.346  3.500   -2.058  1.00 18.98 ? 349 HOH A O   1 
HETATM 1154 O  O   . HOH F 5 .   ? 19.614  1.251   0.583   1.00 37.29 ? 350 HOH A O   1 
HETATM 1155 O  O   . HOH F 5 .   ? 19.057  -4.911  7.132   1.00 29.25 ? 351 HOH A O   1 
HETATM 1156 O  O   . HOH F 5 .   ? 13.981  -5.720  10.747  1.00 27.93 ? 352 HOH A O   1 
HETATM 1157 O  O   . HOH F 5 .   ? -0.932  9.256   7.728   1.00 18.25 ? 353 HOH A O   1 
HETATM 1158 O  O   . HOH F 5 .   ? -14.771 15.565  -4.557  1.00 35.61 ? 354 HOH A O   1 
HETATM 1159 O  O   . HOH F 5 .   ? -15.895 12.610  3.415   1.00 31.33 ? 355 HOH A O   1 
HETATM 1160 O  O   . HOH F 5 .   ? 11.383  5.288   14.938  1.00 39.51 ? 356 HOH A O   1 
HETATM 1161 O  O   . HOH F 5 .   ? 16.525  6.285   5.040   1.00 14.08 ? 357 HOH A O   1 
HETATM 1162 O  O   . HOH F 5 .   ? 17.715  3.561   9.185   1.00 35.44 ? 358 HOH A O   1 
HETATM 1163 O  O   . HOH F 5 .   ? 9.114   9.271   3.994   1.00 27.67 ? 359 HOH A O   1 
HETATM 1164 O  O   . HOH F 5 .   ? 4.036   12.672  2.438   1.00 29.27 ? 360 HOH A O   1 
HETATM 1165 O  O   . HOH F 5 .   ? -12.506 13.534  4.297   1.00 31.71 ? 361 HOH A O   1 
HETATM 1166 O  O   . HOH F 5 .   ? -12.782 12.813  8.229   1.00 27.87 ? 362 HOH A O   1 
HETATM 1167 O  O   . HOH F 5 .   ? -9.137  7.009   12.476  1.00 24.96 ? 363 HOH A O   1 
HETATM 1168 O  O   . HOH F 5 .   ? -3.608  8.923   8.980   1.00 24.94 ? 364 HOH A O   1 
HETATM 1169 O  O   . HOH F 5 .   ? 0.709   -3.022  16.410  1.00 20.45 ? 365 HOH A O   1 
HETATM 1170 O  O   . HOH F 5 .   ? 3.295   -16.994 14.553  1.00 28.57 ? 366 HOH A O   1 
HETATM 1171 O  O   . HOH F 5 .   ? 1.127   -7.912  15.921  1.00 16.00 ? 367 HOH A O   1 
HETATM 1172 O  O   . HOH F 5 .   ? -1.789  -13.931 3.864   1.00 21.84 ? 368 HOH A O   1 
HETATM 1173 O  O   . HOH F 5 .   ? -13.933 8.649   -10.324 1.00 25.07 ? 369 HOH A O   1 
HETATM 1174 O  O   . HOH F 5 .   ? -9.779  16.190  -8.998  1.00 19.90 ? 370 HOH A O   1 
HETATM 1175 O  O   . HOH F 5 .   ? -10.790 -4.675  -3.574  1.00 33.03 ? 371 HOH A O   1 
HETATM 1176 O  O   . HOH F 5 .   ? -8.607  0.782   10.852  1.00 35.62 ? 372 HOH A O   1 
HETATM 1177 O  O   . HOH F 5 .   ? -13.836 0.616   -1.054  1.00 26.66 ? 373 HOH A O   1 
HETATM 1178 O  O   . HOH F 5 .   ? -15.190 3.657   2.127   1.00 28.80 ? 374 HOH A O   1 
HETATM 1179 O  O   . HOH F 5 .   ? 14.262  -5.542  1.350   1.00 26.04 ? 375 HOH A O   1 
HETATM 1180 O  O   . HOH F 5 .   ? -2.848  19.761  -0.427  1.00 34.91 ? 376 HOH A O   1 
HETATM 1181 O  O   . HOH F 5 .   ? 14.919  -10.879 -10.580 1.00 26.54 ? 377 HOH A O   1 
HETATM 1182 O  O   . HOH F 5 .   ? -7.418  -2.323  -10.793 1.00 26.23 ? 378 HOH A O   1 
HETATM 1183 O  O   . HOH F 5 .   ? -2.793  4.557   -20.290 1.00 34.95 ? 379 HOH A O   1 
HETATM 1184 O  O   . HOH F 5 .   ? -0.266  16.311  -16.150 1.00 46.34 ? 380 HOH A O   1 
HETATM 1185 O  O   . HOH F 5 .   ? -18.174 5.220   -3.075  1.00 30.05 ? 381 HOH A O   1 
HETATM 1186 O  O   . HOH F 5 .   ? 11.202  -8.313  9.632   1.00 28.55 ? 382 HOH A O   1 
HETATM 1187 O  O   . HOH F 5 .   ? 9.497   -7.948  12.323  1.00 30.84 ? 383 HOH A O   1 
HETATM 1188 O  O   . HOH F 5 .   ? 0.786   17.834  2.620   1.00 31.36 ? 384 HOH A O   1 
HETATM 1189 O  O   . HOH F 5 .   ? -9.061  17.093  5.847   1.00 33.44 ? 385 HOH A O   1 
HETATM 1190 O  O   . HOH F 5 .   ? -8.707  10.453  -15.784 1.00 40.85 ? 386 HOH A O   1 
HETATM 1191 O  O   . HOH F 5 .   ? -7.433  -12.028 5.581   1.00 32.43 ? 387 HOH A O   1 
HETATM 1192 O  O   . HOH F 5 .   ? 6.541   -12.931 11.190  1.00 39.49 ? 388 HOH A O   1 
HETATM 1193 O  O   . HOH F 5 .   ? 16.914  -2.878  12.936  1.00 45.82 ? 389 HOH A O   1 
HETATM 1194 O  O   . HOH F 5 .   ? 1.914   -9.021  -10.915 1.00 38.51 ? 390 HOH A O   1 
HETATM 1195 O  O   . HOH F 5 .   ? 8.703   10.153  0.121   1.00 35.71 ? 391 HOH A O   1 
HETATM 1196 O  O   . HOH F 5 .   ? 3.895   11.505  7.200   1.00 35.98 ? 392 HOH A O   1 
HETATM 1197 O  O   . HOH F 5 .   ? -10.548 5.910   9.301   1.00 36.73 ? 393 HOH A O   1 
HETATM 1198 O  O   . HOH F 5 .   ? -11.536 4.549   7.459   1.00 34.90 ? 394 HOH A O   1 
HETATM 1199 O  O   . HOH F 5 .   ? -10.181 11.258  -11.551 1.00 42.45 ? 395 HOH A O   1 
HETATM 1200 O  O   . HOH F 5 .   ? 2.730   -15.287 5.122   1.00 39.42 ? 396 HOH A O   1 
HETATM 1201 O  O   . HOH F 5 .   ? -0.663  -18.154 8.700   1.00 29.50 ? 397 HOH A O   1 
HETATM 1202 O  O   . HOH F 5 .   ? -11.837 -8.963  7.440   1.00 41.58 ? 398 HOH A O   1 
HETATM 1203 O  O   . HOH F 5 .   ? -3.119  -5.873  -11.235 1.00 31.00 ? 399 HOH A O   1 
HETATM 1204 O  O   . HOH F 5 .   ? 1.771   -3.571  -15.173 1.00 33.76 ? 400 HOH A O   1 
HETATM 1205 O  O   . HOH F 5 .   ? -5.430  20.466  2.763   1.00 40.11 ? 401 HOH A O   1 
HETATM 1206 O  O   . HOH F 5 .   ? -13.416 -3.332  -3.363  1.00 36.09 ? 402 HOH A O   1 
HETATM 1207 O  O   . HOH F 5 .   ? 11.555  -13.533 -6.014  1.00 27.17 ? 403 HOH A O   1 
HETATM 1208 O  O   . HOH F 5 .   ? -10.195 16.116  1.343   1.00 27.69 ? 404 HOH A O   1 
HETATM 1209 O  O   . HOH F 5 .   ? 5.698   10.495  9.072   1.00 37.96 ? 405 HOH A O   1 
HETATM 1210 O  O   . HOH F 5 .   ? -3.377  -18.417 8.724   1.00 38.81 ? 406 HOH A O   1 
HETATM 1211 O  O   . HOH F 5 .   ? -5.573  11.807  -13.068 1.00 35.98 ? 407 HOH A O   1 
HETATM 1212 O  O   . HOH F 5 .   ? -2.596  16.577  -10.456 1.00 28.72 ? 408 HOH A O   1 
HETATM 1213 O  O   . HOH F 5 .   ? -2.373  -3.982  -13.997 1.00 33.75 ? 409 HOH A O   1 
HETATM 1214 O  O   . HOH F 5 .   ? -13.778 14.139  0.916   1.00 43.47 ? 410 HOH A O   1 
HETATM 1215 O  O   . HOH F 5 .   ? -3.131  23.194  -7.044  1.00 29.81 ? 411 HOH A O   1 
HETATM 1216 O  O   . HOH F 5 .   ? -19.666 6.066   2.656   1.00 28.51 ? 412 HOH A O   1 
HETATM 1217 O  O   . HOH F 5 .   ? -5.653  13.866  -10.970 1.00 37.11 ? 413 HOH A O   1 
HETATM 1218 O  O   . HOH F 5 .   ? -11.839 17.112  -2.556  1.00 34.76 ? 414 HOH A O   1 
# 
loop_
_pdbx_poly_seq_scheme.asym_id 
_pdbx_poly_seq_scheme.entity_id 
_pdbx_poly_seq_scheme.seq_id 
_pdbx_poly_seq_scheme.mon_id 
_pdbx_poly_seq_scheme.ndb_seq_num 
_pdbx_poly_seq_scheme.pdb_seq_num 
_pdbx_poly_seq_scheme.auth_seq_num 
_pdbx_poly_seq_scheme.pdb_mon_id 
_pdbx_poly_seq_scheme.auth_mon_id 
_pdbx_poly_seq_scheme.pdb_strand_id 
_pdbx_poly_seq_scheme.pdb_ins_code 
_pdbx_poly_seq_scheme.hetero 
A 1 1   GLY 1   19  ?   ?   ?   A . n 
A 1 2   SER 2   20  ?   ?   ?   A . n 
A 1 3   ALA 3   21  ?   ?   ?   A . n 
A 1 4   ARG 4   22  22  ARG ARG A . n 
A 1 5   SER 5   23  23  SER SER A . n 
A 1 6   SER 6   24  24  SER SER A . n 
A 1 7   SER 7   25  25  SER SER A . n 
A 1 8   TYR 8   26  26  TYR TYR A . n 
A 1 9   SER 9   27  27  SER SER A . n 
A 1 10  GLY 10  28  28  GLY GLY A . n 
A 1 11  GLU 11  29  29  GLU GLU A . n 
A 1 12  TYR 12  30  30  TYR TYR A . n 
A 1 13  GLY 13  31  31  GLY GLY A . n 
A 1 14  SER 14  32  32  SER SER A . n 
A 1 15  GLY 15  33  33  GLY GLY A . n 
A 1 16  GLY 16  34  34  GLY GLY A . n 
A 1 17  GLY 17  35  35  GLY GLY A . n 
A 1 18  LYS 18  36  36  LYS LYS A . n 
A 1 19  ARG 19  37  37  ARG ARG A . n 
A 1 20  PHE 20  38  38  PHE PHE A . n 
A 1 21  SER 21  39  39  SER SER A . n 
A 1 22  HIS 22  40  40  HIS HIS A . n 
A 1 23  SER 23  41  41  SER SER A . n 
A 1 24  GLY 24  42  42  GLY GLY A . n 
A 1 25  ASN 25  43  43  ASN ASN A . n 
A 1 26  GLN 26  44  44  GLN GLN A . n 
A 1 27  LEU 27  45  45  LEU LEU A . n 
A 1 28  ASP 28  46  46  ASP ASP A . n 
A 1 29  GLY 29  47  47  GLY GLY A . n 
A 1 30  PRO 30  48  48  PRO PRO A . n 
A 1 31  ILE 31  49  49  ILE ILE A . n 
A 1 32  THR 32  50  50  THR THR A . n 
A 1 33  ALA 33  51  51  ALA ALA A . n 
A 1 34  LEU 34  52  52  LEU LEU A . n 
A 1 35  ARG 35  53  53  ARG ARG A . n 
A 1 36  VAL 36  54  54  VAL VAL A . n 
A 1 37  ARG 37  55  55  ARG ARG A . n 
A 1 38  VAL 38  56  56  VAL VAL A . n 
A 1 39  ASN 39  57  57  ASN ASN A . n 
A 1 40  THR 40  58  58  THR THR A . n 
A 1 41  TYR 41  59  59  TYR TYR A . n 
A 1 42  TYR 42  60  60  TYR TYR A . n 
A 1 43  ILE 43  61  61  ILE ILE A . n 
A 1 44  VAL 44  62  62  VAL VAL A . n 
A 1 45  GLY 45  63  63  GLY GLY A . n 
A 1 46  LEU 46  64  64  LEU LEU A . n 
A 1 47  GLN 47  65  65  GLN GLN A . n 
A 1 48  VAL 48  66  66  VAL VAL A . n 
A 1 49  ARG 49  67  67  ARG ARG A . n 
A 1 50  TYR 50  68  68  TYR TYR A . n 
A 1 51  GLY 51  69  69  GLY GLY A . n 
A 1 52  LYS 52  70  70  LYS LYS A . n 
A 1 53  VAL 53  71  71  VAL VAL A . n 
A 1 54  TRP 54  72  72  TRP TRP A . n 
A 1 55  SER 55  73  73  SER SER A . n 
A 1 56  ASP 56  74  74  ASP ASP A . n 
A 1 57  TYR 57  75  75  TYR TYR A . n 
A 1 58  VAL 58  76  76  VAL VAL A . n 
A 1 59  GLY 59  77  77  GLY GLY A . n 
A 1 60  GLY 60  78  78  GLY GLY A . n 
A 1 61  ARG 61  79  79  ARG ARG A . n 
A 1 62  ASN 62  80  80  ASN ASN A . n 
A 1 63  GLY 63  81  81  GLY GLY A . n 
A 1 64  ASP 64  82  82  ASP ASP A . n 
A 1 65  LEU 65  83  83  LEU LEU A . n 
A 1 66  GLU 66  84  84  GLU GLU A . n 
A 1 67  GLU 67  85  85  GLU GLU A . n 
A 1 68  ILE 68  86  86  ILE ILE A . n 
A 1 69  PHE 69  87  87  PHE PHE A . n 
A 1 70  LEU 70  88  88  LEU LEU A . n 
A 1 71  HIS 71  89  89  HIS HIS A . n 
A 1 72  PRO 72  90  90  PRO PRO A . n 
A 1 73  GLY 73  91  91  GLY GLY A . n 
A 1 74  GLU 74  92  92  GLU GLU A . n 
A 1 75  SER 75  93  93  SER SER A . n 
A 1 76  VAL 76  94  94  VAL VAL A . n 
A 1 77  ILE 77  95  95  ILE ILE A . n 
A 1 78  GLN 78  96  96  GLN GLN A . n 
A 1 79  VAL 79  97  97  VAL VAL A . n 
A 1 80  SER 80  98  98  SER SER A . n 
A 1 81  GLY 81  99  99  GLY GLY A . n 
A 1 82  LYS 82  100 100 LYS LYS A . n 
A 1 83  TYR 83  101 101 TYR TYR A . n 
A 1 84  LYS 84  102 102 LYS LYS A . n 
A 1 85  TRP 85  103 103 TRP TRP A . n 
A 1 86  TYR 86  104 104 TYR TYR A . n 
A 1 87  LEU 87  105 105 LEU LEU A . n 
A 1 88  LYS 88  106 106 LYS LYS A . n 
A 1 89  LYS 89  107 107 LYS LYS A . n 
A 1 90  LEU 90  108 108 LEU LEU A . n 
A 1 91  VAL 91  109 109 VAL VAL A . n 
A 1 92  PHE 92  110 110 PHE PHE A . n 
A 1 93  VAL 93  111 111 VAL VAL A . n 
A 1 94  THR 94  112 112 THR THR A . n 
A 1 95  ASP 95  113 113 ASP ASP A . n 
A 1 96  LYS 96  114 114 LYS LYS A . n 
A 1 97  GLY 97  115 115 GLY GLY A . n 
A 1 98  ARG 98  116 116 ARG ARG A . n 
A 1 99  TYR 99  117 117 TYR TYR A . n 
A 1 100 LEU 100 118 118 LEU LEU A . n 
A 1 101 SER 101 119 119 SER SER A . n 
A 1 102 PHE 102 120 120 PHE PHE A . n 
A 1 103 GLY 103 121 121 GLY GLY A . n 
A 1 104 LYS 104 122 122 LYS LYS A . n 
A 1 105 ASP 105 123 123 ASP ASP A . n 
A 1 106 SER 106 124 124 SER SER A . n 
A 1 107 GLY 107 125 125 GLY GLY A . n 
A 1 108 THR 108 126 126 THR THR A . n 
A 1 109 SER 109 127 127 SER SER A . n 
A 1 110 PHE 110 128 128 PHE PHE A . n 
A 1 111 ASN 111 129 129 ASN ASN A . n 
A 1 112 ALA 112 130 130 ALA ALA A . n 
A 1 113 VAL 113 131 131 VAL VAL A . n 
A 1 114 PRO 114 132 132 PRO PRO A . n 
A 1 115 LEU 115 133 133 LEU LEU A . n 
A 1 116 HIS 116 134 134 HIS HIS A . n 
A 1 117 PRO 117 135 135 PRO PRO A . n 
A 1 118 ASN 118 136 136 ASN ASN A . n 
A 1 119 THR 119 137 137 THR THR A . n 
A 1 120 VAL 120 138 138 VAL VAL A . n 
A 1 121 LEU 121 139 139 LEU LEU A . n 
A 1 122 ARG 122 140 140 ARG ARG A . n 
A 1 123 PHE 123 141 141 PHE PHE A . n 
A 1 124 ILE 124 142 142 ILE ILE A . n 
A 1 125 SER 125 143 143 SER SER A . n 
A 1 126 GLY 126 144 144 GLY GLY A . n 
A 1 127 ARG 127 145 145 ARG ARG A . n 
A 1 128 SER 128 146 146 SER SER A . n 
A 1 129 GLY 129 147 147 GLY GLY A . n 
A 1 130 SER 130 148 148 SER SER A . n 
A 1 131 LEU 131 149 149 LEU LEU A . n 
A 1 132 ILE 132 150 150 ILE ILE A . n 
A 1 133 ASP 133 151 151 ASP ASP A . n 
A 1 134 ALA 134 152 152 ALA ALA A . n 
A 1 135 ILE 135 153 153 ILE ILE A . n 
A 1 136 GLY 136 154 154 GLY GLY A . n 
A 1 137 LEU 137 155 155 LEU LEU A . n 
A 1 138 HIS 138 156 156 HIS HIS A . n 
A 1 139 TRP 139 157 157 TRP TRP A . n 
A 1 140 ASP 140 158 158 ASP ASP A . n 
A 1 141 VAL 141 159 159 VAL VAL A . n 
# 
loop_
_pdbx_nonpoly_scheme.asym_id 
_pdbx_nonpoly_scheme.entity_id 
_pdbx_nonpoly_scheme.mon_id 
_pdbx_nonpoly_scheme.ndb_seq_num 
_pdbx_nonpoly_scheme.pdb_seq_num 
_pdbx_nonpoly_scheme.auth_seq_num 
_pdbx_nonpoly_scheme.pdb_mon_id 
_pdbx_nonpoly_scheme.auth_mon_id 
_pdbx_nonpoly_scheme.pdb_strand_id 
_pdbx_nonpoly_scheme.pdb_ins_code 
B 2 SER 1   201 800 SER SER A . 
C 3 MAN 1   202 801 MAN MAN A . 
D 4 CL  1   203 901 CL  CL  A . 
E 4 CL  1   204 902 CL  CL  A . 
F 5 HOH 1   301 1   HOH HOH A . 
F 5 HOH 2   302 2   HOH HOH A . 
F 5 HOH 3   303 3   HOH HOH A . 
F 5 HOH 4   304 4   HOH HOH A . 
F 5 HOH 5   305 5   HOH HOH A . 
F 5 HOH 6   306 6   HOH HOH A . 
F 5 HOH 7   307 7   HOH HOH A . 
F 5 HOH 8   308 8   HOH HOH A . 
F 5 HOH 9   309 9   HOH HOH A . 
F 5 HOH 10  310 11  HOH HOH A . 
F 5 HOH 11  311 12  HOH HOH A . 
F 5 HOH 12  312 13  HOH HOH A . 
F 5 HOH 13  313 14  HOH HOH A . 
F 5 HOH 14  314 15  HOH HOH A . 
F 5 HOH 15  315 16  HOH HOH A . 
F 5 HOH 16  316 17  HOH HOH A . 
F 5 HOH 17  317 18  HOH HOH A . 
F 5 HOH 18  318 19  HOH HOH A . 
F 5 HOH 19  319 20  HOH HOH A . 
F 5 HOH 20  320 21  HOH HOH A . 
F 5 HOH 21  321 23  HOH HOH A . 
F 5 HOH 22  322 24  HOH HOH A . 
F 5 HOH 23  323 25  HOH HOH A . 
F 5 HOH 24  324 26  HOH HOH A . 
F 5 HOH 25  325 27  HOH HOH A . 
F 5 HOH 26  326 28  HOH HOH A . 
F 5 HOH 27  327 29  HOH HOH A . 
F 5 HOH 28  328 30  HOH HOH A . 
F 5 HOH 29  329 31  HOH HOH A . 
F 5 HOH 30  330 32  HOH HOH A . 
F 5 HOH 31  331 35  HOH HOH A . 
F 5 HOH 32  332 36  HOH HOH A . 
F 5 HOH 33  333 39  HOH HOH A . 
F 5 HOH 34  334 40  HOH HOH A . 
F 5 HOH 35  335 41  HOH HOH A . 
F 5 HOH 36  336 42  HOH HOH A . 
F 5 HOH 37  337 43  HOH HOH A . 
F 5 HOH 38  338 45  HOH HOH A . 
F 5 HOH 39  339 46  HOH HOH A . 
F 5 HOH 40  340 47  HOH HOH A . 
F 5 HOH 41  341 48  HOH HOH A . 
F 5 HOH 42  342 49  HOH HOH A . 
F 5 HOH 43  343 50  HOH HOH A . 
F 5 HOH 44  344 52  HOH HOH A . 
F 5 HOH 45  345 53  HOH HOH A . 
F 5 HOH 46  346 54  HOH HOH A . 
F 5 HOH 47  347 55  HOH HOH A . 
F 5 HOH 48  348 56  HOH HOH A . 
F 5 HOH 49  349 58  HOH HOH A . 
F 5 HOH 50  350 59  HOH HOH A . 
F 5 HOH 51  351 61  HOH HOH A . 
F 5 HOH 52  352 63  HOH HOH A . 
F 5 HOH 53  353 65  HOH HOH A . 
F 5 HOH 54  354 66  HOH HOH A . 
F 5 HOH 55  355 67  HOH HOH A . 
F 5 HOH 56  356 69  HOH HOH A . 
F 5 HOH 57  357 70  HOH HOH A . 
F 5 HOH 58  358 71  HOH HOH A . 
F 5 HOH 59  359 72  HOH HOH A . 
F 5 HOH 60  360 73  HOH HOH A . 
F 5 HOH 61  361 74  HOH HOH A . 
F 5 HOH 62  362 75  HOH HOH A . 
F 5 HOH 63  363 77  HOH HOH A . 
F 5 HOH 64  364 79  HOH HOH A . 
F 5 HOH 65  365 80  HOH HOH A . 
F 5 HOH 66  366 82  HOH HOH A . 
F 5 HOH 67  367 83  HOH HOH A . 
F 5 HOH 68  368 84  HOH HOH A . 
F 5 HOH 69  369 85  HOH HOH A . 
F 5 HOH 70  370 87  HOH HOH A . 
F 5 HOH 71  371 88  HOH HOH A . 
F 5 HOH 72  372 89  HOH HOH A . 
F 5 HOH 73  373 90  HOH HOH A . 
F 5 HOH 74  374 91  HOH HOH A . 
F 5 HOH 75  375 92  HOH HOH A . 
F 5 HOH 76  376 93  HOH HOH A . 
F 5 HOH 77  377 94  HOH HOH A . 
F 5 HOH 78  378 95  HOH HOH A . 
F 5 HOH 79  379 96  HOH HOH A . 
F 5 HOH 80  380 97  HOH HOH A . 
F 5 HOH 81  381 98  HOH HOH A . 
F 5 HOH 82  382 99  HOH HOH A . 
F 5 HOH 83  383 103 HOH HOH A . 
F 5 HOH 84  384 104 HOH HOH A . 
F 5 HOH 85  385 105 HOH HOH A . 
F 5 HOH 86  386 106 HOH HOH A . 
F 5 HOH 87  387 107 HOH HOH A . 
F 5 HOH 88  388 108 HOH HOH A . 
F 5 HOH 89  389 109 HOH HOH A . 
F 5 HOH 90  390 110 HOH HOH A . 
F 5 HOH 91  391 111 HOH HOH A . 
F 5 HOH 92  392 112 HOH HOH A . 
F 5 HOH 93  393 113 HOH HOH A . 
F 5 HOH 94  394 114 HOH HOH A . 
F 5 HOH 95  395 115 HOH HOH A . 
F 5 HOH 96  396 116 HOH HOH A . 
F 5 HOH 97  397 117 HOH HOH A . 
F 5 HOH 98  398 118 HOH HOH A . 
F 5 HOH 99  399 119 HOH HOH A . 
F 5 HOH 100 400 120 HOH HOH A . 
F 5 HOH 101 401 121 HOH HOH A . 
F 5 HOH 102 402 122 HOH HOH A . 
F 5 HOH 103 403 123 HOH HOH A . 
F 5 HOH 104 404 125 HOH HOH A . 
F 5 HOH 105 405 126 HOH HOH A . 
F 5 HOH 106 406 127 HOH HOH A . 
F 5 HOH 107 407 128 HOH HOH A . 
F 5 HOH 108 408 129 HOH HOH A . 
F 5 HOH 109 409 130 HOH HOH A . 
F 5 HOH 110 410 131 HOH HOH A . 
F 5 HOH 111 411 134 HOH HOH A . 
F 5 HOH 112 412 136 HOH HOH A . 
F 5 HOH 113 413 137 HOH HOH A . 
F 5 HOH 114 414 138 HOH HOH A . 
# 
_pdbx_struct_assembly.id                   1 
_pdbx_struct_assembly.details              author_and_software_defined_assembly 
_pdbx_struct_assembly.method_details       PISA 
_pdbx_struct_assembly.oligomeric_details   monomeric 
_pdbx_struct_assembly.oligomeric_count     1 
# 
_pdbx_struct_assembly_gen.assembly_id       1 
_pdbx_struct_assembly_gen.oper_expression   1 
_pdbx_struct_assembly_gen.asym_id_list      A,B,C,D,E,F 
# 
_pdbx_struct_oper_list.id                   1 
_pdbx_struct_oper_list.type                 'identity operation' 
_pdbx_struct_oper_list.name                 1_555 
_pdbx_struct_oper_list.symmetry_operation   x,y,z 
_pdbx_struct_oper_list.matrix[1][1]         1.0000000000 
_pdbx_struct_oper_list.matrix[1][2]         0.0000000000 
_pdbx_struct_oper_list.matrix[1][3]         0.0000000000 
_pdbx_struct_oper_list.vector[1]            0.0000000000 
_pdbx_struct_oper_list.matrix[2][1]         0.0000000000 
_pdbx_struct_oper_list.matrix[2][2]         1.0000000000 
_pdbx_struct_oper_list.matrix[2][3]         0.0000000000 
_pdbx_struct_oper_list.vector[2]            0.0000000000 
_pdbx_struct_oper_list.matrix[3][1]         0.0000000000 
_pdbx_struct_oper_list.matrix[3][2]         0.0000000000 
_pdbx_struct_oper_list.matrix[3][3]         1.0000000000 
_pdbx_struct_oper_list.vector[3]            0.0000000000 
# 
loop_
_pdbx_audit_revision_history.ordinal 
_pdbx_audit_revision_history.data_content_type 
_pdbx_audit_revision_history.major_revision 
_pdbx_audit_revision_history.minor_revision 
_pdbx_audit_revision_history.revision_date 
1 'Structure model' 1 0 2013-09-25 
2 'Structure model' 1 1 2014-09-03 
3 'Structure model' 1 2 2020-07-29 
4 'Structure model' 1 3 2023-11-08 
# 
loop_
_pdbx_audit_revision_details.ordinal 
_pdbx_audit_revision_details.revision_ordinal 
_pdbx_audit_revision_details.data_content_type 
_pdbx_audit_revision_details.provider 
_pdbx_audit_revision_details.type 
_pdbx_audit_revision_details.description 
_pdbx_audit_revision_details.details 
1 1 'Structure model' repository 'Initial release' ?                          ? 
2 3 'Structure model' repository Remediation       'Carbohydrate remediation' ? 
# 
loop_
_pdbx_audit_revision_group.ordinal 
_pdbx_audit_revision_group.revision_ordinal 
_pdbx_audit_revision_group.data_content_type 
_pdbx_audit_revision_group.group 
1 2 'Structure model' 'Database references'    
2 3 'Structure model' 'Data collection'        
3 3 'Structure model' 'Database references'    
4 3 'Structure model' 'Derived calculations'   
5 3 'Structure model' 'Structure summary'      
6 4 'Structure model' 'Data collection'        
7 4 'Structure model' 'Database references'    
8 4 'Structure model' 'Refinement description' 
9 4 'Structure model' 'Structure summary'      
# 
loop_
_pdbx_audit_revision_category.ordinal 
_pdbx_audit_revision_category.revision_ordinal 
_pdbx_audit_revision_category.data_content_type 
_pdbx_audit_revision_category.category 
1  3 'Structure model' chem_comp                     
2  3 'Structure model' entity                        
3  3 'Structure model' pdbx_chem_comp_identifier     
4  3 'Structure model' pdbx_entity_nonpoly           
5  3 'Structure model' struct_conn                   
6  3 'Structure model' struct_ref_seq_dif            
7  3 'Structure model' struct_site                   
8  3 'Structure model' struct_site_gen               
9  4 'Structure model' chem_comp                     
10 4 'Structure model' chem_comp_atom                
11 4 'Structure model' chem_comp_bond                
12 4 'Structure model' database_2                    
13 4 'Structure model' pdbx_initial_refinement_model 
# 
loop_
_pdbx_audit_revision_item.ordinal 
_pdbx_audit_revision_item.revision_ordinal 
_pdbx_audit_revision_item.data_content_type 
_pdbx_audit_revision_item.item 
1  3 'Structure model' '_chem_comp.name'                     
2  3 'Structure model' '_chem_comp.type'                     
3  3 'Structure model' '_entity.pdbx_description'            
4  3 'Structure model' '_pdbx_entity_nonpoly.name'           
5  3 'Structure model' '_struct_conn.pdbx_leaving_atom_flag' 
6  3 'Structure model' '_struct_conn.pdbx_role'              
7  3 'Structure model' '_struct_conn.ptnr1_auth_comp_id'     
8  3 'Structure model' '_struct_conn.ptnr1_auth_seq_id'      
9  3 'Structure model' '_struct_conn.ptnr1_label_asym_id'    
10 3 'Structure model' '_struct_conn.ptnr1_label_atom_id'    
11 3 'Structure model' '_struct_conn.ptnr1_label_comp_id'    
12 3 'Structure model' '_struct_conn.ptnr2_auth_comp_id'     
13 3 'Structure model' '_struct_conn.ptnr2_auth_seq_id'      
14 3 'Structure model' '_struct_conn.ptnr2_label_asym_id'    
15 3 'Structure model' '_struct_conn.ptnr2_label_atom_id'    
16 3 'Structure model' '_struct_conn.ptnr2_label_comp_id'    
17 3 'Structure model' '_struct_ref_seq_dif.details'         
18 4 'Structure model' '_chem_comp.pdbx_synonyms'            
19 4 'Structure model' '_database_2.pdbx_DOI'                
20 4 'Structure model' '_database_2.pdbx_database_accession' 
# 
loop_
_software.name 
_software.classification 
_software.version 
_software.citation_id 
_software.pdbx_ordinal 
HKL-2000  'data collection' .        ? 1 
MOLREP    phasing           .        ? 2 
REFMAC    refinement        5.2.0019 ? 3 
DENZO     'data reduction'  .        ? 4 
SCALEPACK 'data scaling'    .        ? 5 
# 
loop_
_pdbx_validate_torsion.id 
_pdbx_validate_torsion.PDB_model_num 
_pdbx_validate_torsion.auth_comp_id 
_pdbx_validate_torsion.auth_asym_id 
_pdbx_validate_torsion.auth_seq_id 
_pdbx_validate_torsion.PDB_ins_code 
_pdbx_validate_torsion.label_alt_id 
_pdbx_validate_torsion.phi 
_pdbx_validate_torsion.psi 
1 1 ASN A 57  ? ? -112.45 -161.03 
2 1 LYS A 102 ? ? -135.08 -108.35 
# 
loop_
_pdbx_unobs_or_zero_occ_residues.id 
_pdbx_unobs_or_zero_occ_residues.PDB_model_num 
_pdbx_unobs_or_zero_occ_residues.polymer_flag 
_pdbx_unobs_or_zero_occ_residues.occupancy_flag 
_pdbx_unobs_or_zero_occ_residues.auth_asym_id 
_pdbx_unobs_or_zero_occ_residues.auth_comp_id 
_pdbx_unobs_or_zero_occ_residues.auth_seq_id 
_pdbx_unobs_or_zero_occ_residues.PDB_ins_code 
_pdbx_unobs_or_zero_occ_residues.label_asym_id 
_pdbx_unobs_or_zero_occ_residues.label_comp_id 
_pdbx_unobs_or_zero_occ_residues.label_seq_id 
1 1 Y 1 A GLY 19 ? A GLY 1 
2 1 Y 1 A SER 20 ? A SER 2 
3 1 Y 1 A ALA 21 ? A ALA 3 
# 
loop_
_chem_comp_atom.comp_id 
_chem_comp_atom.atom_id 
_chem_comp_atom.type_symbol 
_chem_comp_atom.pdbx_aromatic_flag 
_chem_comp_atom.pdbx_stereo_config 
_chem_comp_atom.pdbx_ordinal 
ALA N    N  N N 1   
ALA CA   C  N S 2   
ALA C    C  N N 3   
ALA O    O  N N 4   
ALA CB   C  N N 5   
ALA OXT  O  N N 6   
ALA H    H  N N 7   
ALA H2   H  N N 8   
ALA HA   H  N N 9   
ALA HB1  H  N N 10  
ALA HB2  H  N N 11  
ALA HB3  H  N N 12  
ALA HXT  H  N N 13  
ARG N    N  N N 14  
ARG CA   C  N S 15  
ARG C    C  N N 16  
ARG O    O  N N 17  
ARG CB   C  N N 18  
ARG CG   C  N N 19  
ARG CD   C  N N 20  
ARG NE   N  N N 21  
ARG CZ   C  N N 22  
ARG NH1  N  N N 23  
ARG NH2  N  N N 24  
ARG OXT  O  N N 25  
ARG H    H  N N 26  
ARG H2   H  N N 27  
ARG HA   H  N N 28  
ARG HB2  H  N N 29  
ARG HB3  H  N N 30  
ARG HG2  H  N N 31  
ARG HG3  H  N N 32  
ARG HD2  H  N N 33  
ARG HD3  H  N N 34  
ARG HE   H  N N 35  
ARG HH11 H  N N 36  
ARG HH12 H  N N 37  
ARG HH21 H  N N 38  
ARG HH22 H  N N 39  
ARG HXT  H  N N 40  
ASN N    N  N N 41  
ASN CA   C  N S 42  
ASN C    C  N N 43  
ASN O    O  N N 44  
ASN CB   C  N N 45  
ASN CG   C  N N 46  
ASN OD1  O  N N 47  
ASN ND2  N  N N 48  
ASN OXT  O  N N 49  
ASN H    H  N N 50  
ASN H2   H  N N 51  
ASN HA   H  N N 52  
ASN HB2  H  N N 53  
ASN HB3  H  N N 54  
ASN HD21 H  N N 55  
ASN HD22 H  N N 56  
ASN HXT  H  N N 57  
ASP N    N  N N 58  
ASP CA   C  N S 59  
ASP C    C  N N 60  
ASP O    O  N N 61  
ASP CB   C  N N 62  
ASP CG   C  N N 63  
ASP OD1  O  N N 64  
ASP OD2  O  N N 65  
ASP OXT  O  N N 66  
ASP H    H  N N 67  
ASP H2   H  N N 68  
ASP HA   H  N N 69  
ASP HB2  H  N N 70  
ASP HB3  H  N N 71  
ASP HD2  H  N N 72  
ASP HXT  H  N N 73  
CL  CL   CL N N 74  
GLN N    N  N N 75  
GLN CA   C  N S 76  
GLN C    C  N N 77  
GLN O    O  N N 78  
GLN CB   C  N N 79  
GLN CG   C  N N 80  
GLN CD   C  N N 81  
GLN OE1  O  N N 82  
GLN NE2  N  N N 83  
GLN OXT  O  N N 84  
GLN H    H  N N 85  
GLN H2   H  N N 86  
GLN HA   H  N N 87  
GLN HB2  H  N N 88  
GLN HB3  H  N N 89  
GLN HG2  H  N N 90  
GLN HG3  H  N N 91  
GLN HE21 H  N N 92  
GLN HE22 H  N N 93  
GLN HXT  H  N N 94  
GLU N    N  N N 95  
GLU CA   C  N S 96  
GLU C    C  N N 97  
GLU O    O  N N 98  
GLU CB   C  N N 99  
GLU CG   C  N N 100 
GLU CD   C  N N 101 
GLU OE1  O  N N 102 
GLU OE2  O  N N 103 
GLU OXT  O  N N 104 
GLU H    H  N N 105 
GLU H2   H  N N 106 
GLU HA   H  N N 107 
GLU HB2  H  N N 108 
GLU HB3  H  N N 109 
GLU HG2  H  N N 110 
GLU HG3  H  N N 111 
GLU HE2  H  N N 112 
GLU HXT  H  N N 113 
GLY N    N  N N 114 
GLY CA   C  N N 115 
GLY C    C  N N 116 
GLY O    O  N N 117 
GLY OXT  O  N N 118 
GLY H    H  N N 119 
GLY H2   H  N N 120 
GLY HA2  H  N N 121 
GLY HA3  H  N N 122 
GLY HXT  H  N N 123 
HIS N    N  N N 124 
HIS CA   C  N S 125 
HIS C    C  N N 126 
HIS O    O  N N 127 
HIS CB   C  N N 128 
HIS CG   C  Y N 129 
HIS ND1  N  Y N 130 
HIS CD2  C  Y N 131 
HIS CE1  C  Y N 132 
HIS NE2  N  Y N 133 
HIS OXT  O  N N 134 
HIS H    H  N N 135 
HIS H2   H  N N 136 
HIS HA   H  N N 137 
HIS HB2  H  N N 138 
HIS HB3  H  N N 139 
HIS HD1  H  N N 140 
HIS HD2  H  N N 141 
HIS HE1  H  N N 142 
HIS HE2  H  N N 143 
HIS HXT  H  N N 144 
HOH O    O  N N 145 
HOH H1   H  N N 146 
HOH H2   H  N N 147 
ILE N    N  N N 148 
ILE CA   C  N S 149 
ILE C    C  N N 150 
ILE O    O  N N 151 
ILE CB   C  N S 152 
ILE CG1  C  N N 153 
ILE CG2  C  N N 154 
ILE CD1  C  N N 155 
ILE OXT  O  N N 156 
ILE H    H  N N 157 
ILE H2   H  N N 158 
ILE HA   H  N N 159 
ILE HB   H  N N 160 
ILE HG12 H  N N 161 
ILE HG13 H  N N 162 
ILE HG21 H  N N 163 
ILE HG22 H  N N 164 
ILE HG23 H  N N 165 
ILE HD11 H  N N 166 
ILE HD12 H  N N 167 
ILE HD13 H  N N 168 
ILE HXT  H  N N 169 
LEU N    N  N N 170 
LEU CA   C  N S 171 
LEU C    C  N N 172 
LEU O    O  N N 173 
LEU CB   C  N N 174 
LEU CG   C  N N 175 
LEU CD1  C  N N 176 
LEU CD2  C  N N 177 
LEU OXT  O  N N 178 
LEU H    H  N N 179 
LEU H2   H  N N 180 
LEU HA   H  N N 181 
LEU HB2  H  N N 182 
LEU HB3  H  N N 183 
LEU HG   H  N N 184 
LEU HD11 H  N N 185 
LEU HD12 H  N N 186 
LEU HD13 H  N N 187 
LEU HD21 H  N N 188 
LEU HD22 H  N N 189 
LEU HD23 H  N N 190 
LEU HXT  H  N N 191 
LYS N    N  N N 192 
LYS CA   C  N S 193 
LYS C    C  N N 194 
LYS O    O  N N 195 
LYS CB   C  N N 196 
LYS CG   C  N N 197 
LYS CD   C  N N 198 
LYS CE   C  N N 199 
LYS NZ   N  N N 200 
LYS OXT  O  N N 201 
LYS H    H  N N 202 
LYS H2   H  N N 203 
LYS HA   H  N N 204 
LYS HB2  H  N N 205 
LYS HB3  H  N N 206 
LYS HG2  H  N N 207 
LYS HG3  H  N N 208 
LYS HD2  H  N N 209 
LYS HD3  H  N N 210 
LYS HE2  H  N N 211 
LYS HE3  H  N N 212 
LYS HZ1  H  N N 213 
LYS HZ2  H  N N 214 
LYS HZ3  H  N N 215 
LYS HXT  H  N N 216 
MAN C1   C  N S 217 
MAN C2   C  N S 218 
MAN C3   C  N S 219 
MAN C4   C  N S 220 
MAN C5   C  N R 221 
MAN C6   C  N N 222 
MAN O1   O  N N 223 
MAN O2   O  N N 224 
MAN O3   O  N N 225 
MAN O4   O  N N 226 
MAN O5   O  N N 227 
MAN O6   O  N N 228 
MAN H1   H  N N 229 
MAN H2   H  N N 230 
MAN H3   H  N N 231 
MAN H4   H  N N 232 
MAN H5   H  N N 233 
MAN H61  H  N N 234 
MAN H62  H  N N 235 
MAN HO1  H  N N 236 
MAN HO2  H  N N 237 
MAN HO3  H  N N 238 
MAN HO4  H  N N 239 
MAN HO6  H  N N 240 
PHE N    N  N N 241 
PHE CA   C  N S 242 
PHE C    C  N N 243 
PHE O    O  N N 244 
PHE CB   C  N N 245 
PHE CG   C  Y N 246 
PHE CD1  C  Y N 247 
PHE CD2  C  Y N 248 
PHE CE1  C  Y N 249 
PHE CE2  C  Y N 250 
PHE CZ   C  Y N 251 
PHE OXT  O  N N 252 
PHE H    H  N N 253 
PHE H2   H  N N 254 
PHE HA   H  N N 255 
PHE HB2  H  N N 256 
PHE HB3  H  N N 257 
PHE HD1  H  N N 258 
PHE HD2  H  N N 259 
PHE HE1  H  N N 260 
PHE HE2  H  N N 261 
PHE HZ   H  N N 262 
PHE HXT  H  N N 263 
PRO N    N  N N 264 
PRO CA   C  N S 265 
PRO C    C  N N 266 
PRO O    O  N N 267 
PRO CB   C  N N 268 
PRO CG   C  N N 269 
PRO CD   C  N N 270 
PRO OXT  O  N N 271 
PRO H    H  N N 272 
PRO HA   H  N N 273 
PRO HB2  H  N N 274 
PRO HB3  H  N N 275 
PRO HG2  H  N N 276 
PRO HG3  H  N N 277 
PRO HD2  H  N N 278 
PRO HD3  H  N N 279 
PRO HXT  H  N N 280 
SER N    N  N N 281 
SER CA   C  N S 282 
SER C    C  N N 283 
SER O    O  N N 284 
SER CB   C  N N 285 
SER OG   O  N N 286 
SER OXT  O  N N 287 
SER H    H  N N 288 
SER H2   H  N N 289 
SER HA   H  N N 290 
SER HB2  H  N N 291 
SER HB3  H  N N 292 
SER HG   H  N N 293 
SER HXT  H  N N 294 
THR N    N  N N 295 
THR CA   C  N S 296 
THR C    C  N N 297 
THR O    O  N N 298 
THR CB   C  N R 299 
THR OG1  O  N N 300 
THR CG2  C  N N 301 
THR OXT  O  N N 302 
THR H    H  N N 303 
THR H2   H  N N 304 
THR HA   H  N N 305 
THR HB   H  N N 306 
THR HG1  H  N N 307 
THR HG21 H  N N 308 
THR HG22 H  N N 309 
THR HG23 H  N N 310 
THR HXT  H  N N 311 
TRP N    N  N N 312 
TRP CA   C  N S 313 
TRP C    C  N N 314 
TRP O    O  N N 315 
TRP CB   C  N N 316 
TRP CG   C  Y N 317 
TRP CD1  C  Y N 318 
TRP CD2  C  Y N 319 
TRP NE1  N  Y N 320 
TRP CE2  C  Y N 321 
TRP CE3  C  Y N 322 
TRP CZ2  C  Y N 323 
TRP CZ3  C  Y N 324 
TRP CH2  C  Y N 325 
TRP OXT  O  N N 326 
TRP H    H  N N 327 
TRP H2   H  N N 328 
TRP HA   H  N N 329 
TRP HB2  H  N N 330 
TRP HB3  H  N N 331 
TRP HD1  H  N N 332 
TRP HE1  H  N N 333 
TRP HE3  H  N N 334 
TRP HZ2  H  N N 335 
TRP HZ3  H  N N 336 
TRP HH2  H  N N 337 
TRP HXT  H  N N 338 
TYR N    N  N N 339 
TYR CA   C  N S 340 
TYR C    C  N N 341 
TYR O    O  N N 342 
TYR CB   C  N N 343 
TYR CG   C  Y N 344 
TYR CD1  C  Y N 345 
TYR CD2  C  Y N 346 
TYR CE1  C  Y N 347 
TYR CE2  C  Y N 348 
TYR CZ   C  Y N 349 
TYR OH   O  N N 350 
TYR OXT  O  N N 351 
TYR H    H  N N 352 
TYR H2   H  N N 353 
TYR HA   H  N N 354 
TYR HB2  H  N N 355 
TYR HB3  H  N N 356 
TYR HD1  H  N N 357 
TYR HD2  H  N N 358 
TYR HE1  H  N N 359 
TYR HE2  H  N N 360 
TYR HH   H  N N 361 
TYR HXT  H  N N 362 
VAL N    N  N N 363 
VAL CA   C  N S 364 
VAL C    C  N N 365 
VAL O    O  N N 366 
VAL CB   C  N N 367 
VAL CG1  C  N N 368 
VAL CG2  C  N N 369 
VAL OXT  O  N N 370 
VAL H    H  N N 371 
VAL H2   H  N N 372 
VAL HA   H  N N 373 
VAL HB   H  N N 374 
VAL HG11 H  N N 375 
VAL HG12 H  N N 376 
VAL HG13 H  N N 377 
VAL HG21 H  N N 378 
VAL HG22 H  N N 379 
VAL HG23 H  N N 380 
VAL HXT  H  N N 381 
# 
loop_
_chem_comp_bond.comp_id 
_chem_comp_bond.atom_id_1 
_chem_comp_bond.atom_id_2 
_chem_comp_bond.value_order 
_chem_comp_bond.pdbx_aromatic_flag 
_chem_comp_bond.pdbx_stereo_config 
_chem_comp_bond.pdbx_ordinal 
ALA N   CA   sing N N 1   
ALA N   H    sing N N 2   
ALA N   H2   sing N N 3   
ALA CA  C    sing N N 4   
ALA CA  CB   sing N N 5   
ALA CA  HA   sing N N 6   
ALA C   O    doub N N 7   
ALA C   OXT  sing N N 8   
ALA CB  HB1  sing N N 9   
ALA CB  HB2  sing N N 10  
ALA CB  HB3  sing N N 11  
ALA OXT HXT  sing N N 12  
ARG N   CA   sing N N 13  
ARG N   H    sing N N 14  
ARG N   H2   sing N N 15  
ARG CA  C    sing N N 16  
ARG CA  CB   sing N N 17  
ARG CA  HA   sing N N 18  
ARG C   O    doub N N 19  
ARG C   OXT  sing N N 20  
ARG CB  CG   sing N N 21  
ARG CB  HB2  sing N N 22  
ARG CB  HB3  sing N N 23  
ARG CG  CD   sing N N 24  
ARG CG  HG2  sing N N 25  
ARG CG  HG3  sing N N 26  
ARG CD  NE   sing N N 27  
ARG CD  HD2  sing N N 28  
ARG CD  HD3  sing N N 29  
ARG NE  CZ   sing N N 30  
ARG NE  HE   sing N N 31  
ARG CZ  NH1  sing N N 32  
ARG CZ  NH2  doub N N 33  
ARG NH1 HH11 sing N N 34  
ARG NH1 HH12 sing N N 35  
ARG NH2 HH21 sing N N 36  
ARG NH2 HH22 sing N N 37  
ARG OXT HXT  sing N N 38  
ASN N   CA   sing N N 39  
ASN N   H    sing N N 40  
ASN N   H2   sing N N 41  
ASN CA  C    sing N N 42  
ASN CA  CB   sing N N 43  
ASN CA  HA   sing N N 44  
ASN C   O    doub N N 45  
ASN C   OXT  sing N N 46  
ASN CB  CG   sing N N 47  
ASN CB  HB2  sing N N 48  
ASN CB  HB3  sing N N 49  
ASN CG  OD1  doub N N 50  
ASN CG  ND2  sing N N 51  
ASN ND2 HD21 sing N N 52  
ASN ND2 HD22 sing N N 53  
ASN OXT HXT  sing N N 54  
ASP N   CA   sing N N 55  
ASP N   H    sing N N 56  
ASP N   H2   sing N N 57  
ASP CA  C    sing N N 58  
ASP CA  CB   sing N N 59  
ASP CA  HA   sing N N 60  
ASP C   O    doub N N 61  
ASP C   OXT  sing N N 62  
ASP CB  CG   sing N N 63  
ASP CB  HB2  sing N N 64  
ASP CB  HB3  sing N N 65  
ASP CG  OD1  doub N N 66  
ASP CG  OD2  sing N N 67  
ASP OD2 HD2  sing N N 68  
ASP OXT HXT  sing N N 69  
GLN N   CA   sing N N 70  
GLN N   H    sing N N 71  
GLN N   H2   sing N N 72  
GLN CA  C    sing N N 73  
GLN CA  CB   sing N N 74  
GLN CA  HA   sing N N 75  
GLN C   O    doub N N 76  
GLN C   OXT  sing N N 77  
GLN CB  CG   sing N N 78  
GLN CB  HB2  sing N N 79  
GLN CB  HB3  sing N N 80  
GLN CG  CD   sing N N 81  
GLN CG  HG2  sing N N 82  
GLN CG  HG3  sing N N 83  
GLN CD  OE1  doub N N 84  
GLN CD  NE2  sing N N 85  
GLN NE2 HE21 sing N N 86  
GLN NE2 HE22 sing N N 87  
GLN OXT HXT  sing N N 88  
GLU N   CA   sing N N 89  
GLU N   H    sing N N 90  
GLU N   H2   sing N N 91  
GLU CA  C    sing N N 92  
GLU CA  CB   sing N N 93  
GLU CA  HA   sing N N 94  
GLU C   O    doub N N 95  
GLU C   OXT  sing N N 96  
GLU CB  CG   sing N N 97  
GLU CB  HB2  sing N N 98  
GLU CB  HB3  sing N N 99  
GLU CG  CD   sing N N 100 
GLU CG  HG2  sing N N 101 
GLU CG  HG3  sing N N 102 
GLU CD  OE1  doub N N 103 
GLU CD  OE2  sing N N 104 
GLU OE2 HE2  sing N N 105 
GLU OXT HXT  sing N N 106 
GLY N   CA   sing N N 107 
GLY N   H    sing N N 108 
GLY N   H2   sing N N 109 
GLY CA  C    sing N N 110 
GLY CA  HA2  sing N N 111 
GLY CA  HA3  sing N N 112 
GLY C   O    doub N N 113 
GLY C   OXT  sing N N 114 
GLY OXT HXT  sing N N 115 
HIS N   CA   sing N N 116 
HIS N   H    sing N N 117 
HIS N   H2   sing N N 118 
HIS CA  C    sing N N 119 
HIS CA  CB   sing N N 120 
HIS CA  HA   sing N N 121 
HIS C   O    doub N N 122 
HIS C   OXT  sing N N 123 
HIS CB  CG   sing N N 124 
HIS CB  HB2  sing N N 125 
HIS CB  HB3  sing N N 126 
HIS CG  ND1  sing Y N 127 
HIS CG  CD2  doub Y N 128 
HIS ND1 CE1  doub Y N 129 
HIS ND1 HD1  sing N N 130 
HIS CD2 NE2  sing Y N 131 
HIS CD2 HD2  sing N N 132 
HIS CE1 NE2  sing Y N 133 
HIS CE1 HE1  sing N N 134 
HIS NE2 HE2  sing N N 135 
HIS OXT HXT  sing N N 136 
HOH O   H1   sing N N 137 
HOH O   H2   sing N N 138 
ILE N   CA   sing N N 139 
ILE N   H    sing N N 140 
ILE N   H2   sing N N 141 
ILE CA  C    sing N N 142 
ILE CA  CB   sing N N 143 
ILE CA  HA   sing N N 144 
ILE C   O    doub N N 145 
ILE C   OXT  sing N N 146 
ILE CB  CG1  sing N N 147 
ILE CB  CG2  sing N N 148 
ILE CB  HB   sing N N 149 
ILE CG1 CD1  sing N N 150 
ILE CG1 HG12 sing N N 151 
ILE CG1 HG13 sing N N 152 
ILE CG2 HG21 sing N N 153 
ILE CG2 HG22 sing N N 154 
ILE CG2 HG23 sing N N 155 
ILE CD1 HD11 sing N N 156 
ILE CD1 HD12 sing N N 157 
ILE CD1 HD13 sing N N 158 
ILE OXT HXT  sing N N 159 
LEU N   CA   sing N N 160 
LEU N   H    sing N N 161 
LEU N   H2   sing N N 162 
LEU CA  C    sing N N 163 
LEU CA  CB   sing N N 164 
LEU CA  HA   sing N N 165 
LEU C   O    doub N N 166 
LEU C   OXT  sing N N 167 
LEU CB  CG   sing N N 168 
LEU CB  HB2  sing N N 169 
LEU CB  HB3  sing N N 170 
LEU CG  CD1  sing N N 171 
LEU CG  CD2  sing N N 172 
LEU CG  HG   sing N N 173 
LEU CD1 HD11 sing N N 174 
LEU CD1 HD12 sing N N 175 
LEU CD1 HD13 sing N N 176 
LEU CD2 HD21 sing N N 177 
LEU CD2 HD22 sing N N 178 
LEU CD2 HD23 sing N N 179 
LEU OXT HXT  sing N N 180 
LYS N   CA   sing N N 181 
LYS N   H    sing N N 182 
LYS N   H2   sing N N 183 
LYS CA  C    sing N N 184 
LYS CA  CB   sing N N 185 
LYS CA  HA   sing N N 186 
LYS C   O    doub N N 187 
LYS C   OXT  sing N N 188 
LYS CB  CG   sing N N 189 
LYS CB  HB2  sing N N 190 
LYS CB  HB3  sing N N 191 
LYS CG  CD   sing N N 192 
LYS CG  HG2  sing N N 193 
LYS CG  HG3  sing N N 194 
LYS CD  CE   sing N N 195 
LYS CD  HD2  sing N N 196 
LYS CD  HD3  sing N N 197 
LYS CE  NZ   sing N N 198 
LYS CE  HE2  sing N N 199 
LYS CE  HE3  sing N N 200 
LYS NZ  HZ1  sing N N 201 
LYS NZ  HZ2  sing N N 202 
LYS NZ  HZ3  sing N N 203 
LYS OXT HXT  sing N N 204 
MAN C1  C2   sing N N 205 
MAN C1  O1   sing N N 206 
MAN C1  O5   sing N N 207 
MAN C1  H1   sing N N 208 
MAN C2  C3   sing N N 209 
MAN C2  O2   sing N N 210 
MAN C2  H2   sing N N 211 
MAN C3  C4   sing N N 212 
MAN C3  O3   sing N N 213 
MAN C3  H3   sing N N 214 
MAN C4  C5   sing N N 215 
MAN C4  O4   sing N N 216 
MAN C4  H4   sing N N 217 
MAN C5  C6   sing N N 218 
MAN C5  O5   sing N N 219 
MAN C5  H5   sing N N 220 
MAN C6  O6   sing N N 221 
MAN C6  H61  sing N N 222 
MAN C6  H62  sing N N 223 
MAN O1  HO1  sing N N 224 
MAN O2  HO2  sing N N 225 
MAN O3  HO3  sing N N 226 
MAN O4  HO4  sing N N 227 
MAN O6  HO6  sing N N 228 
PHE N   CA   sing N N 229 
PHE N   H    sing N N 230 
PHE N   H2   sing N N 231 
PHE CA  C    sing N N 232 
PHE CA  CB   sing N N 233 
PHE CA  HA   sing N N 234 
PHE C   O    doub N N 235 
PHE C   OXT  sing N N 236 
PHE CB  CG   sing N N 237 
PHE CB  HB2  sing N N 238 
PHE CB  HB3  sing N N 239 
PHE CG  CD1  doub Y N 240 
PHE CG  CD2  sing Y N 241 
PHE CD1 CE1  sing Y N 242 
PHE CD1 HD1  sing N N 243 
PHE CD2 CE2  doub Y N 244 
PHE CD2 HD2  sing N N 245 
PHE CE1 CZ   doub Y N 246 
PHE CE1 HE1  sing N N 247 
PHE CE2 CZ   sing Y N 248 
PHE CE2 HE2  sing N N 249 
PHE CZ  HZ   sing N N 250 
PHE OXT HXT  sing N N 251 
PRO N   CA   sing N N 252 
PRO N   CD   sing N N 253 
PRO N   H    sing N N 254 
PRO CA  C    sing N N 255 
PRO CA  CB   sing N N 256 
PRO CA  HA   sing N N 257 
PRO C   O    doub N N 258 
PRO C   OXT  sing N N 259 
PRO CB  CG   sing N N 260 
PRO CB  HB2  sing N N 261 
PRO CB  HB3  sing N N 262 
PRO CG  CD   sing N N 263 
PRO CG  HG2  sing N N 264 
PRO CG  HG3  sing N N 265 
PRO CD  HD2  sing N N 266 
PRO CD  HD3  sing N N 267 
PRO OXT HXT  sing N N 268 
SER N   CA   sing N N 269 
SER N   H    sing N N 270 
SER N   H2   sing N N 271 
SER CA  C    sing N N 272 
SER CA  CB   sing N N 273 
SER CA  HA   sing N N 274 
SER C   O    doub N N 275 
SER C   OXT  sing N N 276 
SER CB  OG   sing N N 277 
SER CB  HB2  sing N N 278 
SER CB  HB3  sing N N 279 
SER OG  HG   sing N N 280 
SER OXT HXT  sing N N 281 
THR N   CA   sing N N 282 
THR N   H    sing N N 283 
THR N   H2   sing N N 284 
THR CA  C    sing N N 285 
THR CA  CB   sing N N 286 
THR CA  HA   sing N N 287 
THR C   O    doub N N 288 
THR C   OXT  sing N N 289 
THR CB  OG1  sing N N 290 
THR CB  CG2  sing N N 291 
THR CB  HB   sing N N 292 
THR OG1 HG1  sing N N 293 
THR CG2 HG21 sing N N 294 
THR CG2 HG22 sing N N 295 
THR CG2 HG23 sing N N 296 
THR OXT HXT  sing N N 297 
TRP N   CA   sing N N 298 
TRP N   H    sing N N 299 
TRP N   H2   sing N N 300 
TRP CA  C    sing N N 301 
TRP CA  CB   sing N N 302 
TRP CA  HA   sing N N 303 
TRP C   O    doub N N 304 
TRP C   OXT  sing N N 305 
TRP CB  CG   sing N N 306 
TRP CB  HB2  sing N N 307 
TRP CB  HB3  sing N N 308 
TRP CG  CD1  doub Y N 309 
TRP CG  CD2  sing Y N 310 
TRP CD1 NE1  sing Y N 311 
TRP CD1 HD1  sing N N 312 
TRP CD2 CE2  doub Y N 313 
TRP CD2 CE3  sing Y N 314 
TRP NE1 CE2  sing Y N 315 
TRP NE1 HE1  sing N N 316 
TRP CE2 CZ2  sing Y N 317 
TRP CE3 CZ3  doub Y N 318 
TRP CE3 HE3  sing N N 319 
TRP CZ2 CH2  doub Y N 320 
TRP CZ2 HZ2  sing N N 321 
TRP CZ3 CH2  sing Y N 322 
TRP CZ3 HZ3  sing N N 323 
TRP CH2 HH2  sing N N 324 
TRP OXT HXT  sing N N 325 
TYR N   CA   sing N N 326 
TYR N   H    sing N N 327 
TYR N   H2   sing N N 328 
TYR CA  C    sing N N 329 
TYR CA  CB   sing N N 330 
TYR CA  HA   sing N N 331 
TYR C   O    doub N N 332 
TYR C   OXT  sing N N 333 
TYR CB  CG   sing N N 334 
TYR CB  HB2  sing N N 335 
TYR CB  HB3  sing N N 336 
TYR CG  CD1  doub Y N 337 
TYR CG  CD2  sing Y N 338 
TYR CD1 CE1  sing Y N 339 
TYR CD1 HD1  sing N N 340 
TYR CD2 CE2  doub Y N 341 
TYR CD2 HD2  sing N N 342 
TYR CE1 CZ   doub Y N 343 
TYR CE1 HE1  sing N N 344 
TYR CE2 CZ   sing Y N 345 
TYR CE2 HE2  sing N N 346 
TYR CZ  OH   sing N N 347 
TYR OH  HH   sing N N 348 
TYR OXT HXT  sing N N 349 
VAL N   CA   sing N N 350 
VAL N   H    sing N N 351 
VAL N   H2   sing N N 352 
VAL CA  C    sing N N 353 
VAL CA  CB   sing N N 354 
VAL CA  HA   sing N N 355 
VAL C   O    doub N N 356 
VAL C   OXT  sing N N 357 
VAL CB  CG1  sing N N 358 
VAL CB  CG2  sing N N 359 
VAL CB  HB   sing N N 360 
VAL CG1 HG11 sing N N 361 
VAL CG1 HG12 sing N N 362 
VAL CG1 HG13 sing N N 363 
VAL CG2 HG21 sing N N 364 
VAL CG2 HG22 sing N N 365 
VAL CG2 HG23 sing N N 366 
VAL OXT HXT  sing N N 367 
# 
loop_
_pdbx_chem_comp_identifier.comp_id 
_pdbx_chem_comp_identifier.type 
_pdbx_chem_comp_identifier.program 
_pdbx_chem_comp_identifier.program_version 
_pdbx_chem_comp_identifier.identifier 
MAN 'CONDENSED IUPAC CARBOHYDRATE SYMBOL' GMML     1.0 DManpa            
MAN 'COMMON NAME'                         GMML     1.0 a-D-mannopyranose 
MAN 'IUPAC CARBOHYDRATE SYMBOL'           PDB-CARE 1.0 a-D-Manp          
MAN 'SNFG CARBOHYDRATE SYMBOL'            GMML     1.0 Man               
# 
loop_
_pdbx_entity_nonpoly.entity_id 
_pdbx_entity_nonpoly.name 
_pdbx_entity_nonpoly.comp_id 
2 SERINE                SER 
3 alpha-D-mannopyranose MAN 
4 'CHLORIDE ION'        CL  
5 water                 HOH 
# 
_pdbx_initial_refinement_model.id               1 
_pdbx_initial_refinement_model.entity_id_list   ? 
_pdbx_initial_refinement_model.type             'experimental model' 
_pdbx_initial_refinement_model.source_name      PDB 
_pdbx_initial_refinement_model.accession_code   3APA 
_pdbx_initial_refinement_model.details          ? 
# 
